data_7HNZ
# 
_entry.id   7HNZ 
# 
_audit_conform.dict_name       mmcif_pdbx.dic 
_audit_conform.dict_version    5.399 
_audit_conform.dict_location   http://mmcif.pdb.org/dictionaries/ascii/mmcif_pdbx.dic 
# 
loop_
_database_2.database_id 
_database_2.database_code 
_database_2.pdbx_database_accession 
_database_2.pdbx_DOI 
PDB   7HNZ         pdb_00007hnz 10.2210/pdb7hnz/pdb 
WWPDB D_1001407713 ?            ?                   
# 
_pdbx_audit_revision_history.ordinal             1 
_pdbx_audit_revision_history.data_content_type   'Structure model' 
_pdbx_audit_revision_history.major_revision      1 
_pdbx_audit_revision_history.minor_revision      0 
_pdbx_audit_revision_history.revision_date       2024-11-27 
# 
_pdbx_audit_revision_details.ordinal             1 
_pdbx_audit_revision_details.revision_ordinal    1 
_pdbx_audit_revision_details.data_content_type   'Structure model' 
_pdbx_audit_revision_details.provider            repository 
_pdbx_audit_revision_details.type                'Initial release' 
_pdbx_audit_revision_details.description         ? 
_pdbx_audit_revision_details.details             ? 
# 
_pdbx_database_status.entry_id                        7HNZ 
_pdbx_database_status.status_code                     REL 
_pdbx_database_status.status_code_sf                  REL 
_pdbx_database_status.status_code_mr                  ? 
_pdbx_database_status.status_code_cs                  ? 
_pdbx_database_status.recvd_initial_deposition_date   2024-11-04 
_pdbx_database_status.status_code_nmr_data            ? 
_pdbx_database_status.deposit_site                    RCSB 
_pdbx_database_status.process_site                    RCSB 
_pdbx_database_status.SG_entry                        ? 
_pdbx_database_status.pdb_format_compatible           Y 
_pdbx_database_status.methods_development_category    ? 
# 
_pdbx_contact_author.id                 1 
_pdbx_contact_author.email              knapp@pharmchem.uni-frankfurt.de 
_pdbx_contact_author.name_first         Stefan 
_pdbx_contact_author.name_last          Knapp 
_pdbx_contact_author.role               'principal investigator/group leader' 
_pdbx_contact_author.identifier_ORCID   0000-0001-5995-6494 
_pdbx_contact_author.name_mi            ? 
# 
loop_
_audit_author.name 
_audit_author.pdbx_ordinal 
'Kim, Y.'                              1 
'Marples, P.'                          2 
'Fearon, D.'                           3 
'von Delft, F.'                        4 
'Knapp, S.'                            5 
'Kraemer, A.'                          6 
'Structural Genomics Consortium (SGC)' 7 
# 
_citation.id                        primary 
_citation.title                     'PanDDA analysis group deposition' 
_citation.journal_abbrev            'To Be Published' 
_citation.journal_volume            ? 
_citation.page_first                ? 
_citation.page_last                 ? 
_citation.year                      ? 
_citation.journal_id_ASTM           ? 
_citation.country                   ? 
_citation.journal_id_ISSN           ? 
_citation.journal_id_CSD            0353 
_citation.book_publisher            ? 
_citation.pdbx_database_id_PubMed   ? 
_citation.pdbx_database_id_DOI      ? 
# 
loop_
_citation_author.citation_id 
_citation_author.name 
_citation_author.identifier_ORCID 
_citation_author.ordinal 
primary 'Kim, Y.'                              ? 1 
primary 'Marples, P.'                          ? 2 
primary 'Fearon, D.'                           ? 3 
primary 'von Delft, F.'                        ? 4 
primary 'Knapp, S.'                            ? 5 
primary 'Kraemer, A.'                          ? 6 
primary 'Structural Genomics Consortium (SGC)' ? 7 
# 
loop_
_entity.id 
_entity.type 
_entity.src_method 
_entity.pdbx_description 
_entity.formula_weight 
_entity.pdbx_number_of_molecules 
_entity.pdbx_ec 
_entity.pdbx_mutation 
_entity.pdbx_fragment 
_entity.details 
1 polymer     man 'E3 ubiquitin-protein ligase TRIM21' 21596.361 1   2.3.2.27 ? ? ? 
2 non-polymer syn 1,2-ETHANEDIOL                       62.068    2   ?        ? ? ? 
3 non-polymer syn N,N-dimethylpyridin-4-amine          122.168   1   ?        ? ? ? 
4 non-polymer syn 'SULFATE ION'                        96.063    1   ?        ? ? ? 
5 water       nat water                                18.015    146 ?        ? ? ? 
# 
_entity_name_com.entity_id   1 
_entity_name_com.name        
;52 kDa Ro protein,52 kDa ribonucleoprotein autoantigen Ro/SS-A,Ro(SS-A),Sjoegren syndrome type A antigen,SS-A,Tripartite motif-containing protein 21
;
# 
_entity_poly.entity_id                      1 
_entity_poly.type                           'polypeptide(L)' 
_entity_poly.nstd_linkage                   no 
_entity_poly.nstd_monomer                   no 
_entity_poly.pdbx_seq_one_letter_code       
;MHHHHHHMVHITLDRNTANSWLIISKDRRQVRMGDTHQNVSDNKERFSNYPMVLGAQRFSSGKMYWEVDVTQKEAWDLGV
CRDSVQRKGQFSLSPENGFWTIWLWQDSYEAGTSPQTTLHIQVPPCQIGIFVDYEAGVVSFYNITDHGSLIYTFSECVFA
GPLRPFFNVGFNYSGGNAAPLKLCPLKM
;
_entity_poly.pdbx_seq_one_letter_code_can   
;MHHHHHHMVHITLDRNTANSWLIISKDRRQVRMGDTHQNVSDNKERFSNYPMVLGAQRFSSGKMYWEVDVTQKEAWDLGV
CRDSVQRKGQFSLSPENGFWTIWLWQDSYEAGTSPQTTLHIQVPPCQIGIFVDYEAGVVSFYNITDHGSLIYTFSECVFA
GPLRPFFNVGFNYSGGNAAPLKLCPLKM
;
_entity_poly.pdbx_strand_id                 B 
_entity_poly.pdbx_target_identifier         ? 
# 
loop_
_pdbx_entity_nonpoly.entity_id 
_pdbx_entity_nonpoly.name 
_pdbx_entity_nonpoly.comp_id 
2 1,2-ETHANEDIOL              EDO 
3 N,N-dimethylpyridin-4-amine JGD 
4 'SULFATE ION'               SO4 
5 water                       HOH 
# 
loop_
_entity_poly_seq.entity_id 
_entity_poly_seq.num 
_entity_poly_seq.mon_id 
_entity_poly_seq.hetero 
1 1   MET n 
1 2   HIS n 
1 3   HIS n 
1 4   HIS n 
1 5   HIS n 
1 6   HIS n 
1 7   HIS n 
1 8   MET n 
1 9   VAL n 
1 10  HIS n 
1 11  ILE n 
1 12  THR n 
1 13  LEU n 
1 14  ASP n 
1 15  ARG n 
1 16  ASN n 
1 17  THR n 
1 18  ALA n 
1 19  ASN n 
1 20  SER n 
1 21  TRP n 
1 22  LEU n 
1 23  ILE n 
1 24  ILE n 
1 25  SER n 
1 26  LYS n 
1 27  ASP n 
1 28  ARG n 
1 29  ARG n 
1 30  GLN n 
1 31  VAL n 
1 32  ARG n 
1 33  MET n 
1 34  GLY n 
1 35  ASP n 
1 36  THR n 
1 37  HIS n 
1 38  GLN n 
1 39  ASN n 
1 40  VAL n 
1 41  SER n 
1 42  ASP n 
1 43  ASN n 
1 44  LYS n 
1 45  GLU n 
1 46  ARG n 
1 47  PHE n 
1 48  SER n 
1 49  ASN n 
1 50  TYR n 
1 51  PRO n 
1 52  MET n 
1 53  VAL n 
1 54  LEU n 
1 55  GLY n 
1 56  ALA n 
1 57  GLN n 
1 58  ARG n 
1 59  PHE n 
1 60  SER n 
1 61  SER n 
1 62  GLY n 
1 63  LYS n 
1 64  MET n 
1 65  TYR n 
1 66  TRP n 
1 67  GLU n 
1 68  VAL n 
1 69  ASP n 
1 70  VAL n 
1 71  THR n 
1 72  GLN n 
1 73  LYS n 
1 74  GLU n 
1 75  ALA n 
1 76  TRP n 
1 77  ASP n 
1 78  LEU n 
1 79  GLY n 
1 80  VAL n 
1 81  CYS n 
1 82  ARG n 
1 83  ASP n 
1 84  SER n 
1 85  VAL n 
1 86  GLN n 
1 87  ARG n 
1 88  LYS n 
1 89  GLY n 
1 90  GLN n 
1 91  PHE n 
1 92  SER n 
1 93  LEU n 
1 94  SER n 
1 95  PRO n 
1 96  GLU n 
1 97  ASN n 
1 98  GLY n 
1 99  PHE n 
1 100 TRP n 
1 101 THR n 
1 102 ILE n 
1 103 TRP n 
1 104 LEU n 
1 105 TRP n 
1 106 GLN n 
1 107 ASP n 
1 108 SER n 
1 109 TYR n 
1 110 GLU n 
1 111 ALA n 
1 112 GLY n 
1 113 THR n 
1 114 SER n 
1 115 PRO n 
1 116 GLN n 
1 117 THR n 
1 118 THR n 
1 119 LEU n 
1 120 HIS n 
1 121 ILE n 
1 122 GLN n 
1 123 VAL n 
1 124 PRO n 
1 125 PRO n 
1 126 CYS n 
1 127 GLN n 
1 128 ILE n 
1 129 GLY n 
1 130 ILE n 
1 131 PHE n 
1 132 VAL n 
1 133 ASP n 
1 134 TYR n 
1 135 GLU n 
1 136 ALA n 
1 137 GLY n 
1 138 VAL n 
1 139 VAL n 
1 140 SER n 
1 141 PHE n 
1 142 TYR n 
1 143 ASN n 
1 144 ILE n 
1 145 THR n 
1 146 ASP n 
1 147 HIS n 
1 148 GLY n 
1 149 SER n 
1 150 LEU n 
1 151 ILE n 
1 152 TYR n 
1 153 THR n 
1 154 PHE n 
1 155 SER n 
1 156 GLU n 
1 157 CYS n 
1 158 VAL n 
1 159 PHE n 
1 160 ALA n 
1 161 GLY n 
1 162 PRO n 
1 163 LEU n 
1 164 ARG n 
1 165 PRO n 
1 166 PHE n 
1 167 PHE n 
1 168 ASN n 
1 169 VAL n 
1 170 GLY n 
1 171 PHE n 
1 172 ASN n 
1 173 TYR n 
1 174 SER n 
1 175 GLY n 
1 176 GLY n 
1 177 ASN n 
1 178 ALA n 
1 179 ALA n 
1 180 PRO n 
1 181 LEU n 
1 182 LYS n 
1 183 LEU n 
1 184 CYS n 
1 185 PRO n 
1 186 LEU n 
1 187 LYS n 
1 188 MET n 
# 
_entity_src_gen.entity_id                          1 
_entity_src_gen.pdbx_src_id                        1 
_entity_src_gen.pdbx_alt_source_flag               sample 
_entity_src_gen.pdbx_seq_type                      'Biological sequence' 
_entity_src_gen.pdbx_beg_seq_num                   1 
_entity_src_gen.pdbx_end_seq_num                   188 
_entity_src_gen.gene_src_common_name               'house mouse' 
_entity_src_gen.gene_src_genus                     ? 
_entity_src_gen.pdbx_gene_src_gene                 'Trim21, Ro52, Ssa1' 
_entity_src_gen.gene_src_species                   ? 
_entity_src_gen.gene_src_strain                    ? 
_entity_src_gen.gene_src_tissue                    ? 
_entity_src_gen.gene_src_tissue_fraction           ? 
_entity_src_gen.gene_src_details                   ? 
_entity_src_gen.pdbx_gene_src_fragment             ? 
_entity_src_gen.pdbx_gene_src_scientific_name      'Mus musculus' 
_entity_src_gen.pdbx_gene_src_ncbi_taxonomy_id     10090 
_entity_src_gen.pdbx_gene_src_variant              ? 
_entity_src_gen.pdbx_gene_src_cell_line            ? 
_entity_src_gen.pdbx_gene_src_atcc                 ? 
_entity_src_gen.pdbx_gene_src_organ                ? 
_entity_src_gen.pdbx_gene_src_organelle            ? 
_entity_src_gen.pdbx_gene_src_cell                 ? 
_entity_src_gen.pdbx_gene_src_cellular_location    ? 
_entity_src_gen.host_org_common_name               ? 
_entity_src_gen.pdbx_host_org_scientific_name      'Escherichia coli' 
_entity_src_gen.pdbx_host_org_ncbi_taxonomy_id     562 
_entity_src_gen.host_org_genus                     ? 
_entity_src_gen.pdbx_host_org_gene                 ? 
_entity_src_gen.pdbx_host_org_organ                ? 
_entity_src_gen.host_org_species                   ? 
_entity_src_gen.pdbx_host_org_tissue               ? 
_entity_src_gen.pdbx_host_org_tissue_fraction      ? 
_entity_src_gen.pdbx_host_org_strain               ? 
_entity_src_gen.pdbx_host_org_variant              ? 
_entity_src_gen.pdbx_host_org_cell_line            ? 
_entity_src_gen.pdbx_host_org_atcc                 ? 
_entity_src_gen.pdbx_host_org_culture_collection   ? 
_entity_src_gen.pdbx_host_org_cell                 ? 
_entity_src_gen.pdbx_host_org_organelle            ? 
_entity_src_gen.pdbx_host_org_cellular_location    ? 
_entity_src_gen.pdbx_host_org_vector_type          ? 
_entity_src_gen.pdbx_host_org_vector               ? 
_entity_src_gen.host_org_details                   ? 
_entity_src_gen.expression_system_id               ? 
_entity_src_gen.plasmid_name                       ? 
_entity_src_gen.plasmid_details                    ? 
_entity_src_gen.pdbx_description                   ? 
# 
loop_
_chem_comp.id 
_chem_comp.type 
_chem_comp.mon_nstd_flag 
_chem_comp.name 
_chem_comp.pdbx_synonyms 
_chem_comp.formula 
_chem_comp.formula_weight 
ALA 'L-peptide linking' y ALANINE                     ?                 'C3 H7 N O2'     89.093  
ARG 'L-peptide linking' y ARGININE                    ?                 'C6 H15 N4 O2 1' 175.209 
ASN 'L-peptide linking' y ASPARAGINE                  ?                 'C4 H8 N2 O3'    132.118 
ASP 'L-peptide linking' y 'ASPARTIC ACID'             ?                 'C4 H7 N O4'     133.103 
CYS 'L-peptide linking' y CYSTEINE                    ?                 'C3 H7 N O2 S'   121.158 
EDO non-polymer         . 1,2-ETHANEDIOL              'ETHYLENE GLYCOL' 'C2 H6 O2'       62.068  
GLN 'L-peptide linking' y GLUTAMINE                   ?                 'C5 H10 N2 O3'   146.144 
GLU 'L-peptide linking' y 'GLUTAMIC ACID'             ?                 'C5 H9 N O4'     147.129 
GLY 'peptide linking'   y GLYCINE                     ?                 'C2 H5 N O2'     75.067  
HIS 'L-peptide linking' y HISTIDINE                   ?                 'C6 H10 N3 O2 1' 156.162 
HOH non-polymer         . WATER                       ?                 'H2 O'           18.015  
ILE 'L-peptide linking' y ISOLEUCINE                  ?                 'C6 H13 N O2'    131.173 
JGD non-polymer         . N,N-dimethylpyridin-4-amine ?                 'C7 H10 N2'      122.168 
LEU 'L-peptide linking' y LEUCINE                     ?                 'C6 H13 N O2'    131.173 
LYS 'L-peptide linking' y LYSINE                      ?                 'C6 H15 N2 O2 1' 147.195 
MET 'L-peptide linking' y METHIONINE                  ?                 'C5 H11 N O2 S'  149.211 
PHE 'L-peptide linking' y PHENYLALANINE               ?                 'C9 H11 N O2'    165.189 
PRO 'L-peptide linking' y PROLINE                     ?                 'C5 H9 N O2'     115.130 
SER 'L-peptide linking' y SERINE                      ?                 'C3 H7 N O3'     105.093 
SO4 non-polymer         . 'SULFATE ION'               ?                 'O4 S -2'        96.063  
THR 'L-peptide linking' y THREONINE                   ?                 'C4 H9 N O3'     119.119 
TRP 'L-peptide linking' y TRYPTOPHAN                  ?                 'C11 H12 N2 O2'  204.225 
TYR 'L-peptide linking' y TYROSINE                    ?                 'C9 H11 N O3'    181.189 
VAL 'L-peptide linking' y VALINE                      ?                 'C5 H11 N O2'    117.146 
# 
loop_
_pdbx_poly_seq_scheme.asym_id 
_pdbx_poly_seq_scheme.entity_id 
_pdbx_poly_seq_scheme.seq_id 
_pdbx_poly_seq_scheme.mon_id 
_pdbx_poly_seq_scheme.ndb_seq_num 
_pdbx_poly_seq_scheme.pdb_seq_num 
_pdbx_poly_seq_scheme.auth_seq_num 
_pdbx_poly_seq_scheme.pdb_mon_id 
_pdbx_poly_seq_scheme.auth_mon_id 
_pdbx_poly_seq_scheme.pdb_strand_id 
_pdbx_poly_seq_scheme.pdb_ins_code 
_pdbx_poly_seq_scheme.hetero 
A 1 1   MET 1   7   ?   ?   ?   B . n 
A 1 2   HIS 2   8   8   HIS HIS B . n 
A 1 3   HIS 3   9   9   HIS HIS B . n 
A 1 4   HIS 4   10  10  HIS HIS B . n 
A 1 5   HIS 5   11  11  HIS HIS B . n 
A 1 6   HIS 6   12  12  HIS HIS B . n 
A 1 7   HIS 7   13  13  HIS HIS B . n 
A 1 8   MET 8   14  14  MET MET B . n 
A 1 9   VAL 9   15  15  VAL VAL B . n 
A 1 10  HIS 10  16  16  HIS HIS B . n 
A 1 11  ILE 11  17  17  ILE ILE B . n 
A 1 12  THR 12  18  18  THR THR B . n 
A 1 13  LEU 13  19  19  LEU LEU B . n 
A 1 14  ASP 14  20  20  ASP ASP B . n 
A 1 15  ARG 15  21  21  ARG ARG B . n 
A 1 16  ASN 16  22  22  ASN ASN B . n 
A 1 17  THR 17  23  23  THR THR B . n 
A 1 18  ALA 18  24  24  ALA ALA B . n 
A 1 19  ASN 19  25  25  ASN ASN B . n 
A 1 20  SER 20  26  26  SER SER B . n 
A 1 21  TRP 21  27  27  TRP TRP B . n 
A 1 22  LEU 22  28  28  LEU LEU B . n 
A 1 23  ILE 23  29  29  ILE ILE B . n 
A 1 24  ILE 24  30  30  ILE ILE B . n 
A 1 25  SER 25  31  31  SER SER B . n 
A 1 26  LYS 26  32  32  LYS LYS B . n 
A 1 27  ASP 27  33  33  ASP ASP B . n 
A 1 28  ARG 28  34  34  ARG ARG B . n 
A 1 29  ARG 29  35  35  ARG ARG B . n 
A 1 30  GLN 30  36  36  GLN GLN B . n 
A 1 31  VAL 31  37  37  VAL VAL B . n 
A 1 32  ARG 32  38  38  ARG ARG B . n 
A 1 33  MET 33  39  39  MET MET B . n 
A 1 34  GLY 34  40  40  GLY GLY B . n 
A 1 35  ASP 35  41  41  ASP ASP B . n 
A 1 36  THR 36  42  42  THR THR B . n 
A 1 37  HIS 37  43  43  HIS HIS B . n 
A 1 38  GLN 38  44  44  GLN GLN B . n 
A 1 39  ASN 39  45  45  ASN ASN B . n 
A 1 40  VAL 40  46  46  VAL VAL B . n 
A 1 41  SER 41  47  47  SER SER B . n 
A 1 42  ASP 42  48  48  ASP ASP B . n 
A 1 43  ASN 43  49  49  ASN ASN B . n 
A 1 44  LYS 44  50  50  LYS LYS B . n 
A 1 45  GLU 45  51  51  GLU GLU B . n 
A 1 46  ARG 46  52  52  ARG ARG B . n 
A 1 47  PHE 47  53  53  PHE PHE B . n 
A 1 48  SER 48  54  54  SER SER B . n 
A 1 49  ASN 49  55  55  ASN ASN B . n 
A 1 50  TYR 50  56  56  TYR TYR B . n 
A 1 51  PRO 51  57  57  PRO PRO B . n 
A 1 52  MET 52  58  58  MET MET B . n 
A 1 53  VAL 53  59  59  VAL VAL B . n 
A 1 54  LEU 54  60  60  LEU LEU B . n 
A 1 55  GLY 55  61  61  GLY GLY B . n 
A 1 56  ALA 56  62  62  ALA ALA B . n 
A 1 57  GLN 57  63  63  GLN GLN B . n 
A 1 58  ARG 58  64  64  ARG ARG B . n 
A 1 59  PHE 59  65  65  PHE PHE B . n 
A 1 60  SER 60  66  66  SER SER B . n 
A 1 61  SER 61  67  67  SER SER B . n 
A 1 62  GLY 62  68  68  GLY GLY B . n 
A 1 63  LYS 63  69  69  LYS LYS B . n 
A 1 64  MET 64  70  70  MET MET B . n 
A 1 65  TYR 65  71  71  TYR TYR B . n 
A 1 66  TRP 66  72  72  TRP TRP B . n 
A 1 67  GLU 67  73  73  GLU GLU B . n 
A 1 68  VAL 68  74  74  VAL VAL B . n 
A 1 69  ASP 69  75  75  ASP ASP B . n 
A 1 70  VAL 70  76  76  VAL VAL B . n 
A 1 71  THR 71  77  77  THR THR B . n 
A 1 72  GLN 72  78  78  GLN GLN B . n 
A 1 73  LYS 73  79  79  LYS LYS B . n 
A 1 74  GLU 74  80  80  GLU GLU B . n 
A 1 75  ALA 75  81  81  ALA ALA B . n 
A 1 76  TRP 76  82  82  TRP TRP B . n 
A 1 77  ASP 77  83  83  ASP ASP B . n 
A 1 78  LEU 78  84  84  LEU LEU B . n 
A 1 79  GLY 79  85  85  GLY GLY B . n 
A 1 80  VAL 80  86  86  VAL VAL B . n 
A 1 81  CYS 81  87  87  CYS CYS B . n 
A 1 82  ARG 82  88  88  ARG ARG B . n 
A 1 83  ASP 83  89  89  ASP ASP B . n 
A 1 84  SER 84  90  90  SER SER B . n 
A 1 85  VAL 85  91  91  VAL VAL B . n 
A 1 86  GLN 86  92  92  GLN GLN B . n 
A 1 87  ARG 87  93  93  ARG ARG B . n 
A 1 88  LYS 88  94  94  LYS LYS B . n 
A 1 89  GLY 89  95  95  GLY GLY B . n 
A 1 90  GLN 90  96  96  GLN GLN B . n 
A 1 91  PHE 91  97  97  PHE PHE B . n 
A 1 92  SER 92  98  98  SER SER B . n 
A 1 93  LEU 93  99  99  LEU LEU B . n 
A 1 94  SER 94  100 100 SER SER B . n 
A 1 95  PRO 95  101 101 PRO PRO B . n 
A 1 96  GLU 96  102 102 GLU GLU B . n 
A 1 97  ASN 97  103 103 ASN ASN B . n 
A 1 98  GLY 98  104 104 GLY GLY B . n 
A 1 99  PHE 99  105 105 PHE PHE B . n 
A 1 100 TRP 100 106 106 TRP TRP B . n 
A 1 101 THR 101 107 107 THR THR B . n 
A 1 102 ILE 102 108 108 ILE ILE B . n 
A 1 103 TRP 103 109 109 TRP TRP B . n 
A 1 104 LEU 104 110 110 LEU LEU B . n 
A 1 105 TRP 105 111 111 TRP TRP B . n 
A 1 106 GLN 106 112 112 GLN GLN B . n 
A 1 107 ASP 107 113 113 ASP ASP B . n 
A 1 108 SER 108 114 114 SER SER B . n 
A 1 109 TYR 109 115 115 TYR TYR B . n 
A 1 110 GLU 110 116 116 GLU GLU B . n 
A 1 111 ALA 111 117 117 ALA ALA B . n 
A 1 112 GLY 112 118 118 GLY GLY B . n 
A 1 113 THR 113 119 119 THR THR B . n 
A 1 114 SER 114 120 120 SER SER B . n 
A 1 115 PRO 115 121 121 PRO PRO B . n 
A 1 116 GLN 116 122 122 GLN GLN B . n 
A 1 117 THR 117 123 123 THR THR B . n 
A 1 118 THR 118 124 124 THR THR B . n 
A 1 119 LEU 119 125 125 LEU LEU B . n 
A 1 120 HIS 120 126 126 HIS HIS B . n 
A 1 121 ILE 121 127 127 ILE ILE B . n 
A 1 122 GLN 122 128 128 GLN GLN B . n 
A 1 123 VAL 123 129 129 VAL VAL B . n 
A 1 124 PRO 124 130 130 PRO PRO B . n 
A 1 125 PRO 125 131 131 PRO PRO B . n 
A 1 126 CYS 126 132 132 CYS CYS B . n 
A 1 127 GLN 127 133 133 GLN GLN B . n 
A 1 128 ILE 128 134 134 ILE ILE B . n 
A 1 129 GLY 129 135 135 GLY GLY B . n 
A 1 130 ILE 130 136 136 ILE ILE B . n 
A 1 131 PHE 131 137 137 PHE PHE B . n 
A 1 132 VAL 132 138 138 VAL VAL B . n 
A 1 133 ASP 133 139 139 ASP ASP B . n 
A 1 134 TYR 134 140 140 TYR TYR B . n 
A 1 135 GLU 135 141 141 GLU GLU B . n 
A 1 136 ALA 136 142 142 ALA ALA B . n 
A 1 137 GLY 137 143 143 GLY GLY B . n 
A 1 138 VAL 138 144 144 VAL VAL B . n 
A 1 139 VAL 139 145 145 VAL VAL B . n 
A 1 140 SER 140 146 146 SER SER B . n 
A 1 141 PHE 141 147 147 PHE PHE B . n 
A 1 142 TYR 142 148 148 TYR TYR B . n 
A 1 143 ASN 143 149 149 ASN ASN B . n 
A 1 144 ILE 144 150 150 ILE ILE B . n 
A 1 145 THR 145 151 151 THR THR B . n 
A 1 146 ASP 146 152 152 ASP ASP B . n 
A 1 147 HIS 147 153 153 HIS HIS B . n 
A 1 148 GLY 148 154 154 GLY GLY B . n 
A 1 149 SER 149 155 155 SER SER B . n 
A 1 150 LEU 150 156 156 LEU LEU B . n 
A 1 151 ILE 151 157 157 ILE ILE B . n 
A 1 152 TYR 152 158 158 TYR TYR B . n 
A 1 153 THR 153 159 159 THR THR B . n 
A 1 154 PHE 154 160 160 PHE PHE B . n 
A 1 155 SER 155 161 161 SER SER B . n 
A 1 156 GLU 156 162 162 GLU GLU B . n 
A 1 157 CYS 157 163 163 CYS CYS B . n 
A 1 158 VAL 158 164 164 VAL VAL B . n 
A 1 159 PHE 159 165 165 PHE PHE B . n 
A 1 160 ALA 160 166 166 ALA ALA B . n 
A 1 161 GLY 161 167 167 GLY GLY B . n 
A 1 162 PRO 162 168 168 PRO PRO B . n 
A 1 163 LEU 163 169 169 LEU LEU B . n 
A 1 164 ARG 164 170 170 ARG ARG B . n 
A 1 165 PRO 165 171 171 PRO PRO B . n 
A 1 166 PHE 166 172 172 PHE PHE B . n 
A 1 167 PHE 167 173 173 PHE PHE B . n 
A 1 168 ASN 168 174 174 ASN ASN B . n 
A 1 169 VAL 169 175 175 VAL VAL B . n 
A 1 170 GLY 170 176 176 GLY GLY B . n 
A 1 171 PHE 171 177 177 PHE PHE B . n 
A 1 172 ASN 172 178 178 ASN ASN B . n 
A 1 173 TYR 173 179 179 TYR TYR B . n 
A 1 174 SER 174 180 180 SER SER B . n 
A 1 175 GLY 175 181 181 GLY GLY B . n 
A 1 176 GLY 176 182 182 GLY GLY B . n 
A 1 177 ASN 177 183 183 ASN ASN B . n 
A 1 178 ALA 178 184 184 ALA ALA B . n 
A 1 179 ALA 179 185 185 ALA ALA B . n 
A 1 180 PRO 180 186 186 PRO PRO B . n 
A 1 181 LEU 181 187 187 LEU LEU B . n 
A 1 182 LYS 182 188 188 LYS LYS B . n 
A 1 183 LEU 183 189 189 LEU LEU B . n 
A 1 184 CYS 184 190 190 CYS CYS B . n 
A 1 185 PRO 185 191 191 PRO PRO B . n 
A 1 186 LEU 186 192 192 LEU LEU B . n 
A 1 187 LYS 187 193 ?   ?   ?   B . n 
A 1 188 MET 188 194 ?   ?   ?   B . n 
# 
_pdbx_entity_instance_feature.ordinal        1 
_pdbx_entity_instance_feature.comp_id        JGD 
_pdbx_entity_instance_feature.asym_id        ? 
_pdbx_entity_instance_feature.seq_num        ? 
_pdbx_entity_instance_feature.auth_comp_id   JGD 
_pdbx_entity_instance_feature.auth_asym_id   ? 
_pdbx_entity_instance_feature.auth_seq_num   ? 
_pdbx_entity_instance_feature.feature_type   'SUBJECT OF INVESTIGATION' 
_pdbx_entity_instance_feature.details        ? 
# 
loop_
_pdbx_nonpoly_scheme.asym_id 
_pdbx_nonpoly_scheme.entity_id 
_pdbx_nonpoly_scheme.mon_id 
_pdbx_nonpoly_scheme.ndb_seq_num 
_pdbx_nonpoly_scheme.pdb_seq_num 
_pdbx_nonpoly_scheme.auth_seq_num 
_pdbx_nonpoly_scheme.pdb_mon_id 
_pdbx_nonpoly_scheme.auth_mon_id 
_pdbx_nonpoly_scheme.pdb_strand_id 
_pdbx_nonpoly_scheme.pdb_ins_code 
B 2 EDO 1   201 202 EDO EDO B . 
C 3 JGD 1   202 302 JGD LIG B . 
D 2 EDO 1   203 305 EDO EDO B . 
E 4 SO4 1   204 1   SO4 SO4 B . 
F 5 HOH 1   301 4   HOH HOH B . 
F 5 HOH 2   302 107 HOH HOH B . 
F 5 HOH 3   303 29  HOH HOH B . 
F 5 HOH 4   304 11  HOH HOH B . 
F 5 HOH 5   305 12  HOH HOH B . 
F 5 HOH 6   306 2   HOH HOH B . 
F 5 HOH 7   307 26  HOH HOH B . 
F 5 HOH 8   308 33  HOH HOH B . 
F 5 HOH 9   309 40  HOH HOH B . 
F 5 HOH 10  310 99  HOH HOH B . 
F 5 HOH 11  311 21  HOH HOH B . 
F 5 HOH 12  312 1   HOH HOH B . 
F 5 HOH 13  313 63  HOH HOH B . 
F 5 HOH 14  314 102 HOH HOH B . 
F 5 HOH 15  315 34  HOH HOH B . 
F 5 HOH 16  316 27  HOH HOH B . 
F 5 HOH 17  317 89  HOH HOH B . 
F 5 HOH 18  318 90  HOH HOH B . 
F 5 HOH 19  319 95  HOH HOH B . 
F 5 HOH 20  320 5   HOH HOH B . 
F 5 HOH 21  321 129 HOH HOH B . 
F 5 HOH 22  322 10  HOH HOH B . 
F 5 HOH 23  323 28  HOH HOH B . 
F 5 HOH 24  324 16  HOH HOH B . 
F 5 HOH 25  325 25  HOH HOH B . 
F 5 HOH 26  326 70  HOH HOH B . 
F 5 HOH 27  327 11  HOH HOH B . 
F 5 HOH 28  328 68  HOH HOH B . 
F 5 HOH 29  329 100 HOH HOH B . 
F 5 HOH 30  330 36  HOH HOH B . 
F 5 HOH 31  331 51  HOH HOH B . 
F 5 HOH 32  332 72  HOH HOH B . 
F 5 HOH 33  333 27  HOH HOH B . 
F 5 HOH 34  334 18  HOH HOH B . 
F 5 HOH 35  335 9   HOH HOH B . 
F 5 HOH 36  336 39  HOH HOH B . 
F 5 HOH 37  337 267 HOH HOH B . 
F 5 HOH 38  338 16  HOH HOH B . 
F 5 HOH 39  339 22  HOH HOH B . 
F 5 HOH 40  340 86  HOH HOH B . 
F 5 HOH 41  341 20  HOH HOH B . 
F 5 HOH 42  342 80  HOH HOH B . 
F 5 HOH 43  343 184 HOH HOH B . 
F 5 HOH 44  344 2   HOH HOH B . 
F 5 HOH 45  345 55  HOH HOH B . 
F 5 HOH 46  346 7   HOH HOH B . 
F 5 HOH 47  347 157 HOH HOH B . 
F 5 HOH 48  348 31  HOH HOH B . 
F 5 HOH 49  349 62  HOH HOH B . 
F 5 HOH 50  350 126 HOH HOH B . 
F 5 HOH 51  351 58  HOH HOH B . 
F 5 HOH 52  352 81  HOH HOH B . 
F 5 HOH 53  353 10  HOH HOH B . 
F 5 HOH 54  354 26  HOH HOH B . 
F 5 HOH 55  355 214 HOH HOH B . 
F 5 HOH 56  356 1   HOH HOH B . 
F 5 HOH 57  357 50  HOH HOH B . 
F 5 HOH 58  358 6   HOH HOH B . 
F 5 HOH 59  359 29  HOH HOH B . 
F 5 HOH 60  360 93  HOH HOH B . 
F 5 HOH 61  361 17  HOH HOH B . 
F 5 HOH 62  362 73  HOH HOH B . 
F 5 HOH 63  363 4   HOH HOH B . 
F 5 HOH 64  364 19  HOH HOH B . 
F 5 HOH 65  365 3   HOH HOH B . 
F 5 HOH 66  366 264 HOH HOH B . 
F 5 HOH 67  367 211 HOH HOH B . 
F 5 HOH 68  368 25  HOH HOH B . 
F 5 HOH 69  369 66  HOH HOH B . 
F 5 HOH 70  370 304 HOH HOH B . 
F 5 HOH 71  371 8   HOH HOH B . 
F 5 HOH 72  372 3   HOH HOH B . 
F 5 HOH 73  373 15  HOH HOH B . 
F 5 HOH 74  374 47  HOH HOH B . 
F 5 HOH 75  375 61  HOH HOH B . 
F 5 HOH 76  376 43  HOH HOH B . 
F 5 HOH 77  377 59  HOH HOH B . 
F 5 HOH 78  378 82  HOH HOH B . 
F 5 HOH 79  379 71  HOH HOH B . 
F 5 HOH 80  380 14  HOH HOH B . 
F 5 HOH 81  381 85  HOH HOH B . 
F 5 HOH 82  382 172 HOH HOH B . 
F 5 HOH 83  383 13  HOH HOH B . 
F 5 HOH 84  384 32  HOH HOH B . 
F 5 HOH 85  385 48  HOH HOH B . 
F 5 HOH 86  386 137 HOH HOH B . 
F 5 HOH 87  387 60  HOH HOH B . 
F 5 HOH 88  388 281 HOH HOH B . 
F 5 HOH 89  389 76  HOH HOH B . 
F 5 HOH 90  390 32  HOH HOH B . 
F 5 HOH 91  391 125 HOH HOH B . 
F 5 HOH 92  392 56  HOH HOH B . 
F 5 HOH 93  393 116 HOH HOH B . 
F 5 HOH 94  394 303 HOH HOH B . 
F 5 HOH 95  395 97  HOH HOH B . 
F 5 HOH 96  396 33  HOH HOH B . 
F 5 HOH 97  397 46  HOH HOH B . 
F 5 HOH 98  398 24  HOH HOH B . 
F 5 HOH 99  399 8   HOH HOH B . 
F 5 HOH 100 400 23  HOH HOH B . 
F 5 HOH 101 401 18  HOH HOH B . 
F 5 HOH 102 402 64  HOH HOH B . 
F 5 HOH 103 403 12  HOH HOH B . 
F 5 HOH 104 404 57  HOH HOH B . 
F 5 HOH 105 405 30  HOH HOH B . 
F 5 HOH 106 406 22  HOH HOH B . 
F 5 HOH 107 407 49  HOH HOH B . 
F 5 HOH 108 408 7   HOH HOH B . 
F 5 HOH 109 409 257 HOH HOH B . 
F 5 HOH 110 410 20  HOH HOH B . 
F 5 HOH 111 411 140 HOH HOH B . 
F 5 HOH 112 412 38  HOH HOH B . 
F 5 HOH 113 413 54  HOH HOH B . 
F 5 HOH 114 414 42  HOH HOH B . 
F 5 HOH 115 415 44  HOH HOH B . 
F 5 HOH 116 416 112 HOH HOH B . 
F 5 HOH 117 417 120 HOH HOH B . 
F 5 HOH 118 418 15  HOH HOH B . 
F 5 HOH 119 419 103 HOH HOH B . 
F 5 HOH 120 420 5   HOH HOH B . 
F 5 HOH 121 421 45  HOH HOH B . 
F 5 HOH 122 422 53  HOH HOH B . 
F 5 HOH 123 423 69  HOH HOH B . 
F 5 HOH 124 424 41  HOH HOH B . 
F 5 HOH 125 425 154 HOH HOH B . 
F 5 HOH 126 426 156 HOH HOH B . 
F 5 HOH 127 427 19  HOH HOH B . 
F 5 HOH 128 428 263 HOH HOH B . 
F 5 HOH 129 429 197 HOH HOH B . 
F 5 HOH 130 430 133 HOH HOH B . 
F 5 HOH 131 431 30  HOH HOH B . 
F 5 HOH 132 432 266 HOH HOH B . 
F 5 HOH 133 433 114 HOH HOH B . 
F 5 HOH 134 434 23  HOH HOH B . 
F 5 HOH 135 435 115 HOH HOH B . 
F 5 HOH 136 436 13  HOH HOH B . 
F 5 HOH 137 437 21  HOH HOH B . 
F 5 HOH 138 438 98  HOH HOH B . 
F 5 HOH 139 439 104 HOH HOH B . 
F 5 HOH 140 440 205 HOH HOH B . 
F 5 HOH 141 441 127 HOH HOH B . 
F 5 HOH 142 442 166 HOH HOH B . 
F 5 HOH 143 443 14  HOH HOH B . 
F 5 HOH 144 444 270 HOH HOH B . 
F 5 HOH 145 445 131 HOH HOH B . 
F 5 HOH 146 446 259 HOH HOH B . 
# 
loop_
_pdbx_unobs_or_zero_occ_atoms.id 
_pdbx_unobs_or_zero_occ_atoms.PDB_model_num 
_pdbx_unobs_or_zero_occ_atoms.polymer_flag 
_pdbx_unobs_or_zero_occ_atoms.occupancy_flag 
_pdbx_unobs_or_zero_occ_atoms.auth_asym_id 
_pdbx_unobs_or_zero_occ_atoms.auth_comp_id 
_pdbx_unobs_or_zero_occ_atoms.auth_seq_id 
_pdbx_unobs_or_zero_occ_atoms.PDB_ins_code 
_pdbx_unobs_or_zero_occ_atoms.auth_atom_id 
_pdbx_unobs_or_zero_occ_atoms.label_alt_id 
_pdbx_unobs_or_zero_occ_atoms.label_asym_id 
_pdbx_unobs_or_zero_occ_atoms.label_comp_id 
_pdbx_unobs_or_zero_occ_atoms.label_seq_id 
_pdbx_unobs_or_zero_occ_atoms.label_atom_id 
1 1 Y 1 B LEU 192 ? CG  ? A LEU 186 CG  
2 1 Y 1 B LEU 192 ? CD1 ? A LEU 186 CD1 
3 1 Y 1 B LEU 192 ? CD2 ? A LEU 186 CD2 
# 
loop_
_software.pdbx_ordinal 
_software.name 
_software.version 
_software.date 
_software.type 
_software.contact_author 
_software.contact_author_email 
_software.classification 
_software.location 
_software.language 
_software.citation_id 
1 REFMAC      5.8.0267 ?               program 'Garib N. Murshudov' garib@ysbl.york.ac.uk    refinement        
http://www.ccp4.ac.uk/dist/html/refmac5.html        Fortran_77 ? 
2 Aimless     0.7.7    23/04/21        program 'Phil Evans'         ?                        'data scaling'    
http://www.mrc-lmb.cam.ac.uk/harry/pre/aimless.html ?          ? 
3 PDB_EXTRACT 3.23     'SEP. 23, 2016' package PDB                  deposit@deposit.rcsb.org 'data extraction' 
http://sw-tools.pdb.org/apps/PDB_EXTRACT/           C++        ? 
4 XDS         .        ?               program ?                    ?                        'data reduction'  ? ?          ? 
5 REFMAC      .        ?               program ?                    ?                        phasing           ? ?          ? 
# 
_cell.entry_id           7HNZ 
_cell.length_a           95.337 
_cell.length_b           95.337 
_cell.length_c           45.757 
_cell.angle_alpha        90.000 
_cell.angle_beta         90.000 
_cell.angle_gamma        90.000 
_cell.Z_PDB              8 
_cell.pdbx_unique_axis   ? 
# 
_symmetry.entry_id                         7HNZ 
_symmetry.space_group_name_H-M             'I 4' 
_symmetry.pdbx_full_space_group_name_H-M   ? 
_symmetry.cell_setting                     ? 
_symmetry.Int_Tables_number                79 
# 
_exptl.crystals_number   1 
_exptl.entry_id          7HNZ 
_exptl.method            'X-RAY DIFFRACTION' 
# 
_exptl_crystal.id                    1 
_exptl_crystal.pdbx_mosaicity        0.000 
_exptl_crystal.pdbx_mosaicity_esd    ? 
_exptl_crystal.density_Matthews      2.41 
_exptl_crystal.density_diffrn        ? 
_exptl_crystal.density_meas          ? 
_exptl_crystal.density_meas_temp     ? 
_exptl_crystal.density_percent_sol   48.90 
_exptl_crystal.size_max              ? 
_exptl_crystal.size_mid              ? 
_exptl_crystal.size_min              ? 
_exptl_crystal.size_rad              ? 
_exptl_crystal.description           ? 
# 
_exptl_crystal_grow.crystal_id      1 
_exptl_crystal_grow.method          'VAPOR DIFFUSION, SITTING DROP' 
_exptl_crystal_grow.pH              8 
_exptl_crystal_grow.temp            293 
_exptl_crystal_grow.pdbx_details    '4 % PEG 400, 2 M AmmSO4, 0.1 M HEPES pH 8' 
_exptl_crystal_grow.temp_details    ? 
_exptl_crystal_grow.pdbx_pH_range   ? 
# 
_diffrn.id                     1 
_diffrn.ambient_temp           100 
_diffrn.crystal_id             1 
_diffrn.ambient_temp_details   ? 
# 
_diffrn_detector.detector               PIXEL 
_diffrn_detector.type                   'DECTRIS EIGER2 XE 9M' 
_diffrn_detector.pdbx_collection_date   2024-07-04 
_diffrn_detector.diffrn_id              1 
_diffrn_detector.details                ? 
# 
_diffrn_radiation.diffrn_id                        1 
_diffrn_radiation.wavelength_id                    1 
_diffrn_radiation.pdbx_diffrn_protocol             'SINGLE WAVELENGTH' 
_diffrn_radiation.pdbx_monochromatic_or_laue_m_l   ? 
_diffrn_radiation.monochromator                    ? 
_diffrn_radiation.pdbx_scattering_type             x-ray 
# 
_diffrn_radiation_wavelength.id           1 
_diffrn_radiation_wavelength.wavelength   0.92134 
_diffrn_radiation_wavelength.wt           1.0 
# 
_diffrn_source.diffrn_id                   1 
_diffrn_source.source                      SYNCHROTRON 
_diffrn_source.type                        'DIAMOND BEAMLINE I04-1' 
_diffrn_source.pdbx_wavelength_list        0.92134 
_diffrn_source.pdbx_synchrotron_site       Diamond 
_diffrn_source.pdbx_synchrotron_beamline   I04-1 
_diffrn_source.pdbx_wavelength             ? 
# 
_reflns.entry_id                     7HNZ 
_reflns.pdbx_diffrn_id               1 
_reflns.pdbx_ordinal                 1 
_reflns.observed_criterion_sigma_I   ? 
_reflns.observed_criterion_sigma_F   ? 
_reflns.d_resolution_low             67.400 
_reflns.d_resolution_high            1.150 
_reflns.number_obs                   57933 
_reflns.number_all                   ? 
_reflns.percent_possible_obs         78.800 
_reflns.pdbx_Rmerge_I_obs            0.044 
_reflns.pdbx_Rsym_value              ? 
_reflns.pdbx_netI_over_sigmaI        25.900 
_reflns.B_iso_Wilson_estimate        ? 
_reflns.pdbx_redundancy              10.100 
_reflns.pdbx_Rrim_I_all              0.046 
_reflns.pdbx_Rpim_I_all              0.013 
_reflns.pdbx_CC_half                 0.999 
_reflns.pdbx_netI_over_av_sigmaI     ? 
_reflns.pdbx_number_measured_all     586812 
_reflns.pdbx_scaling_rejects         0 
_reflns.pdbx_chi_squared             ? 
_reflns.Rmerge_F_all                 ? 
_reflns.Rmerge_F_obs                 ? 
_reflns.observed_criterion_F_max     ? 
_reflns.observed_criterion_F_min     ? 
_reflns.observed_criterion_I_max     ? 
_reflns.observed_criterion_I_min     ? 
_reflns.pdbx_d_res_high_opt          ? 
_reflns.pdbx_d_res_low_opt           ? 
_reflns.details                      ? 
# 
loop_
_reflns_shell.pdbx_diffrn_id 
_reflns_shell.pdbx_ordinal 
_reflns_shell.d_res_high 
_reflns_shell.d_res_low 
_reflns_shell.number_measured_obs 
_reflns_shell.number_measured_all 
_reflns_shell.number_unique_obs 
_reflns_shell.pdbx_rejects 
_reflns_shell.Rmerge_I_obs 
_reflns_shell.meanI_over_sigI_obs 
_reflns_shell.pdbx_Rsym_value 
_reflns_shell.pdbx_chi_squared 
_reflns_shell.pdbx_redundancy 
_reflns_shell.percent_possible_obs 
_reflns_shell.pdbx_netI_over_sigmaI_obs 
_reflns_shell.number_possible 
_reflns_shell.number_unique_all 
_reflns_shell.Rmerge_F_all 
_reflns_shell.Rmerge_F_obs 
_reflns_shell.Rmerge_I_all 
_reflns_shell.meanI_over_sigI_all 
_reflns_shell.percent_possible_all 
_reflns_shell.pdbx_Rrim_I_all 
_reflns_shell.pdbx_Rpim_I_all 
_reflns_shell.pdbx_CC_half 
1 1 1.150 1.170  ? 325  303 ? 0.563 ? ? ? 1.100  ? 0.700  ? ? ? ? ? ? 8.500  0.797 0.563 0.175 
1 2 6.280 67.400 ? 6238 490 ? 0.035 ? ? ? 12.700 ? 99.100 ? ? ? ? ? ? 99.900 0.036 0.011 0.981 
# 
_refine.entry_id                                 7HNZ 
_refine.pdbx_refine_id                           'X-RAY DIFFRACTION' 
_refine.ls_d_res_high                            1.1500 
_refine.ls_d_res_low                             67.4100 
_refine.pdbx_ls_sigma_F                          0.000 
_refine.pdbx_data_cutoff_high_absF               ? 
_refine.pdbx_data_cutoff_low_absF                ? 
_refine.ls_percent_reflns_obs                    78.7900 
_refine.ls_number_reflns_obs                     55144 
_refine.ls_number_reflns_all                     ? 
_refine.pdbx_ls_cross_valid_method               THROUGHOUT 
_refine.ls_matrix_type                           ? 
_refine.pdbx_R_Free_selection_details            RANDOM 
_refine.details                                  
'HYDROGENS HAVE BEEN ADDED IN THE RIDING POSITIONS U VALUES      : REFINED INDIVIDUALLY' 
_refine.ls_R_factor_all                          ? 
_refine.ls_R_factor_obs                          0.1749 
_refine.ls_R_factor_R_work                       0.1742 
_refine.ls_wR_factor_R_work                      ? 
_refine.ls_R_factor_R_free                       0.1891 
_refine.ls_wR_factor_R_free                      ? 
_refine.ls_percent_reflns_R_free                 4.8000 
_refine.ls_number_reflns_R_free                  2788 
_refine.ls_number_reflns_R_work                  ? 
_refine.ls_R_factor_R_free_error                 ? 
_refine.B_iso_mean                               14.0880 
_refine.solvent_model_param_bsol                 ? 
_refine.solvent_model_param_ksol                 ? 
_refine.pdbx_isotropic_thermal_model             ? 
_refine.aniso_B[1][1]                            0.1100 
_refine.aniso_B[2][2]                            0.1100 
_refine.aniso_B[3][3]                            -0.2300 
_refine.aniso_B[1][2]                            0.0000 
_refine.aniso_B[1][3]                            0.0000 
_refine.aniso_B[2][3]                            -0.0000 
_refine.correlation_coeff_Fo_to_Fc               0.9680 
_refine.correlation_coeff_Fo_to_Fc_free          0.9640 
_refine.overall_SU_R_Cruickshank_DPI             ? 
_refine.pdbx_overall_SU_R_free_Cruickshank_DPI   ? 
_refine.pdbx_overall_SU_R_Blow_DPI               ? 
_refine.pdbx_overall_SU_R_free_Blow_DPI          ? 
_refine.overall_SU_R_free                        ? 
_refine.pdbx_overall_ESU_R                       0.0440 
_refine.pdbx_overall_ESU_R_Free                  0.0450 
_refine.overall_SU_ML                            0.0300 
_refine.overall_SU_B                             0.6780 
_refine.solvent_model_details                    MASK 
_refine.pdbx_solvent_vdw_probe_radii             1.2000 
_refine.pdbx_solvent_ion_probe_radii             0.8000 
_refine.pdbx_solvent_shrinkage_radii             0.8000 
_refine.ls_number_parameters                     ? 
_refine.ls_number_restraints                     ? 
_refine.pdbx_starting_model                      ? 
_refine.pdbx_method_to_determine_struct          'FOURIER SYNTHESIS' 
_refine.pdbx_stereochemistry_target_values       'MAXIMUM LIKELIHOOD' 
_refine.pdbx_stereochem_target_val_spec_case     ? 
_refine.overall_FOM_work_R_set                   ? 
_refine.B_iso_max                                59.760 
_refine.B_iso_min                                7.260 
_refine.pdbx_overall_phase_error                 ? 
_refine.occupancy_max                            ? 
_refine.occupancy_min                            ? 
_refine.pdbx_diffrn_id                           1 
_refine.pdbx_TLS_residual_ADP_flag               ? 
_refine.pdbx_ls_sigma_I                          ? 
_refine.pdbx_data_cutoff_high_rms_absF           ? 
_refine.ls_R_factor_R_free_error_details         ? 
# 
_refine_hist.cycle_id                         final 
_refine_hist.pdbx_refine_id                   'X-RAY DIFFRACTION' 
_refine_hist.d_res_high                       1.1500 
_refine_hist.d_res_low                        67.4100 
_refine_hist.pdbx_number_atoms_ligand         22 
_refine_hist.number_atoms_solvent             146 
_refine_hist.number_atoms_total               1661 
_refine_hist.pdbx_number_residues_total       185 
_refine_hist.pdbx_B_iso_mean_ligand           29.32 
_refine_hist.pdbx_B_iso_mean_solvent          24.00 
_refine_hist.pdbx_number_atoms_protein        1493 
_refine_hist.pdbx_number_atoms_nucleic_acid   0 
# 
loop_
_refine_ls_restr.pdbx_refine_id 
_refine_ls_restr.type 
_refine_ls_restr.number 
_refine_ls_restr.dev_ideal 
_refine_ls_restr.dev_ideal_target 
_refine_ls_restr.weight 
_refine_ls_restr.pdbx_restraint_function 
'X-RAY DIFFRACTION' r_bond_refined_d       2049 0.013  0.013  ? ? 
'X-RAY DIFFRACTION' r_bond_other_d         1630 0.001  0.015  ? ? 
'X-RAY DIFFRACTION' r_angle_refined_deg    2566 1.853  1.632  ? ? 
'X-RAY DIFFRACTION' r_angle_other_deg      3758 1.443  1.579  ? ? 
'X-RAY DIFFRACTION' r_dihedral_angle_1_deg 241  7.189  5.000  ? ? 
'X-RAY DIFFRACTION' r_dihedral_angle_2_deg 110  27.785 21.182 ? ? 
'X-RAY DIFFRACTION' r_dihedral_angle_3_deg 288  11.484 15.000 ? ? 
'X-RAY DIFFRACTION' r_dihedral_angle_4_deg 15   22.488 15.000 ? ? 
'X-RAY DIFFRACTION' r_chiral_restr         220  0.088  0.200  ? ? 
'X-RAY DIFFRACTION' r_gen_planes_refined   2294 0.011  0.020  ? ? 
'X-RAY DIFFRACTION' r_gen_planes_other     518  0.002  0.020  ? ? 
'X-RAY DIFFRACTION' r_mcbond_it            969  1.242  1.242  ? ? 
'X-RAY DIFFRACTION' r_mcbond_other         965  1.202  1.235  ? ? 
'X-RAY DIFFRACTION' r_mcangle_it           1153 1.932  1.863  ? ? 
# 
_refine_ls_shell.d_res_high                       1.1470 
_refine_ls_shell.d_res_low                        1.1770 
_refine_ls_shell.pdbx_total_number_of_bins_used   20 
_refine_ls_shell.percent_reflns_obs               12.0000 
_refine_ls_shell.number_reflns_R_work             608 
_refine_ls_shell.R_factor_all                     ? 
_refine_ls_shell.R_factor_R_work                  0.3260 
_refine_ls_shell.R_factor_R_free                  0.2820 
_refine_ls_shell.percent_reflns_R_free            ? 
_refine_ls_shell.number_reflns_R_free             35 
_refine_ls_shell.R_factor_R_free_error            ? 
_refine_ls_shell.number_reflns_all                643 
_refine_ls_shell.number_reflns_obs                ? 
_refine_ls_shell.pdbx_refine_id                   'X-RAY DIFFRACTION' 
# 
_struct.entry_id                  7HNZ 
_struct.title                     'PanDDA analysis group deposition -- Crystal Structure of TRIM21 in complex with Z1245793018' 
_struct.pdbx_model_details        ? 
_struct.pdbx_CASP_flag            ? 
_struct.pdbx_model_type_details   ? 
# 
_struct_keywords.entry_id        7HNZ 
_struct_keywords.text            'SGC - Diamond I04-1 fragment screening, PanDDA, XChemExplorer, TRIM21, LIGASE' 
_struct_keywords.pdbx_keywords   LIGASE 
# 
loop_
_struct_asym.id 
_struct_asym.pdbx_blank_PDB_chainid_flag 
_struct_asym.pdbx_modified 
_struct_asym.entity_id 
_struct_asym.details 
A N N 1 ? 
B N N 2 ? 
C N N 3 ? 
D N N 2 ? 
E N N 4 ? 
F N N 5 ? 
# 
_struct_ref.id                         1 
_struct_ref.db_name                    UNP 
_struct_ref.db_code                    RO52_MOUSE 
_struct_ref.pdbx_db_accession          Q62191 
_struct_ref.pdbx_db_isoform            ? 
_struct_ref.entity_id                  1 
_struct_ref.pdbx_seq_one_letter_code   
;VHITLDRNTANSWLIISKDRRQVRMGDTHQNVSDNKERFSNYPMVLGAQRFSSGKMYWEVDVTQKEAWDLGVCRDSVQRK
GQFSLSPENGFWTIWLWQDSYEAGTSPQTTLHIQVPPCQIGIFVDYEAGVVSFYNITDHGSLIYTFSECVFAGPLRPFFN
VGFNYSGGNAAPLKLCPLKM
;
_struct_ref.pdbx_align_begin           291 
# 
_struct_ref_seq.align_id                      1 
_struct_ref_seq.ref_id                        1 
_struct_ref_seq.pdbx_PDB_id_code              7HNZ 
_struct_ref_seq.pdbx_strand_id                B 
_struct_ref_seq.seq_align_beg                 9 
_struct_ref_seq.pdbx_seq_align_beg_ins_code   ? 
_struct_ref_seq.seq_align_end                 188 
_struct_ref_seq.pdbx_seq_align_end_ins_code   ? 
_struct_ref_seq.pdbx_db_accession             Q62191 
_struct_ref_seq.db_align_beg                  291 
_struct_ref_seq.pdbx_db_align_beg_ins_code    ? 
_struct_ref_seq.db_align_end                  470 
_struct_ref_seq.pdbx_db_align_end_ins_code    ? 
_struct_ref_seq.pdbx_auth_seq_align_beg       15 
_struct_ref_seq.pdbx_auth_seq_align_end       194 
# 
loop_
_struct_ref_seq_dif.align_id 
_struct_ref_seq_dif.pdbx_pdb_id_code 
_struct_ref_seq_dif.mon_id 
_struct_ref_seq_dif.pdbx_pdb_strand_id 
_struct_ref_seq_dif.seq_num 
_struct_ref_seq_dif.pdbx_pdb_ins_code 
_struct_ref_seq_dif.pdbx_seq_db_name 
_struct_ref_seq_dif.pdbx_seq_db_accession_code 
_struct_ref_seq_dif.db_mon_id 
_struct_ref_seq_dif.pdbx_seq_db_seq_num 
_struct_ref_seq_dif.details 
_struct_ref_seq_dif.pdbx_auth_seq_num 
_struct_ref_seq_dif.pdbx_ordinal 
1 7HNZ MET B 1 ? UNP Q62191 ? ? 'initiating methionine' 7  1 
1 7HNZ HIS B 2 ? UNP Q62191 ? ? 'expression tag'        8  2 
1 7HNZ HIS B 3 ? UNP Q62191 ? ? 'expression tag'        9  3 
1 7HNZ HIS B 4 ? UNP Q62191 ? ? 'expression tag'        10 4 
1 7HNZ HIS B 5 ? UNP Q62191 ? ? 'expression tag'        11 5 
1 7HNZ HIS B 6 ? UNP Q62191 ? ? 'expression tag'        12 6 
1 7HNZ HIS B 7 ? UNP Q62191 ? ? 'expression tag'        13 7 
1 7HNZ MET B 8 ? UNP Q62191 ? ? 'expression tag'        14 8 
# 
_pdbx_struct_assembly.id                   1 
_pdbx_struct_assembly.details              author_defined_assembly 
_pdbx_struct_assembly.method_details       ? 
_pdbx_struct_assembly.oligomeric_details   monomeric 
_pdbx_struct_assembly.oligomeric_count     1 
# 
_pdbx_struct_assembly_gen.assembly_id       1 
_pdbx_struct_assembly_gen.oper_expression   1 
_pdbx_struct_assembly_gen.asym_id_list      A,B,C,D,E,F 
# 
_pdbx_struct_oper_list.id                   1 
_pdbx_struct_oper_list.type                 'identity operation' 
_pdbx_struct_oper_list.name                 1_555 
_pdbx_struct_oper_list.symmetry_operation   x,y,z 
_pdbx_struct_oper_list.matrix[1][1]         1.0000000000 
_pdbx_struct_oper_list.matrix[1][2]         0.0000000000 
_pdbx_struct_oper_list.matrix[1][3]         0.0000000000 
_pdbx_struct_oper_list.vector[1]            0.0000000000 
_pdbx_struct_oper_list.matrix[2][1]         0.0000000000 
_pdbx_struct_oper_list.matrix[2][2]         1.0000000000 
_pdbx_struct_oper_list.matrix[2][3]         0.0000000000 
_pdbx_struct_oper_list.vector[2]            0.0000000000 
_pdbx_struct_oper_list.matrix[3][1]         0.0000000000 
_pdbx_struct_oper_list.matrix[3][2]         0.0000000000 
_pdbx_struct_oper_list.matrix[3][3]         1.0000000000 
_pdbx_struct_oper_list.vector[3]            0.0000000000 
# 
loop_
_struct_conf.conf_type_id 
_struct_conf.id 
_struct_conf.pdbx_PDB_helix_id 
_struct_conf.beg_label_comp_id 
_struct_conf.beg_label_asym_id 
_struct_conf.beg_label_seq_id 
_struct_conf.pdbx_beg_PDB_ins_code 
_struct_conf.end_label_comp_id 
_struct_conf.end_label_asym_id 
_struct_conf.end_label_seq_id 
_struct_conf.pdbx_end_PDB_ins_code 
_struct_conf.beg_auth_comp_id 
_struct_conf.beg_auth_asym_id 
_struct_conf.beg_auth_seq_id 
_struct_conf.end_auth_comp_id 
_struct_conf.end_auth_asym_id 
_struct_conf.end_auth_seq_id 
_struct_conf.pdbx_PDB_helix_class 
_struct_conf.details 
_struct_conf.pdbx_PDB_helix_length 
HELX_P HELX_P1 AA1 HIS A 4  ? MET A 8  ? HIS B 10  MET B 14  5 ? 5 
HELX_P HELX_P2 AA2 ASP A 14 ? ALA A 18 ? ASP B 20  ALA B 24  5 ? 5 
HELX_P HELX_P3 AA3 SER A 94 ? ASN A 97 ? SER B 100 ASN B 103 5 ? 4 
# 
_struct_conf_type.id          HELX_P 
_struct_conf_type.criteria    ? 
_struct_conf_type.reference   ? 
# 
_struct_mon_prot_cis.pdbx_id                1 
_struct_mon_prot_cis.label_comp_id          SER 
_struct_mon_prot_cis.label_seq_id           114 
_struct_mon_prot_cis.label_asym_id          A 
_struct_mon_prot_cis.label_alt_id           . 
_struct_mon_prot_cis.pdbx_PDB_ins_code      ? 
_struct_mon_prot_cis.auth_comp_id           SER 
_struct_mon_prot_cis.auth_seq_id            120 
_struct_mon_prot_cis.auth_asym_id           B 
_struct_mon_prot_cis.pdbx_label_comp_id_2   PRO 
_struct_mon_prot_cis.pdbx_label_seq_id_2    115 
_struct_mon_prot_cis.pdbx_label_asym_id_2   A 
_struct_mon_prot_cis.pdbx_PDB_ins_code_2    ? 
_struct_mon_prot_cis.pdbx_auth_comp_id_2    PRO 
_struct_mon_prot_cis.pdbx_auth_seq_id_2     121 
_struct_mon_prot_cis.pdbx_auth_asym_id_2    B 
_struct_mon_prot_cis.pdbx_PDB_model_num     1 
_struct_mon_prot_cis.pdbx_omega_angle       -1.04 
# 
loop_
_struct_sheet.id 
_struct_sheet.type 
_struct_sheet.number_strands 
_struct_sheet.details 
AA1 ? 7 ? 
AA2 ? 6 ? 
# 
loop_
_struct_sheet_order.sheet_id 
_struct_sheet_order.range_id_1 
_struct_sheet_order.range_id_2 
_struct_sheet_order.offset 
_struct_sheet_order.sense 
AA1 1 2 ? anti-parallel 
AA1 2 3 ? anti-parallel 
AA1 3 4 ? anti-parallel 
AA1 4 5 ? anti-parallel 
AA1 5 6 ? anti-parallel 
AA1 6 7 ? anti-parallel 
AA2 1 2 ? anti-parallel 
AA2 2 3 ? anti-parallel 
AA2 3 4 ? anti-parallel 
AA2 4 5 ? anti-parallel 
AA2 5 6 ? anti-parallel 
# 
loop_
_struct_sheet_range.sheet_id 
_struct_sheet_range.id 
_struct_sheet_range.beg_label_comp_id 
_struct_sheet_range.beg_label_asym_id 
_struct_sheet_range.beg_label_seq_id 
_struct_sheet_range.pdbx_beg_PDB_ins_code 
_struct_sheet_range.end_label_comp_id 
_struct_sheet_range.end_label_asym_id 
_struct_sheet_range.end_label_seq_id 
_struct_sheet_range.pdbx_end_PDB_ins_code 
_struct_sheet_range.beg_auth_comp_id 
_struct_sheet_range.beg_auth_asym_id 
_struct_sheet_range.beg_auth_seq_id 
_struct_sheet_range.end_auth_comp_id 
_struct_sheet_range.end_auth_asym_id 
_struct_sheet_range.end_auth_seq_id 
AA1 1 LEU A 22  ? ILE A 24  ? LEU B 28  ILE B 30  
AA1 2 GLN A 30  ? MET A 33  ? GLN B 36  MET B 39  
AA1 3 LEU A 181 ? LEU A 183 ? LEU B 187 LEU B 189 
AA1 4 LYS A 63  ? ASP A 69  ? LYS B 69  ASP B 75  
AA1 5 GLN A 127 ? ASP A 133 ? GLN B 133 ASP B 139 
AA1 6 VAL A 138 ? ASN A 143 ? VAL B 144 ASN B 149 
AA1 7 SER A 149 ? PHE A 154 ? SER B 155 PHE B 160 
AA2 1 MET A 52  ? LEU A 54  ? MET B 58  LEU B 60  
AA2 2 LEU A 163 ? ASN A 168 ? LEU B 169 ASN B 174 
AA2 3 TRP A 76  ? ARG A 82  ? TRP B 82  ARG B 88  
AA2 4 PHE A 99  ? TRP A 105 ? PHE B 105 TRP B 111 
AA2 5 SER A 108 ? ALA A 111 ? SER B 114 ALA B 117 
AA2 6 THR A 117 ? THR A 118 ? THR B 123 THR B 124 
# 
loop_
_pdbx_struct_sheet_hbond.sheet_id 
_pdbx_struct_sheet_hbond.range_id_1 
_pdbx_struct_sheet_hbond.range_id_2 
_pdbx_struct_sheet_hbond.range_1_label_atom_id 
_pdbx_struct_sheet_hbond.range_1_label_comp_id 
_pdbx_struct_sheet_hbond.range_1_label_asym_id 
_pdbx_struct_sheet_hbond.range_1_label_seq_id 
_pdbx_struct_sheet_hbond.range_1_PDB_ins_code 
_pdbx_struct_sheet_hbond.range_1_auth_atom_id 
_pdbx_struct_sheet_hbond.range_1_auth_comp_id 
_pdbx_struct_sheet_hbond.range_1_auth_asym_id 
_pdbx_struct_sheet_hbond.range_1_auth_seq_id 
_pdbx_struct_sheet_hbond.range_2_label_atom_id 
_pdbx_struct_sheet_hbond.range_2_label_comp_id 
_pdbx_struct_sheet_hbond.range_2_label_asym_id 
_pdbx_struct_sheet_hbond.range_2_label_seq_id 
_pdbx_struct_sheet_hbond.range_2_PDB_ins_code 
_pdbx_struct_sheet_hbond.range_2_auth_atom_id 
_pdbx_struct_sheet_hbond.range_2_auth_comp_id 
_pdbx_struct_sheet_hbond.range_2_auth_asym_id 
_pdbx_struct_sheet_hbond.range_2_auth_seq_id 
AA1 1 2 N ILE A 23  ? N ILE B 29  O ARG A 32  ? O ARG B 38  
AA1 2 3 N VAL A 31  ? N VAL B 37  O LEU A 181 ? O LEU B 187 
AA1 3 4 O LYS A 182 ? O LYS B 188 N ASP A 69  ? N ASP B 75  
AA1 4 5 N TRP A 66  ? N TRP B 72  O ILE A 130 ? O ILE B 136 
AA1 5 6 N PHE A 131 ? N PHE B 137 O SER A 140 ? O SER B 146 
AA1 6 7 N PHE A 141 ? N PHE B 147 O ILE A 151 ? O ILE B 157 
AA2 1 2 N VAL A 53  ? N VAL B 59  O PHE A 167 ? O PHE B 173 
AA2 2 3 O ARG A 164 ? O ARG B 170 N CYS A 81  ? N CYS B 87  
AA2 3 4 N VAL A 80  ? N VAL B 86  O TRP A 100 ? O TRP B 106 
AA2 4 5 N TRP A 105 ? N TRP B 111 O SER A 108 ? O SER B 114 
AA2 5 6 N ALA A 111 ? N ALA B 117 O THR A 117 ? O THR B 123 
# 
_pdbx_entry_details.entry_id                   7HNZ 
_pdbx_entry_details.compound_details           ? 
_pdbx_entry_details.source_details             ? 
_pdbx_entry_details.nonpolymer_details         ? 
_pdbx_entry_details.sequence_details           ? 
_pdbx_entry_details.has_ligand_of_interest     Y 
_pdbx_entry_details.has_protein_modification   N 
# 
loop_
_pdbx_validate_rmsd_angle.id 
_pdbx_validate_rmsd_angle.PDB_model_num 
_pdbx_validate_rmsd_angle.auth_atom_id_1 
_pdbx_validate_rmsd_angle.auth_asym_id_1 
_pdbx_validate_rmsd_angle.auth_comp_id_1 
_pdbx_validate_rmsd_angle.auth_seq_id_1 
_pdbx_validate_rmsd_angle.PDB_ins_code_1 
_pdbx_validate_rmsd_angle.label_alt_id_1 
_pdbx_validate_rmsd_angle.auth_atom_id_2 
_pdbx_validate_rmsd_angle.auth_asym_id_2 
_pdbx_validate_rmsd_angle.auth_comp_id_2 
_pdbx_validate_rmsd_angle.auth_seq_id_2 
_pdbx_validate_rmsd_angle.PDB_ins_code_2 
_pdbx_validate_rmsd_angle.label_alt_id_2 
_pdbx_validate_rmsd_angle.auth_atom_id_3 
_pdbx_validate_rmsd_angle.auth_asym_id_3 
_pdbx_validate_rmsd_angle.auth_comp_id_3 
_pdbx_validate_rmsd_angle.auth_seq_id_3 
_pdbx_validate_rmsd_angle.PDB_ins_code_3 
_pdbx_validate_rmsd_angle.label_alt_id_3 
_pdbx_validate_rmsd_angle.angle_value 
_pdbx_validate_rmsd_angle.angle_target_value 
_pdbx_validate_rmsd_angle.angle_deviation 
_pdbx_validate_rmsd_angle.angle_standard_deviation 
_pdbx_validate_rmsd_angle.linker_flag 
1 1 NE B ARG 34 ? ? CZ B ARG 34 ? ? NH1 B ARG 34 ? ? 123.39 120.30 3.09  0.50 N 
2 1 NE B ARG 38 ? ? CZ B ARG 38 ? ? NH2 B ARG 38 ? ? 117.08 120.30 -3.22 0.50 N 
3 1 CG B ARG 64 ? ? CD B ARG 64 ? ? NE  B ARG 64 ? ? 129.95 111.80 18.15 2.10 N 
# 
loop_
_pdbx_validate_torsion.id 
_pdbx_validate_torsion.PDB_model_num 
_pdbx_validate_torsion.auth_comp_id 
_pdbx_validate_torsion.auth_asym_id 
_pdbx_validate_torsion.auth_seq_id 
_pdbx_validate_torsion.PDB_ins_code 
_pdbx_validate_torsion.label_alt_id 
_pdbx_validate_torsion.phi 
_pdbx_validate_torsion.psi 
1 1 ASN B 45  ? ? 72.97   34.47 
2 1 ASP B 152 ? ? -103.29 52.55 
# 
_pdbx_struct_special_symmetry.id              1 
_pdbx_struct_special_symmetry.PDB_model_num   1 
_pdbx_struct_special_symmetry.auth_asym_id    B 
_pdbx_struct_special_symmetry.auth_comp_id    HOH 
_pdbx_struct_special_symmetry.auth_seq_id     433 
_pdbx_struct_special_symmetry.PDB_ins_code    ? 
_pdbx_struct_special_symmetry.label_asym_id   F 
_pdbx_struct_special_symmetry.label_comp_id   HOH 
_pdbx_struct_special_symmetry.label_seq_id    . 
# 
_phasing.method   MR 
# 
loop_
_pdbx_unobs_or_zero_occ_residues.id 
_pdbx_unobs_or_zero_occ_residues.PDB_model_num 
_pdbx_unobs_or_zero_occ_residues.polymer_flag 
_pdbx_unobs_or_zero_occ_residues.occupancy_flag 
_pdbx_unobs_or_zero_occ_residues.auth_asym_id 
_pdbx_unobs_or_zero_occ_residues.auth_comp_id 
_pdbx_unobs_or_zero_occ_residues.auth_seq_id 
_pdbx_unobs_or_zero_occ_residues.PDB_ins_code 
_pdbx_unobs_or_zero_occ_residues.label_asym_id 
_pdbx_unobs_or_zero_occ_residues.label_comp_id 
_pdbx_unobs_or_zero_occ_residues.label_seq_id 
1 1 Y 1 B MET 7   ? A MET 1   
2 1 Y 1 B LYS 193 ? A LYS 187 
3 1 Y 1 B MET 194 ? A MET 188 
# 
loop_
_chem_comp_atom.comp_id 
_chem_comp_atom.atom_id 
_chem_comp_atom.type_symbol 
_chem_comp_atom.pdbx_aromatic_flag 
_chem_comp_atom.pdbx_stereo_config 
_chem_comp_atom.pdbx_ordinal 
ALA N    N N N 1   
ALA CA   C N S 2   
ALA C    C N N 3   
ALA O    O N N 4   
ALA CB   C N N 5   
ALA OXT  O N N 6   
ALA H    H N N 7   
ALA H2   H N N 8   
ALA HA   H N N 9   
ALA HB1  H N N 10  
ALA HB2  H N N 11  
ALA HB3  H N N 12  
ALA HXT  H N N 13  
ARG N    N N N 14  
ARG CA   C N S 15  
ARG C    C N N 16  
ARG O    O N N 17  
ARG CB   C N N 18  
ARG CG   C N N 19  
ARG CD   C N N 20  
ARG NE   N N N 21  
ARG CZ   C N N 22  
ARG NH1  N N N 23  
ARG NH2  N N N 24  
ARG OXT  O N N 25  
ARG H    H N N 26  
ARG H2   H N N 27  
ARG HA   H N N 28  
ARG HB2  H N N 29  
ARG HB3  H N N 30  
ARG HG2  H N N 31  
ARG HG3  H N N 32  
ARG HD2  H N N 33  
ARG HD3  H N N 34  
ARG HE   H N N 35  
ARG HH11 H N N 36  
ARG HH12 H N N 37  
ARG HH21 H N N 38  
ARG HH22 H N N 39  
ARG HXT  H N N 40  
ASN N    N N N 41  
ASN CA   C N S 42  
ASN C    C N N 43  
ASN O    O N N 44  
ASN CB   C N N 45  
ASN CG   C N N 46  
ASN OD1  O N N 47  
ASN ND2  N N N 48  
ASN OXT  O N N 49  
ASN H    H N N 50  
ASN H2   H N N 51  
ASN HA   H N N 52  
ASN HB2  H N N 53  
ASN HB3  H N N 54  
ASN HD21 H N N 55  
ASN HD22 H N N 56  
ASN HXT  H N N 57  
ASP N    N N N 58  
ASP CA   C N S 59  
ASP C    C N N 60  
ASP O    O N N 61  
ASP CB   C N N 62  
ASP CG   C N N 63  
ASP OD1  O N N 64  
ASP OD2  O N N 65  
ASP OXT  O N N 66  
ASP H    H N N 67  
ASP H2   H N N 68  
ASP HA   H N N 69  
ASP HB2  H N N 70  
ASP HB3  H N N 71  
ASP HD2  H N N 72  
ASP HXT  H N N 73  
CYS N    N N N 74  
CYS CA   C N R 75  
CYS C    C N N 76  
CYS O    O N N 77  
CYS CB   C N N 78  
CYS SG   S N N 79  
CYS OXT  O N N 80  
CYS H    H N N 81  
CYS H2   H N N 82  
CYS HA   H N N 83  
CYS HB2  H N N 84  
CYS HB3  H N N 85  
CYS HG   H N N 86  
CYS HXT  H N N 87  
EDO C1   C N N 88  
EDO O1   O N N 89  
EDO C2   C N N 90  
EDO O2   O N N 91  
EDO H11  H N N 92  
EDO H12  H N N 93  
EDO HO1  H N N 94  
EDO H21  H N N 95  
EDO H22  H N N 96  
EDO HO2  H N N 97  
GLN N    N N N 98  
GLN CA   C N S 99  
GLN C    C N N 100 
GLN O    O N N 101 
GLN CB   C N N 102 
GLN CG   C N N 103 
GLN CD   C N N 104 
GLN OE1  O N N 105 
GLN NE2  N N N 106 
GLN OXT  O N N 107 
GLN H    H N N 108 
GLN H2   H N N 109 
GLN HA   H N N 110 
GLN HB2  H N N 111 
GLN HB3  H N N 112 
GLN HG2  H N N 113 
GLN HG3  H N N 114 
GLN HE21 H N N 115 
GLN HE22 H N N 116 
GLN HXT  H N N 117 
GLU N    N N N 118 
GLU CA   C N S 119 
GLU C    C N N 120 
GLU O    O N N 121 
GLU CB   C N N 122 
GLU CG   C N N 123 
GLU CD   C N N 124 
GLU OE1  O N N 125 
GLU OE2  O N N 126 
GLU OXT  O N N 127 
GLU H    H N N 128 
GLU H2   H N N 129 
GLU HA   H N N 130 
GLU HB2  H N N 131 
GLU HB3  H N N 132 
GLU HG2  H N N 133 
GLU HG3  H N N 134 
GLU HE2  H N N 135 
GLU HXT  H N N 136 
GLY N    N N N 137 
GLY CA   C N N 138 
GLY C    C N N 139 
GLY O    O N N 140 
GLY OXT  O N N 141 
GLY H    H N N 142 
GLY H2   H N N 143 
GLY HA2  H N N 144 
GLY HA3  H N N 145 
GLY HXT  H N N 146 
HIS N    N N N 147 
HIS CA   C N S 148 
HIS C    C N N 149 
HIS O    O N N 150 
HIS CB   C N N 151 
HIS CG   C Y N 152 
HIS ND1  N Y N 153 
HIS CD2  C Y N 154 
HIS CE1  C Y N 155 
HIS NE2  N Y N 156 
HIS OXT  O N N 157 
HIS H    H N N 158 
HIS H2   H N N 159 
HIS HA   H N N 160 
HIS HB2  H N N 161 
HIS HB3  H N N 162 
HIS HD1  H N N 163 
HIS HD2  H N N 164 
HIS HE1  H N N 165 
HIS HE2  H N N 166 
HIS HXT  H N N 167 
HOH O    O N N 168 
HOH H1   H N N 169 
HOH H2   H N N 170 
ILE N    N N N 171 
ILE CA   C N S 172 
ILE C    C N N 173 
ILE O    O N N 174 
ILE CB   C N S 175 
ILE CG1  C N N 176 
ILE CG2  C N N 177 
ILE CD1  C N N 178 
ILE OXT  O N N 179 
ILE H    H N N 180 
ILE H2   H N N 181 
ILE HA   H N N 182 
ILE HB   H N N 183 
ILE HG12 H N N 184 
ILE HG13 H N N 185 
ILE HG21 H N N 186 
ILE HG22 H N N 187 
ILE HG23 H N N 188 
ILE HD11 H N N 189 
ILE HD12 H N N 190 
ILE HD13 H N N 191 
ILE HXT  H N N 192 
JGD C01  C N N 193 
JGD N02  N N N 194 
JGD C03  C N N 195 
JGD C04  C Y N 196 
JGD C05  C Y N 197 
JGD C06  C Y N 198 
JGD N07  N Y N 199 
JGD C08  C Y N 200 
JGD C09  C Y N 201 
JGD H011 H N N 202 
JGD H012 H N N 203 
JGD H013 H N N 204 
JGD H032 H N N 205 
JGD H033 H N N 206 
JGD H031 H N N 207 
JGD H051 H N N 208 
JGD H061 H N N 209 
JGD H081 H N N 210 
JGD H091 H N N 211 
LEU N    N N N 212 
LEU CA   C N S 213 
LEU C    C N N 214 
LEU O    O N N 215 
LEU CB   C N N 216 
LEU CG   C N N 217 
LEU CD1  C N N 218 
LEU CD2  C N N 219 
LEU OXT  O N N 220 
LEU H    H N N 221 
LEU H2   H N N 222 
LEU HA   H N N 223 
LEU HB2  H N N 224 
LEU HB3  H N N 225 
LEU HG   H N N 226 
LEU HD11 H N N 227 
LEU HD12 H N N 228 
LEU HD13 H N N 229 
LEU HD21 H N N 230 
LEU HD22 H N N 231 
LEU HD23 H N N 232 
LEU HXT  H N N 233 
LYS N    N N N 234 
LYS CA   C N S 235 
LYS C    C N N 236 
LYS O    O N N 237 
LYS CB   C N N 238 
LYS CG   C N N 239 
LYS CD   C N N 240 
LYS CE   C N N 241 
LYS NZ   N N N 242 
LYS OXT  O N N 243 
LYS H    H N N 244 
LYS H2   H N N 245 
LYS HA   H N N 246 
LYS HB2  H N N 247 
LYS HB3  H N N 248 
LYS HG2  H N N 249 
LYS HG3  H N N 250 
LYS HD2  H N N 251 
LYS HD3  H N N 252 
LYS HE2  H N N 253 
LYS HE3  H N N 254 
LYS HZ1  H N N 255 
LYS HZ2  H N N 256 
LYS HZ3  H N N 257 
LYS HXT  H N N 258 
MET N    N N N 259 
MET CA   C N S 260 
MET C    C N N 261 
MET O    O N N 262 
MET CB   C N N 263 
MET CG   C N N 264 
MET SD   S N N 265 
MET CE   C N N 266 
MET OXT  O N N 267 
MET H    H N N 268 
MET H2   H N N 269 
MET HA   H N N 270 
MET HB2  H N N 271 
MET HB3  H N N 272 
MET HG2  H N N 273 
MET HG3  H N N 274 
MET HE1  H N N 275 
MET HE2  H N N 276 
MET HE3  H N N 277 
MET HXT  H N N 278 
PHE N    N N N 279 
PHE CA   C N S 280 
PHE C    C N N 281 
PHE O    O N N 282 
PHE CB   C N N 283 
PHE CG   C Y N 284 
PHE CD1  C Y N 285 
PHE CD2  C Y N 286 
PHE CE1  C Y N 287 
PHE CE2  C Y N 288 
PHE CZ   C Y N 289 
PHE OXT  O N N 290 
PHE H    H N N 291 
PHE H2   H N N 292 
PHE HA   H N N 293 
PHE HB2  H N N 294 
PHE HB3  H N N 295 
PHE HD1  H N N 296 
PHE HD2  H N N 297 
PHE HE1  H N N 298 
PHE HE2  H N N 299 
PHE HZ   H N N 300 
PHE HXT  H N N 301 
PRO N    N N N 302 
PRO CA   C N S 303 
PRO C    C N N 304 
PRO O    O N N 305 
PRO CB   C N N 306 
PRO CG   C N N 307 
PRO CD   C N N 308 
PRO OXT  O N N 309 
PRO H    H N N 310 
PRO HA   H N N 311 
PRO HB2  H N N 312 
PRO HB3  H N N 313 
PRO HG2  H N N 314 
PRO HG3  H N N 315 
PRO HD2  H N N 316 
PRO HD3  H N N 317 
PRO HXT  H N N 318 
SER N    N N N 319 
SER CA   C N S 320 
SER C    C N N 321 
SER O    O N N 322 
SER CB   C N N 323 
SER OG   O N N 324 
SER OXT  O N N 325 
SER H    H N N 326 
SER H2   H N N 327 
SER HA   H N N 328 
SER HB2  H N N 329 
SER HB3  H N N 330 
SER HG   H N N 331 
SER HXT  H N N 332 
SO4 S    S N N 333 
SO4 O1   O N N 334 
SO4 O2   O N N 335 
SO4 O3   O N N 336 
SO4 O4   O N N 337 
THR N    N N N 338 
THR CA   C N S 339 
THR C    C N N 340 
THR O    O N N 341 
THR CB   C N R 342 
THR OG1  O N N 343 
THR CG2  C N N 344 
THR OXT  O N N 345 
THR H    H N N 346 
THR H2   H N N 347 
THR HA   H N N 348 
THR HB   H N N 349 
THR HG1  H N N 350 
THR HG21 H N N 351 
THR HG22 H N N 352 
THR HG23 H N N 353 
THR HXT  H N N 354 
TRP N    N N N 355 
TRP CA   C N S 356 
TRP C    C N N 357 
TRP O    O N N 358 
TRP CB   C N N 359 
TRP CG   C Y N 360 
TRP CD1  C Y N 361 
TRP CD2  C Y N 362 
TRP NE1  N Y N 363 
TRP CE2  C Y N 364 
TRP CE3  C Y N 365 
TRP CZ2  C Y N 366 
TRP CZ3  C Y N 367 
TRP CH2  C Y N 368 
TRP OXT  O N N 369 
TRP H    H N N 370 
TRP H2   H N N 371 
TRP HA   H N N 372 
TRP HB2  H N N 373 
TRP HB3  H N N 374 
TRP HD1  H N N 375 
TRP HE1  H N N 376 
TRP HE3  H N N 377 
TRP HZ2  H N N 378 
TRP HZ3  H N N 379 
TRP HH2  H N N 380 
TRP HXT  H N N 381 
TYR N    N N N 382 
TYR CA   C N S 383 
TYR C    C N N 384 
TYR O    O N N 385 
TYR CB   C N N 386 
TYR CG   C Y N 387 
TYR CD1  C Y N 388 
TYR CD2  C Y N 389 
TYR CE1  C Y N 390 
TYR CE2  C Y N 391 
TYR CZ   C Y N 392 
TYR OH   O N N 393 
TYR OXT  O N N 394 
TYR H    H N N 395 
TYR H2   H N N 396 
TYR HA   H N N 397 
TYR HB2  H N N 398 
TYR HB3  H N N 399 
TYR HD1  H N N 400 
TYR HD2  H N N 401 
TYR HE1  H N N 402 
TYR HE2  H N N 403 
TYR HH   H N N 404 
TYR HXT  H N N 405 
VAL N    N N N 406 
VAL CA   C N S 407 
VAL C    C N N 408 
VAL O    O N N 409 
VAL CB   C N N 410 
VAL CG1  C N N 411 
VAL CG2  C N N 412 
VAL OXT  O N N 413 
VAL H    H N N 414 
VAL H2   H N N 415 
VAL HA   H N N 416 
VAL HB   H N N 417 
VAL HG11 H N N 418 
VAL HG12 H N N 419 
VAL HG13 H N N 420 
VAL HG21 H N N 421 
VAL HG22 H N N 422 
VAL HG23 H N N 423 
VAL HXT  H N N 424 
# 
loop_
_chem_comp_bond.comp_id 
_chem_comp_bond.atom_id_1 
_chem_comp_bond.atom_id_2 
_chem_comp_bond.value_order 
_chem_comp_bond.pdbx_aromatic_flag 
_chem_comp_bond.pdbx_stereo_config 
_chem_comp_bond.pdbx_ordinal 
ALA N   CA   sing N N 1   
ALA N   H    sing N N 2   
ALA N   H2   sing N N 3   
ALA CA  C    sing N N 4   
ALA CA  CB   sing N N 5   
ALA CA  HA   sing N N 6   
ALA C   O    doub N N 7   
ALA C   OXT  sing N N 8   
ALA CB  HB1  sing N N 9   
ALA CB  HB2  sing N N 10  
ALA CB  HB3  sing N N 11  
ALA OXT HXT  sing N N 12  
ARG N   CA   sing N N 13  
ARG N   H    sing N N 14  
ARG N   H2   sing N N 15  
ARG CA  C    sing N N 16  
ARG CA  CB   sing N N 17  
ARG CA  HA   sing N N 18  
ARG C   O    doub N N 19  
ARG C   OXT  sing N N 20  
ARG CB  CG   sing N N 21  
ARG CB  HB2  sing N N 22  
ARG CB  HB3  sing N N 23  
ARG CG  CD   sing N N 24  
ARG CG  HG2  sing N N 25  
ARG CG  HG3  sing N N 26  
ARG CD  NE   sing N N 27  
ARG CD  HD2  sing N N 28  
ARG CD  HD3  sing N N 29  
ARG NE  CZ   sing N N 30  
ARG NE  HE   sing N N 31  
ARG CZ  NH1  sing N N 32  
ARG CZ  NH2  doub N N 33  
ARG NH1 HH11 sing N N 34  
ARG NH1 HH12 sing N N 35  
ARG NH2 HH21 sing N N 36  
ARG NH2 HH22 sing N N 37  
ARG OXT HXT  sing N N 38  
ASN N   CA   sing N N 39  
ASN N   H    sing N N 40  
ASN N   H2   sing N N 41  
ASN CA  C    sing N N 42  
ASN CA  CB   sing N N 43  
ASN CA  HA   sing N N 44  
ASN C   O    doub N N 45  
ASN C   OXT  sing N N 46  
ASN CB  CG   sing N N 47  
ASN CB  HB2  sing N N 48  
ASN CB  HB3  sing N N 49  
ASN CG  OD1  doub N N 50  
ASN CG  ND2  sing N N 51  
ASN ND2 HD21 sing N N 52  
ASN ND2 HD22 sing N N 53  
ASN OXT HXT  sing N N 54  
ASP N   CA   sing N N 55  
ASP N   H    sing N N 56  
ASP N   H2   sing N N 57  
ASP CA  C    sing N N 58  
ASP CA  CB   sing N N 59  
ASP CA  HA   sing N N 60  
ASP C   O    doub N N 61  
ASP C   OXT  sing N N 62  
ASP CB  CG   sing N N 63  
ASP CB  HB2  sing N N 64  
ASP CB  HB3  sing N N 65  
ASP CG  OD1  doub N N 66  
ASP CG  OD2  sing N N 67  
ASP OD2 HD2  sing N N 68  
ASP OXT HXT  sing N N 69  
CYS N   CA   sing N N 70  
CYS N   H    sing N N 71  
CYS N   H2   sing N N 72  
CYS CA  C    sing N N 73  
CYS CA  CB   sing N N 74  
CYS CA  HA   sing N N 75  
CYS C   O    doub N N 76  
CYS C   OXT  sing N N 77  
CYS CB  SG   sing N N 78  
CYS CB  HB2  sing N N 79  
CYS CB  HB3  sing N N 80  
CYS SG  HG   sing N N 81  
CYS OXT HXT  sing N N 82  
EDO C1  O1   sing N N 83  
EDO C1  C2   sing N N 84  
EDO C1  H11  sing N N 85  
EDO C1  H12  sing N N 86  
EDO O1  HO1  sing N N 87  
EDO C2  O2   sing N N 88  
EDO C2  H21  sing N N 89  
EDO C2  H22  sing N N 90  
EDO O2  HO2  sing N N 91  
GLN N   CA   sing N N 92  
GLN N   H    sing N N 93  
GLN N   H2   sing N N 94  
GLN CA  C    sing N N 95  
GLN CA  CB   sing N N 96  
GLN CA  HA   sing N N 97  
GLN C   O    doub N N 98  
GLN C   OXT  sing N N 99  
GLN CB  CG   sing N N 100 
GLN CB  HB2  sing N N 101 
GLN CB  HB3  sing N N 102 
GLN CG  CD   sing N N 103 
GLN CG  HG2  sing N N 104 
GLN CG  HG3  sing N N 105 
GLN CD  OE1  doub N N 106 
GLN CD  NE2  sing N N 107 
GLN NE2 HE21 sing N N 108 
GLN NE2 HE22 sing N N 109 
GLN OXT HXT  sing N N 110 
GLU N   CA   sing N N 111 
GLU N   H    sing N N 112 
GLU N   H2   sing N N 113 
GLU CA  C    sing N N 114 
GLU CA  CB   sing N N 115 
GLU CA  HA   sing N N 116 
GLU C   O    doub N N 117 
GLU C   OXT  sing N N 118 
GLU CB  CG   sing N N 119 
GLU CB  HB2  sing N N 120 
GLU CB  HB3  sing N N 121 
GLU CG  CD   sing N N 122 
GLU CG  HG2  sing N N 123 
GLU CG  HG3  sing N N 124 
GLU CD  OE1  doub N N 125 
GLU CD  OE2  sing N N 126 
GLU OE2 HE2  sing N N 127 
GLU OXT HXT  sing N N 128 
GLY N   CA   sing N N 129 
GLY N   H    sing N N 130 
GLY N   H2   sing N N 131 
GLY CA  C    sing N N 132 
GLY CA  HA2  sing N N 133 
GLY CA  HA3  sing N N 134 
GLY C   O    doub N N 135 
GLY C   OXT  sing N N 136 
GLY OXT HXT  sing N N 137 
HIS N   CA   sing N N 138 
HIS N   H    sing N N 139 
HIS N   H2   sing N N 140 
HIS CA  C    sing N N 141 
HIS CA  CB   sing N N 142 
HIS CA  HA   sing N N 143 
HIS C   O    doub N N 144 
HIS C   OXT  sing N N 145 
HIS CB  CG   sing N N 146 
HIS CB  HB2  sing N N 147 
HIS CB  HB3  sing N N 148 
HIS CG  ND1  sing Y N 149 
HIS CG  CD2  doub Y N 150 
HIS ND1 CE1  doub Y N 151 
HIS ND1 HD1  sing N N 152 
HIS CD2 NE2  sing Y N 153 
HIS CD2 HD2  sing N N 154 
HIS CE1 NE2  sing Y N 155 
HIS CE1 HE1  sing N N 156 
HIS NE2 HE2  sing N N 157 
HIS OXT HXT  sing N N 158 
HOH O   H1   sing N N 159 
HOH O   H2   sing N N 160 
ILE N   CA   sing N N 161 
ILE N   H    sing N N 162 
ILE N   H2   sing N N 163 
ILE CA  C    sing N N 164 
ILE CA  CB   sing N N 165 
ILE CA  HA   sing N N 166 
ILE C   O    doub N N 167 
ILE C   OXT  sing N N 168 
ILE CB  CG1  sing N N 169 
ILE CB  CG2  sing N N 170 
ILE CB  HB   sing N N 171 
ILE CG1 CD1  sing N N 172 
ILE CG1 HG12 sing N N 173 
ILE CG1 HG13 sing N N 174 
ILE CG2 HG21 sing N N 175 
ILE CG2 HG22 sing N N 176 
ILE CG2 HG23 sing N N 177 
ILE CD1 HD11 sing N N 178 
ILE CD1 HD12 sing N N 179 
ILE CD1 HD13 sing N N 180 
ILE OXT HXT  sing N N 181 
JGD C03 N02  sing N N 182 
JGD C09 C08  doub Y N 183 
JGD C09 C04  sing Y N 184 
JGD C08 N07  sing Y N 185 
JGD N02 C04  sing N N 186 
JGD N02 C01  sing N N 187 
JGD C04 C05  doub Y N 188 
JGD N07 C06  doub Y N 189 
JGD C05 C06  sing Y N 190 
JGD C01 H011 sing N N 191 
JGD C01 H012 sing N N 192 
JGD C01 H013 sing N N 193 
JGD C03 H032 sing N N 194 
JGD C03 H033 sing N N 195 
JGD C03 H031 sing N N 196 
JGD C05 H051 sing N N 197 
JGD C06 H061 sing N N 198 
JGD C08 H081 sing N N 199 
JGD C09 H091 sing N N 200 
LEU N   CA   sing N N 201 
LEU N   H    sing N N 202 
LEU N   H2   sing N N 203 
LEU CA  C    sing N N 204 
LEU CA  CB   sing N N 205 
LEU CA  HA   sing N N 206 
LEU C   O    doub N N 207 
LEU C   OXT  sing N N 208 
LEU CB  CG   sing N N 209 
LEU CB  HB2  sing N N 210 
LEU CB  HB3  sing N N 211 
LEU CG  CD1  sing N N 212 
LEU CG  CD2  sing N N 213 
LEU CG  HG   sing N N 214 
LEU CD1 HD11 sing N N 215 
LEU CD1 HD12 sing N N 216 
LEU CD1 HD13 sing N N 217 
LEU CD2 HD21 sing N N 218 
LEU CD2 HD22 sing N N 219 
LEU CD2 HD23 sing N N 220 
LEU OXT HXT  sing N N 221 
LYS N   CA   sing N N 222 
LYS N   H    sing N N 223 
LYS N   H2   sing N N 224 
LYS CA  C    sing N N 225 
LYS CA  CB   sing N N 226 
LYS CA  HA   sing N N 227 
LYS C   O    doub N N 228 
LYS C   OXT  sing N N 229 
LYS CB  CG   sing N N 230 
LYS CB  HB2  sing N N 231 
LYS CB  HB3  sing N N 232 
LYS CG  CD   sing N N 233 
LYS CG  HG2  sing N N 234 
LYS CG  HG3  sing N N 235 
LYS CD  CE   sing N N 236 
LYS CD  HD2  sing N N 237 
LYS CD  HD3  sing N N 238 
LYS CE  NZ   sing N N 239 
LYS CE  HE2  sing N N 240 
LYS CE  HE3  sing N N 241 
LYS NZ  HZ1  sing N N 242 
LYS NZ  HZ2  sing N N 243 
LYS NZ  HZ3  sing N N 244 
LYS OXT HXT  sing N N 245 
MET N   CA   sing N N 246 
MET N   H    sing N N 247 
MET N   H2   sing N N 248 
MET CA  C    sing N N 249 
MET CA  CB   sing N N 250 
MET CA  HA   sing N N 251 
MET C   O    doub N N 252 
MET C   OXT  sing N N 253 
MET CB  CG   sing N N 254 
MET CB  HB2  sing N N 255 
MET CB  HB3  sing N N 256 
MET CG  SD   sing N N 257 
MET CG  HG2  sing N N 258 
MET CG  HG3  sing N N 259 
MET SD  CE   sing N N 260 
MET CE  HE1  sing N N 261 
MET CE  HE2  sing N N 262 
MET CE  HE3  sing N N 263 
MET OXT HXT  sing N N 264 
PHE N   CA   sing N N 265 
PHE N   H    sing N N 266 
PHE N   H2   sing N N 267 
PHE CA  C    sing N N 268 
PHE CA  CB   sing N N 269 
PHE CA  HA   sing N N 270 
PHE C   O    doub N N 271 
PHE C   OXT  sing N N 272 
PHE CB  CG   sing N N 273 
PHE CB  HB2  sing N N 274 
PHE CB  HB3  sing N N 275 
PHE CG  CD1  doub Y N 276 
PHE CG  CD2  sing Y N 277 
PHE CD1 CE1  sing Y N 278 
PHE CD1 HD1  sing N N 279 
PHE CD2 CE2  doub Y N 280 
PHE CD2 HD2  sing N N 281 
PHE CE1 CZ   doub Y N 282 
PHE CE1 HE1  sing N N 283 
PHE CE2 CZ   sing Y N 284 
PHE CE2 HE2  sing N N 285 
PHE CZ  HZ   sing N N 286 
PHE OXT HXT  sing N N 287 
PRO N   CA   sing N N 288 
PRO N   CD   sing N N 289 
PRO N   H    sing N N 290 
PRO CA  C    sing N N 291 
PRO CA  CB   sing N N 292 
PRO CA  HA   sing N N 293 
PRO C   O    doub N N 294 
PRO C   OXT  sing N N 295 
PRO CB  CG   sing N N 296 
PRO CB  HB2  sing N N 297 
PRO CB  HB3  sing N N 298 
PRO CG  CD   sing N N 299 
PRO CG  HG2  sing N N 300 
PRO CG  HG3  sing N N 301 
PRO CD  HD2  sing N N 302 
PRO CD  HD3  sing N N 303 
PRO OXT HXT  sing N N 304 
SER N   CA   sing N N 305 
SER N   H    sing N N 306 
SER N   H2   sing N N 307 
SER CA  C    sing N N 308 
SER CA  CB   sing N N 309 
SER CA  HA   sing N N 310 
SER C   O    doub N N 311 
SER C   OXT  sing N N 312 
SER CB  OG   sing N N 313 
SER CB  HB2  sing N N 314 
SER CB  HB3  sing N N 315 
SER OG  HG   sing N N 316 
SER OXT HXT  sing N N 317 
SO4 S   O1   doub N N 318 
SO4 S   O2   doub N N 319 
SO4 S   O3   sing N N 320 
SO4 S   O4   sing N N 321 
THR N   CA   sing N N 322 
THR N   H    sing N N 323 
THR N   H2   sing N N 324 
THR CA  C    sing N N 325 
THR CA  CB   sing N N 326 
THR CA  HA   sing N N 327 
THR C   O    doub N N 328 
THR C   OXT  sing N N 329 
THR CB  OG1  sing N N 330 
THR CB  CG2  sing N N 331 
THR CB  HB   sing N N 332 
THR OG1 HG1  sing N N 333 
THR CG2 HG21 sing N N 334 
THR CG2 HG22 sing N N 335 
THR CG2 HG23 sing N N 336 
THR OXT HXT  sing N N 337 
TRP N   CA   sing N N 338 
TRP N   H    sing N N 339 
TRP N   H2   sing N N 340 
TRP CA  C    sing N N 341 
TRP CA  CB   sing N N 342 
TRP CA  HA   sing N N 343 
TRP C   O    doub N N 344 
TRP C   OXT  sing N N 345 
TRP CB  CG   sing N N 346 
TRP CB  HB2  sing N N 347 
TRP CB  HB3  sing N N 348 
TRP CG  CD1  doub Y N 349 
TRP CG  CD2  sing Y N 350 
TRP CD1 NE1  sing Y N 351 
TRP CD1 HD1  sing N N 352 
TRP CD2 CE2  doub Y N 353 
TRP CD2 CE3  sing Y N 354 
TRP NE1 CE2  sing Y N 355 
TRP NE1 HE1  sing N N 356 
TRP CE2 CZ2  sing Y N 357 
TRP CE3 CZ3  doub Y N 358 
TRP CE3 HE3  sing N N 359 
TRP CZ2 CH2  doub Y N 360 
TRP CZ2 HZ2  sing N N 361 
TRP CZ3 CH2  sing Y N 362 
TRP CZ3 HZ3  sing N N 363 
TRP CH2 HH2  sing N N 364 
TRP OXT HXT  sing N N 365 
TYR N   CA   sing N N 366 
TYR N   H    sing N N 367 
TYR N   H2   sing N N 368 
TYR CA  C    sing N N 369 
TYR CA  CB   sing N N 370 
TYR CA  HA   sing N N 371 
TYR C   O    doub N N 372 
TYR C   OXT  sing N N 373 
TYR CB  CG   sing N N 374 
TYR CB  HB2  sing N N 375 
TYR CB  HB3  sing N N 376 
TYR CG  CD1  doub Y N 377 
TYR CG  CD2  sing Y N 378 
TYR CD1 CE1  sing Y N 379 
TYR CD1 HD1  sing N N 380 
TYR CD2 CE2  doub Y N 381 
TYR CD2 HD2  sing N N 382 
TYR CE1 CZ   doub Y N 383 
TYR CE1 HE1  sing N N 384 
TYR CE2 CZ   sing Y N 385 
TYR CE2 HE2  sing N N 386 
TYR CZ  OH   sing N N 387 
TYR OH  HH   sing N N 388 
TYR OXT HXT  sing N N 389 
VAL N   CA   sing N N 390 
VAL N   H    sing N N 391 
VAL N   H2   sing N N 392 
VAL CA  C    sing N N 393 
VAL CA  CB   sing N N 394 
VAL CA  HA   sing N N 395 
VAL C   O    doub N N 396 
VAL C   OXT  sing N N 397 
VAL CB  CG1  sing N N 398 
VAL CB  CG2  sing N N 399 
VAL CB  HB   sing N N 400 
VAL CG1 HG11 sing N N 401 
VAL CG1 HG12 sing N N 402 
VAL CG1 HG13 sing N N 403 
VAL CG2 HG21 sing N N 404 
VAL CG2 HG22 sing N N 405 
VAL CG2 HG23 sing N N 406 
VAL OXT HXT  sing N N 407 
# 
_pdbx_audit_support.ordinal                1 
_pdbx_audit_support.funding_organization   'European Union (EU)' 
_pdbx_audit_support.grant_number           875510 
_pdbx_audit_support.country                'European Union' 
# 
_pdbx_deposit_group.group_id            G_1002320 
_pdbx_deposit_group.group_description   
;PRYSPRY domain of murine TRIM21 screened against the DSI-poised Fragment Library by X-ray Crystallography at the XChem facility of Diamon Light Source
;
_pdbx_deposit_group.group_title         'PanDDA analysis group deposition' 
_pdbx_deposit_group.group_type          'changed state' 
# 
_pdbx_initial_refinement_model.id               1 
_pdbx_initial_refinement_model.entity_id_list   ? 
_pdbx_initial_refinement_model.type             'experimental model' 
_pdbx_initial_refinement_model.source_name      PDB 
_pdbx_initial_refinement_model.accession_code   2VOK 
_pdbx_initial_refinement_model.details          ? 
# 
_atom_sites.entry_id                    7HNZ 
_atom_sites.fract_transf_matrix[1][1]   0.00205038 
_atom_sites.fract_transf_matrix[1][2]   0.00305476 
_atom_sites.fract_transf_matrix[1][3]   0.00982260 
_atom_sites.fract_transf_matrix[2][1]   0.01028473 
_atom_sites.fract_transf_matrix[2][2]   -0.00041533 
_atom_sites.fract_transf_matrix[2][3]   -0.00201768 
_atom_sites.fract_transf_matrix[3][1]   -0.00041397 
_atom_sites.fract_transf_matrix[3][2]   0.02088971 
_atom_sites.fract_transf_matrix[3][3]   -0.00641013 
_atom_sites.fract_transf_vector[1]      -0.298264 
_atom_sites.fract_transf_vector[2]      -0.116750 
_atom_sites.fract_transf_vector[3]      -0.503655 
# 
loop_
_atom_type.symbol 
C 
N 
O 
S 
# 
loop_
_atom_site.group_PDB 
_atom_site.id 
_atom_site.type_symbol 
_atom_site.label_atom_id 
_atom_site.label_alt_id 
_atom_site.label_comp_id 
_atom_site.label_asym_id 
_atom_site.label_entity_id 
_atom_site.label_seq_id 
_atom_site.pdbx_PDB_ins_code 
_atom_site.Cartn_x 
_atom_site.Cartn_y 
_atom_site.Cartn_z 
_atom_site.occupancy 
_atom_site.B_iso_or_equiv 
_atom_site.pdbx_formal_charge 
_atom_site.auth_seq_id 
_atom_site.auth_comp_id 
_atom_site.auth_asym_id 
_atom_site.auth_atom_id 
_atom_site.pdbx_PDB_model_num 
ATOM   1    N N   . HIS A 1 2   ? 1.246   17.057  10.545  1.00 50.62 ? 8   HIS B N   1 
ATOM   2    C CA  . HIS A 1 2   ? 0.680   16.057  11.523  1.00 46.04 ? 8   HIS B CA  1 
ATOM   3    C C   . HIS A 1 2   ? 1.710   15.752  12.618  1.00 43.76 ? 8   HIS B C   1 
ATOM   4    O O   . HIS A 1 2   ? 2.915   16.058  12.426  1.00 45.02 ? 8   HIS B O   1 
ATOM   5    C CB  . HIS A 1 2   ? 0.216   14.772  10.801  1.00 39.96 ? 8   HIS B CB  1 
ATOM   6    C CG  . HIS A 1 2   ? 1.323   13.924  10.261  1.00 34.52 ? 8   HIS B CG  1 
ATOM   7    N ND1 . HIS A 1 2   ? 2.006   13.009  11.048  1.00 34.52 ? 8   HIS B ND1 1 
ATOM   8    C CD2 . HIS A 1 2   ? 1.859   13.829  9.025   1.00 32.17 ? 8   HIS B CD2 1 
ATOM   9    C CE1 . HIS A 1 2   ? 2.927   12.403  10.317  1.00 32.40 ? 8   HIS B CE1 1 
ATOM   10   N NE2 . HIS A 1 2   ? 2.877   12.904  9.070   1.00 27.67 ? 8   HIS B NE2 1 
ATOM   11   N N   . HIS A 1 3   ? 1.255   15.122  13.701  1.00 39.58 ? 9   HIS B N   1 
ATOM   12   C CA  . HIS A 1 3   ? 2.079   14.748  14.881  1.00 38.79 ? 9   HIS B CA  1 
ATOM   13   C C   . HIS A 1 3   ? 1.957   13.242  15.171  1.00 33.59 ? 9   HIS B C   1 
ATOM   14   O O   . HIS A 1 3   ? 1.989   12.874  16.361  1.00 34.99 ? 9   HIS B O   1 
ATOM   15   C CB  . HIS A 1 3   ? 1.690   15.679  16.047  1.00 45.72 ? 9   HIS B CB  1 
ATOM   16   C CG  . HIS A 1 3   ? 1.908   17.121  15.700  1.00 53.83 ? 9   HIS B CG  1 
ATOM   17   N ND1 . HIS A 1 3   ? 3.179   17.674  15.588  1.00 56.07 ? 9   HIS B ND1 1 
ATOM   18   C CD2 . HIS A 1 3   ? 1.041   18.108  15.382  1.00 58.62 ? 9   HIS B CD2 1 
ATOM   19   C CE1 . HIS A 1 3   ? 3.080   18.942  15.239  1.00 57.66 ? 9   HIS B CE1 1 
ATOM   20   N NE2 . HIS A 1 3   ? 1.778   19.235  15.113  1.00 59.76 ? 9   HIS B NE2 1 
ATOM   21   N N   . HIS A 1 4   ? 1.889   12.394  14.122  1.00 27.78 ? 10  HIS B N   1 
ATOM   22   C CA  . HIS A 1 4   ? 1.649   10.921  14.214  1.00 22.88 ? 10  HIS B CA  1 
ATOM   23   C C   . HIS A 1 4   ? 2.977   10.155  14.199  1.00 24.09 ? 10  HIS B C   1 
ATOM   24   O O   . HIS A 1 4   ? 2.964   8.937   14.420  1.00 21.53 ? 10  HIS B O   1 
ATOM   25   C CB  . HIS A 1 4   ? 0.750   10.403  13.066  1.00 24.44 ? 10  HIS B CB  1 
ATOM   26   C CG  . HIS A 1 4   ? -0.618  10.989  13.013  1.00 25.71 ? 10  HIS B CG  1 
ATOM   27   N ND1 . HIS A 1 4   ? -1.462  11.047  14.114  1.00 23.81 ? 10  HIS B ND1 1 
ATOM   28   C CD2 . HIS A 1 4   ? -1.310  11.525  11.983  1.00 25.01 ? 10  HIS B CD2 1 
ATOM   29   C CE1 . HIS A 1 4   ? -2.603  11.614  13.760  1.00 28.77 ? 10  HIS B CE1 1 
ATOM   30   N NE2 . HIS A 1 4   ? -2.533  11.901  12.463  1.00 28.01 ? 10  HIS B NE2 1 
ATOM   31   N N   . HIS A 1 5   ? 4.101   10.836  13.982  1.00 25.74 ? 11  HIS B N   1 
ATOM   32   C CA  . HIS A 1 5   ? 5.425   10.202  13.762  1.00 26.57 ? 11  HIS B CA  1 
ATOM   33   C C   . HIS A 1 5   ? 5.808   9.276   14.920  1.00 24.27 ? 11  HIS B C   1 
ATOM   34   O O   . HIS A 1 5   ? 6.425   8.244   14.634  1.00 25.49 ? 11  HIS B O   1 
ATOM   35   C CB  . HIS A 1 5   ? 6.529   11.250  13.516  1.00 31.67 ? 11  HIS B CB  1 
ATOM   36   C CG  . HIS A 1 5   ? 6.219   12.176  12.393  1.00 37.10 ? 11  HIS B CG  1 
ATOM   37   N ND1 . HIS A 1 5   ? 5.506   13.356  12.583  1.00 42.12 ? 11  HIS B ND1 1 
ATOM   38   C CD2 . HIS A 1 5   ? 6.484   12.093  11.068  1.00 39.27 ? 11  HIS B CD2 1 
ATOM   39   C CE1 . HIS A 1 5   ? 5.357   13.970  11.420  1.00 42.02 ? 11  HIS B CE1 1 
ATOM   40   N NE2 . HIS A 1 5   ? 5.945   13.212  10.469  1.00 41.09 ? 11  HIS B NE2 1 
ATOM   41   N N   . HIS A 1 6   ? 5.448   9.588   16.175  1.00 23.70 ? 12  HIS B N   1 
ATOM   42   C CA  . HIS A 1 6   ? 5.826   8.781   17.364  1.00 25.25 ? 12  HIS B CA  1 
ATOM   43   C C   . HIS A 1 6   ? 5.137   7.412   17.374  1.00 23.01 ? 12  HIS B C   1 
ATOM   44   O O   . HIS A 1 6   ? 5.530   6.582   18.198  1.00 24.77 ? 12  HIS B O   1 
ATOM   45   C CB  . HIS A 1 6   ? 5.537   9.549   18.662  1.00 29.39 ? 12  HIS B CB  1 
ATOM   46   C CG  . HIS A 1 6   ? 4.123   9.984   18.812  1.00 27.74 ? 12  HIS B CG  1 
ATOM   47   N ND1 . HIS A 1 6   ? 3.273   9.433   19.768  1.00 34.10 ? 12  HIS B ND1 1 
ATOM   48   C CD2 . HIS A 1 6   ? 3.406   10.931  18.172  1.00 28.81 ? 12  HIS B CD2 1 
ATOM   49   C CE1 . HIS A 1 6   ? 2.096   10.017  19.693  1.00 28.15 ? 12  HIS B CE1 1 
ATOM   50   N NE2 . HIS A 1 6   ? 2.145   10.935  18.722  1.00 33.26 ? 12  HIS B NE2 1 
ATOM   51   N N   . HIS A 1 7   ? 4.110   7.162   16.545  1.00 19.27 ? 13  HIS B N   1 
ATOM   52   C CA  . HIS A 1 7   ? 3.470   5.827   16.378  1.00 17.22 ? 13  HIS B CA  1 
ATOM   53   C C   . HIS A 1 7   ? 4.175   5.001   15.308  1.00 15.37 ? 13  HIS B C   1 
ATOM   54   O O   . HIS A 1 7   ? 3.590   4.014   14.875  1.00 14.36 ? 13  HIS B O   1 
ATOM   55   C CB  . HIS A 1 7   ? 2.004   5.987   16.032  1.00 16.77 ? 13  HIS B CB  1 
ATOM   56   C CG  . HIS A 1 7   ? 1.244   6.717   17.093  1.00 17.15 ? 13  HIS B CG  1 
ATOM   57   N ND1 . HIS A 1 7   ? 1.121   6.199   18.375  1.00 17.34 ? 13  HIS B ND1 1 
ATOM   58   C CD2 . HIS A 1 7   ? 0.565   7.876   17.052  1.00 18.06 ? 13  HIS B CD2 1 
ATOM   59   C CE1 . HIS A 1 7   ? 0.435   7.059   19.093  1.00 18.50 ? 13  HIS B CE1 1 
ATOM   60   N NE2 . HIS A 1 7   ? 0.058   8.078   18.325  1.00 19.51 ? 13  HIS B NE2 1 
ATOM   61   N N   . MET A 1 8   ? 5.329   5.440   14.844  1.00 15.25 ? 14  MET B N   1 
ATOM   62   C CA  . MET A 1 8   ? 6.110   4.744   13.791  1.00 17.69 ? 14  MET B CA  1 
ATOM   63   C C   . MET A 1 8   ? 6.257   3.267   14.126  1.00 16.95 ? 14  MET B C   1 
ATOM   64   O O   . MET A 1 8   ? 6.659   2.883   15.278  1.00 19.98 ? 14  MET B O   1 
ATOM   65   C CB  . MET A 1 8   ? 7.510   5.350   13.656  1.00 20.99 ? 14  MET B CB  1 
ATOM   66   C CG  . MET A 1 8   ? 8.376   4.742   12.558  1.00 26.63 ? 14  MET B CG  1 
ATOM   67   S SD  . MET A 1 8   ? 7.838   5.186   10.863  1.00 38.17 ? 14  MET B SD  1 
ATOM   68   C CE  . MET A 1 8   ? 8.562   6.813   10.709  1.00 32.09 ? 14  MET B CE  1 
ATOM   69   N N   . VAL A 1 9   ? 6.051   2.418   13.141  1.00 14.99 ? 15  VAL B N   1 
ATOM   70   C CA  . VAL A 1 9   ? 6.267   0.955   13.238  1.00 16.31 ? 15  VAL B CA  1 
ATOM   71   C C   . VAL A 1 9   ? 7.221   0.544   12.110  1.00 15.84 ? 15  VAL B C   1 
ATOM   72   O O   . VAL A 1 9   ? 7.170   1.113   11.016  1.00 15.89 ? 15  VAL B O   1 
ATOM   73   C CB  . VAL A 1 9   ? 4.961   0.144   13.212  1.00 17.04 ? 15  VAL B CB  1 
ATOM   74   C CG1 . VAL A 1 9   ? 4.153   0.362   14.472  1.00 20.36 ? 15  VAL B CG1 1 
ATOM   75   C CG2 . VAL A 1 9   ? 4.102   0.442   12.003  1.00 18.48 ? 15  VAL B CG2 1 
ATOM   76   N N   . HIS A 1 10  ? 8.035   -0.471  12.363  1.00 15.85 ? 16  HIS B N   1 
ATOM   77   C CA  . HIS A 1 10  ? 8.997   -1.031  11.390  1.00 16.23 ? 16  HIS B CA  1 
ATOM   78   C C   . HIS A 1 10  ? 8.295   -2.108  10.567  1.00 16.50 ? 16  HIS B C   1 
ATOM   79   O O   . HIS A 1 10  ? 7.999   -3.188  11.068  1.00 20.18 ? 16  HIS B O   1 
ATOM   80   C CB  . HIS A 1 10  ? 10.205  -1.599  12.129  1.00 17.55 ? 16  HIS B CB  1 
ATOM   81   C CG  . HIS A 1 10  ? 11.303  -2.015  11.209  1.00 21.27 ? 16  HIS B CG  1 
ATOM   82   N ND1 . HIS A 1 10  ? 12.172  -1.114  10.660  1.00 24.31 ? 16  HIS B ND1 1 
ATOM   83   C CD2 . HIS A 1 10  ? 11.637  -3.228  10.720  1.00 24.81 ? 16  HIS B CD2 1 
ATOM   84   C CE1 . HIS A 1 10  ? 13.041  -1.754  9.896   1.00 23.00 ? 16  HIS B CE1 1 
ATOM   85   N NE2 . HIS A 1 10  ? 12.723  -3.059  9.907   1.00 27.48 ? 16  HIS B NE2 1 
ATOM   86   N N   . ILE A 1 11  ? 7.923   -1.765  9.347   1.00 13.13 ? 17  ILE B N   1 
ATOM   87   C CA  . ILE A 1 11  ? 7.220   -2.704  8.452   1.00 13.26 ? 17  ILE B CA  1 
ATOM   88   C C   . ILE A 1 11  ? 8.258   -3.491  7.632   1.00 13.07 ? 17  ILE B C   1 
ATOM   89   O O   . ILE A 1 11  ? 9.203   -2.909  7.165   1.00 13.10 ? 17  ILE B O   1 
ATOM   90   C CB  . ILE A 1 11  ? 6.252   -1.935  7.535   1.00 13.05 ? 17  ILE B CB  1 
ATOM   91   C CG1 . ILE A 1 11  ? 5.211   -1.174  8.371   1.00 14.21 ? 17  ILE B CG1 1 
ATOM   92   C CG2 . ILE A 1 11  ? 5.577   -2.881  6.543   1.00 13.14 ? 17  ILE B CG2 1 
ATOM   93   C CD1 . ILE A 1 11  ? 4.454   -2.002  9.406   1.00 14.05 ? 17  ILE B CD1 1 
ATOM   94   N N   . THR A 1 12  ? 7.978   -4.760  7.425   1.00 12.72 ? 18  THR B N   1 
ATOM   95   C CA  . THR A 1 12  ? 8.756   -5.621  6.489   1.00 13.55 ? 18  THR B CA  1 
ATOM   96   C C   . THR A 1 12  ? 7.765   -6.311  5.561   1.00 14.12 ? 18  THR B C   1 
ATOM   97   O O   . THR A 1 12  ? 6.580   -6.532  5.930   1.00 15.01 ? 18  THR B O   1 
ATOM   98   C CB  . THR A 1 12  ? 9.671   -6.601  7.217   1.00 15.42 ? 18  THR B CB  1 
ATOM   99   O OG1 . THR A 1 12  ? 8.886   -7.453  8.031   1.00 17.82 ? 18  THR B OG1 1 
ATOM   100  C CG2 . THR A 1 12  ? 10.759  -5.916  8.021   1.00 16.90 ? 18  THR B CG2 1 
ATOM   101  N N   . LEU A 1 13  ? 8.236   -6.645  4.355   1.00 12.20 ? 19  LEU B N   1 
ATOM   102  C CA  . LEU A 1 13  ? 7.359   -7.277  3.342   1.00 12.45 ? 19  LEU B CA  1 
ATOM   103  C C   . LEU A 1 13  ? 7.344   -8.789  3.514   1.00 12.30 ? 19  LEU B C   1 
ATOM   104  O O   . LEU A 1 13  ? 8.407   -9.394  3.835   1.00 14.00 ? 19  LEU B O   1 
ATOM   105  C CB  . LEU A 1 13  ? 7.887   -6.887  1.977   1.00 12.21 ? 19  LEU B CB  1 
ATOM   106  C CG  . LEU A 1 13  ? 7.801   -5.398  1.732   1.00 11.85 ? 19  LEU B CG  1 
ATOM   107  C CD1 . LEU A 1 13  ? 8.496   -5.004  0.430   1.00 14.17 ? 19  LEU B CD1 1 
ATOM   108  C CD2 . LEU A 1 13  ? 6.352   -4.895  1.742   1.00 13.83 ? 19  LEU B CD2 1 
ATOM   109  N N   . ASP A 1 14  ? 6.208   -9.402  3.313   1.00 11.34 ? 20  ASP B N   1 
ATOM   110  C CA  . ASP A 1 14  ? 5.992   -10.867 3.420   1.00 11.96 ? 20  ASP B CA  1 
ATOM   111  C C   . ASP A 1 14  ? 6.089   -11.488 2.001   1.00 12.44 ? 20  ASP B C   1 
ATOM   112  O O   . ASP A 1 14  ? 5.140   -11.433 1.243   1.00 11.68 ? 20  ASP B O   1 
ATOM   113  C CB  . ASP A 1 14  ? 4.651   -11.171 4.082   1.00 12.32 ? 20  ASP B CB  1 
ATOM   114  C CG  . ASP A 1 14  ? 4.350   -12.643 4.294   1.00 14.92 ? 20  ASP B CG  1 
ATOM   115  O OD1 . ASP A 1 14  ? 5.106   -13.480 3.720   1.00 15.44 ? 20  ASP B OD1 1 
ATOM   116  O OD2 . ASP A 1 14  ? 3.324   -13.008 4.930   1.00 16.10 ? 20  ASP B OD2 1 
ATOM   117  N N   A ARG A 1 15  ? 7.264   -12.076 1.720   0.25 13.35 ? 21  ARG B N   1 
ATOM   118  N N   B ARG A 1 15  ? 7.253   -12.076 1.691   0.25 13.80 ? 21  ARG B N   1 
ATOM   119  C CA  A ARG A 1 15  ? 7.631   -12.761 0.446   0.25 14.24 ? 21  ARG B CA  1 
ATOM   120  C CA  B ARG A 1 15  ? 7.563   -12.685 0.364   0.25 14.84 ? 21  ARG B CA  1 
ATOM   121  C C   A ARG A 1 15  ? 6.536   -13.719 -0.001  0.25 13.79 ? 21  ARG B C   1 
ATOM   122  C C   B ARG A 1 15  ? 6.509   -13.723 -0.022  0.25 14.24 ? 21  ARG B C   1 
ATOM   123  O O   A ARG A 1 15  ? 6.304   -13.830 -1.219  0.25 13.65 ? 21  ARG B O   1 
ATOM   124  O O   B ARG A 1 15  ? 6.249   -13.878 -1.230  0.25 14.03 ? 21  ARG B O   1 
ATOM   125  C CB  A ARG A 1 15  ? 8.912   -13.589 0.625   0.25 15.69 ? 21  ARG B CB  1 
ATOM   126  C CB  B ARG A 1 15  ? 8.941   -13.362 0.371   0.25 17.23 ? 21  ARG B CB  1 
ATOM   127  C CG  A ARG A 1 15  ? 10.133  -12.749 0.970   0.25 17.70 ? 21  ARG B CG  1 
ATOM   128  C CG  B ARG A 1 15  ? 10.107  -12.399 0.219   0.25 19.59 ? 21  ARG B CG  1 
ATOM   129  C CD  A ARG A 1 15  ? 11.413  -13.568 1.053   0.25 18.16 ? 21  ARG B CD  1 
ATOM   130  C CD  B ARG A 1 15  ? 10.915  -12.222 1.494   0.25 22.30 ? 21  ARG B CD  1 
ATOM   131  N NE  A ARG A 1 15  ? 12.545  -12.663 1.100   0.25 18.93 ? 21  ARG B NE  1 
ATOM   132  N NE  B ARG A 1 15  ? 11.896  -13.276 1.768   0.25 23.71 ? 21  ARG B NE  1 
ATOM   133  C CZ  A ARG A 1 15  ? 12.965  -11.975 0.059   0.25 18.80 ? 21  ARG B CZ  1 
ATOM   134  C CZ  B ARG A 1 15  ? 11.703  -14.321 2.578   0.25 26.89 ? 21  ARG B CZ  1 
ATOM   135  N NH1 A ARG A 1 15  ? 12.368  -12.136 -1.104  0.25 19.95 ? 21  ARG B NH1 1 
ATOM   136  N NH1 B ARG A 1 15  ? 10.548  -14.499 3.191   0.25 28.56 ? 21  ARG B NH1 1 
ATOM   137  N NH2 A ARG A 1 15  ? 13.981  -11.145 0.175   0.25 19.65 ? 21  ARG B NH2 1 
ATOM   138  N NH2 B ARG A 1 15  ? 12.668  -15.204 2.755   0.25 28.41 ? 21  ARG B NH2 1 
ATOM   139  N N   . ASN A 1 16  ? 5.937   -14.440 0.945   1.00 13.13 ? 22  ASN B N   1 
ATOM   140  C CA  . ASN A 1 16  ? 4.969   -15.502 0.640   1.00 14.78 ? 22  ASN B CA  1 
ATOM   141  C C   . ASN A 1 16  ? 3.712   -14.957 -0.018  1.00 13.29 ? 22  ASN B C   1 
ATOM   142  O O   . ASN A 1 16  ? 3.016   -15.702 -0.683  1.00 13.07 ? 22  ASN B O   1 
ATOM   143  C CB  . ASN A 1 16  ? 4.694   -16.344 1.887   1.00 17.88 ? 22  ASN B CB  1 
ATOM   144  C CG  . ASN A 1 16  ? 5.825   -17.313 2.158   1.00 24.90 ? 22  ASN B CG  1 
ATOM   145  O OD1 . ASN A 1 16  ? 6.596   -17.645 1.261   1.00 32.02 ? 22  ASN B OD1 1 
ATOM   146  N ND2 . ASN A 1 16  ? 5.942   -17.740 3.402   1.00 36.83 ? 22  ASN B ND2 1 
ATOM   147  N N   . THR A 1 17  ? 3.381   -13.670 0.233   1.00 11.39 ? 23  THR B N   1 
ATOM   148  C CA  . THR A 1 17  ? 2.163   -13.028 -0.283  1.00 10.88 ? 23  THR B CA  1 
ATOM   149  C C   . THR A 1 17  ? 2.408   -12.394 -1.652  1.00 10.33 ? 23  THR B C   1 
ATOM   150  O O   . THR A 1 17  ? 1.440   -11.976 -2.307  1.00 10.51 ? 23  THR B O   1 
ATOM   151  C CB  . THR A 1 17  ? 1.588   -11.963 0.667   1.00 11.38 ? 23  THR B CB  1 
ATOM   152  O OG1 . THR A 1 17  ? 2.476   -10.846 0.726   1.00 11.72 ? 23  THR B OG1 1 
ATOM   153  C CG2 . THR A 1 17  ? 1.243   -12.579 2.017   1.00 11.99 ? 23  THR B CG2 1 
ATOM   154  N N   . ALA A 1 18  ? 3.663   -12.254 -2.027  1.00 10.23 ? 24  ALA B N   1 
ATOM   155  C CA  . ALA A 1 18  ? 4.037   -11.445 -3.214  1.00 10.57 ? 24  ALA B CA  1 
ATOM   156  C C   . ALA A 1 18  ? 3.558   -12.115 -4.496  1.00 10.78 ? 24  ALA B C   1 
ATOM   157  O O   . ALA A 1 18  ? 3.740   -13.354 -4.699  1.00 12.29 ? 24  ALA B O   1 
ATOM   158  C CB  . ALA A 1 18  ? 5.514   -11.245 -3.275  1.00 11.68 ? 24  ALA B CB  1 
ATOM   159  N N   . ASN A 1 19  ? 3.091   -11.365 -5.444  1.00 10.37 ? 25  ASN B N   1 
ATOM   160  C CA  . ASN A 1 19  ? 2.998   -11.831 -6.836  1.00 10.37 ? 25  ASN B CA  1 
ATOM   161  C C   . ASN A 1 19  ? 4.362   -12.391 -7.252  1.00 9.72  ? 25  ASN B C   1 
ATOM   162  O O   . ASN A 1 19  ? 5.407   -11.889 -6.872  1.00 9.70  ? 25  ASN B O   1 
ATOM   163  C CB  . ASN A 1 19  ? 2.537   -10.667 -7.697  1.00 11.44 ? 25  ASN B CB  1 
ATOM   164  C CG  . ASN A 1 19  ? 2.503   -11.011 -9.158  1.00 12.28 ? 25  ASN B CG  1 
ATOM   165  O OD1 . ASN A 1 19  ? 3.500   -10.933 -9.868  1.00 12.55 ? 25  ASN B OD1 1 
ATOM   166  N ND2 . ASN A 1 19  ? 1.353   -11.434 -9.589  1.00 15.93 ? 25  ASN B ND2 1 
ATOM   167  N N   . SER A 1 20  ? 4.307   -13.443 -8.063  1.00 9.98  ? 26  SER B N   1 
ATOM   168  C CA  . SER A 1 20  ? 5.500   -14.222 -8.469  1.00 10.51 ? 26  SER B CA  1 
ATOM   169  C C   . SER A 1 20  ? 6.459   -13.405 -9.324  1.00 10.71 ? 26  SER B C   1 
ATOM   170  O O   . SER A 1 20  ? 7.589   -13.929 -9.506  1.00 11.48 ? 26  SER B O   1 
ATOM   171  C CB  . SER A 1 20  ? 5.084   -15.472 -9.222  1.00 11.81 ? 26  SER B CB  1 
ATOM   172  O OG  . SER A 1 20  ? 4.364   -15.092 -10.375 1.00 13.62 ? 26  SER B OG  1 
ATOM   173  N N   . TRP A 1 21  ? 6.138   -12.236 -9.840  1.00 9.67  ? 27  TRP B N   1 
ATOM   174  C CA  . TRP A 1 21  ? 7.079   -11.402 -10.608 1.00 10.42 ? 27  TRP B CA  1 
ATOM   175  C C   . TRP A 1 21  ? 7.820   -10.379 -9.739  1.00 10.24 ? 27  TRP B C   1 
ATOM   176  O O   . TRP A 1 21  ? 8.672   -9.662  -10.264 1.00 11.00 ? 27  TRP B O   1 
ATOM   177  C CB  . TRP A 1 21  ? 6.342   -10.718 -11.741 1.00 11.34 ? 27  TRP B CB  1 
ATOM   178  C CG  . TRP A 1 21  ? 5.967   -11.631 -12.874 1.00 11.25 ? 27  TRP B CG  1 
ATOM   179  C CD1 . TRP A 1 21  ? 5.414   -12.873 -12.802 1.00 11.46 ? 27  TRP B CD1 1 
ATOM   180  C CD2 . TRP A 1 21  ? 6.149   -11.338 -14.258 1.00 13.02 ? 27  TRP B CD2 1 
ATOM   181  N NE1 . TRP A 1 21  ? 5.233   -13.371 -14.072 1.00 13.29 ? 27  TRP B NE1 1 
ATOM   182  C CE2 . TRP A 1 21  ? 5.630   -12.444 -14.964 1.00 12.56 ? 27  TRP B CE2 1 
ATOM   183  C CE3 . TRP A 1 21  ? 6.667   -10.248 -14.960 1.00 15.47 ? 27  TRP B CE3 1 
ATOM   184  C CZ2 . TRP A 1 21  ? 5.649   -12.487 -16.368 1.00 15.83 ? 27  TRP B CZ2 1 
ATOM   185  C CZ3 . TRP A 1 21  ? 6.641   -10.276 -16.349 1.00 17.89 ? 27  TRP B CZ3 1 
ATOM   186  C CH2 . TRP A 1 21  ? 6.114   -11.373 -17.028 1.00 18.23 ? 27  TRP B CH2 1 
ATOM   187  N N   . LEU A 1 22  ? 7.442   -10.289 -8.447  1.00 10.23 ? 28  LEU B N   1 
ATOM   188  C CA  . LEU A 1 22  ? 8.074   -9.245  -7.602  1.00 10.63 ? 28  LEU B CA  1 
ATOM   189  C C   . LEU A 1 22  ? 9.432   -9.725  -7.099  1.00 10.91 ? 28  LEU B C   1 
ATOM   190  O O   . LEU A 1 22  ? 9.646   -10.892 -6.780  1.00 11.60 ? 28  LEU B O   1 
ATOM   191  C CB  . LEU A 1 22  ? 7.160   -8.910  -6.424  1.00 10.29 ? 28  LEU B CB  1 
ATOM   192  C CG  . LEU A 1 22  ? 5.815   -8.294  -6.802  1.00 10.82 ? 28  LEU B CG  1 
ATOM   193  C CD1 . LEU A 1 22  ? 5.007   -7.944  -5.564  1.00 11.16 ? 28  LEU B CD1 1 
ATOM   194  C CD2 . LEU A 1 22  ? 5.937   -7.074  -7.671  1.00 11.47 ? 28  LEU B CD2 1 
ATOM   195  N N   . ILE A 1 23  ? 10.279  -8.741  -6.914  1.00 10.68 ? 29  ILE B N   1 
ATOM   196  C CA  . ILE A 1 23  ? 11.629  -8.906  -6.311  1.00 12.37 ? 29  ILE B CA  1 
ATOM   197  C C   . ILE A 1 23  ? 11.681  -8.052  -5.048  1.00 12.03 ? 29  ILE B C   1 
ATOM   198  O O   . ILE A 1 23  ? 11.606  -6.808  -5.120  1.00 12.22 ? 29  ILE B O   1 
ATOM   199  C CB  . ILE A 1 23  ? 12.715  -8.491  -7.276  1.00 12.23 ? 29  ILE B CB  1 
ATOM   200  C CG1 . ILE A 1 23  ? 12.684  -9.347  -8.562  1.00 12.92 ? 29  ILE B CG1 1 
ATOM   201  C CG2 . ILE A 1 23  ? 14.096  -8.612  -6.603  1.00 14.42 ? 29  ILE B CG2 1 
ATOM   202  C CD1 . ILE A 1 23  ? 13.574  -8.864  -9.628  1.00 15.37 ? 29  ILE B CD1 1 
ATOM   203  N N   . ILE A 1 24  ? 11.799  -8.737  -3.932  1.00 14.13 ? 30  ILE B N   1 
ATOM   204  C CA  . ILE A 1 24  ? 11.898  -8.082  -2.594  1.00 13.96 ? 30  ILE B CA  1 
ATOM   205  C C   . ILE A 1 24  ? 13.332  -8.091  -2.099  1.00 14.83 ? 30  ILE B C   1 
ATOM   206  O O   . ILE A 1 24  ? 14.059  -9.140  -2.248  1.00 15.91 ? 30  ILE B O   1 
ATOM   207  C CB  . ILE A 1 24  ? 10.966  -8.790  -1.637  1.00 14.88 ? 30  ILE B CB  1 
ATOM   208  C CG1 . ILE A 1 24  ? 9.521   -8.523  -2.022  1.00 17.79 ? 30  ILE B CG1 1 
ATOM   209  C CG2 . ILE A 1 24  ? 11.194  -8.356  -0.180  1.00 16.19 ? 30  ILE B CG2 1 
ATOM   210  C CD1 . ILE A 1 24  ? 8.595   -9.355  -1.354  1.00 18.80 ? 30  ILE B CD1 1 
ATOM   211  N N   . SER A 1 25  ? 13.852  -6.984  -1.635  1.00 15.12 ? 31  SER B N   1 
ATOM   212  C CA  . SER A 1 25  ? 15.242  -6.885  -1.177  1.00 15.67 ? 31  SER B CA  1 
ATOM   213  C C   . SER A 1 25  ? 15.518  -7.808  0.017   1.00 13.80 ? 31  SER B C   1 
ATOM   214  O O   . SER A 1 25  ? 14.622  -8.212  0.723   1.00 14.17 ? 31  SER B O   1 
ATOM   215  C CB  . SER A 1 25  ? 15.540  -5.481  -0.902  1.00 15.67 ? 31  SER B CB  1 
ATOM   216  O OG  . SER A 1 25  ? 14.687  -4.993  0.136   1.00 15.72 ? 31  SER B OG  1 
ATOM   217  N N   . LYS A 1 26  ? 16.825  -8.065  0.251   1.00 16.52 ? 32  LYS B N   1 
ATOM   218  C CA  . LYS A 1 26  ? 17.269  -8.899  1.396   1.00 16.84 ? 32  LYS B CA  1 
ATOM   219  C C   . LYS A 1 26  ? 16.685  -8.365  2.705   1.00 15.40 ? 32  LYS B C   1 
ATOM   220  O O   . LYS A 1 26  ? 16.304  -9.196  3.542   1.00 17.03 ? 32  LYS B O   1 
ATOM   221  C CB  . LYS A 1 26  ? 18.804  -8.929  1.475   1.00 18.40 ? 32  LYS B CB  1 
ATOM   222  C CG  . LYS A 1 26  ? 19.336  -9.791  2.599   1.00 20.46 ? 32  LYS B CG  1 
ATOM   223  C CD  . LYS A 1 26  ? 20.712  -10.302 2.289   1.00 22.33 ? 32  LYS B CD  1 
ATOM   224  C CE  . LYS A 1 26  ? 21.665  -9.144  2.155   1.00 27.35 ? 32  LYS B CE  1 
ATOM   225  N NZ  . LYS A 1 26  ? 22.897  -9.575  1.494   1.00 30.57 ? 32  LYS B NZ  1 
ATOM   226  N N   . ASP A 1 27  ? 16.725  -7.050  2.907   1.00 15.73 ? 33  ASP B N   1 
ATOM   227  C CA  . ASP A 1 27  ? 16.204  -6.476  4.179   1.00 14.89 ? 33  ASP B CA  1 
ATOM   228  C C   . ASP A 1 27  ? 14.659  -6.495  4.245   1.00 14.54 ? 33  ASP B C   1 
ATOM   229  O O   . ASP A 1 27  ? 14.117  -6.067  5.270   1.00 14.52 ? 33  ASP B O   1 
ATOM   230  C CB  . ASP A 1 27  ? 16.799  -5.099  4.454   1.00 16.70 ? 33  ASP B CB  1 
ATOM   231  C CG  . ASP A 1 27  ? 16.410  -4.005  3.475   1.00 16.39 ? 33  ASP B CG  1 
ATOM   232  O OD1 . ASP A 1 27  ? 15.569  -4.291  2.559   1.00 16.65 ? 33  ASP B OD1 1 
ATOM   233  O OD2 . ASP A 1 27  ? 16.892  -2.875  3.663   1.00 18.80 ? 33  ASP B OD2 1 
ATOM   234  N N   . ARG A 1 28  ? 13.940  -6.932  3.221   1.00 13.01 ? 34  ARG B N   1 
ATOM   235  C CA  . ARG A 1 28  ? 12.462  -6.978  3.150   1.00 13.19 ? 34  ARG B CA  1 
ATOM   236  C C   . ARG A 1 28  ? 11.875  -5.569  3.287   1.00 11.04 ? 34  ARG B C   1 
ATOM   237  O O   . ARG A 1 28  ? 10.683  -5.469  3.676   1.00 12.46 ? 34  ARG B O   1 
ATOM   238  C CB  . ARG A 1 28  ? 11.894  -7.996  4.138   1.00 16.70 ? 34  ARG B CB  1 
ATOM   239  C CG  . ARG A 1 28  ? 12.380  -9.405  3.812   1.00 21.32 ? 34  ARG B CG  1 
ATOM   240  C CD  . ARG A 1 28  ? 11.795  -10.505 4.641   1.00 27.76 ? 34  ARG B CD  1 
ATOM   241  N NE  . ARG A 1 28  ? 11.860  -10.279 6.072   1.00 34.77 ? 34  ARG B NE  1 
ATOM   242  C CZ  . ARG A 1 28  ? 10.831  -9.968  6.897   1.00 45.00 ? 34  ARG B CZ  1 
ATOM   243  N NH1 . ARG A 1 28  ? 9.568   -9.826  6.478   1.00 37.98 ? 34  ARG B NH1 1 
ATOM   244  N NH2 . ARG A 1 28  ? 11.092  -9.806  8.189   1.00 50.69 ? 34  ARG B NH2 1 
ATOM   245  N N   . ARG A 1 29  ? 12.596  -4.569  2.873   1.00 10.55 ? 35  ARG B N   1 
ATOM   246  C CA  . ARG A 1 29  ? 12.116  -3.172  2.947   1.00 11.39 ? 35  ARG B CA  1 
ATOM   247  C C   . ARG A 1 29  ? 11.857  -2.552  1.581   1.00 11.95 ? 35  ARG B C   1 
ATOM   248  O O   . ARG A 1 29  ? 11.296  -1.432  1.521   1.00 13.10 ? 35  ARG B O   1 
ATOM   249  C CB  . ARG A 1 29  ? 13.106  -2.307  3.725   1.00 12.49 ? 35  ARG B CB  1 
ATOM   250  C CG  . ARG A 1 29  ? 13.290  -2.757  5.168   1.00 14.61 ? 35  ARG B CG  1 
ATOM   251  C CD  . ARG A 1 29  ? 12.245  -2.222  6.112   1.00 15.57 ? 35  ARG B CD  1 
ATOM   252  N NE  . ARG A 1 29  ? 12.524  -0.824  6.425   1.00 16.35 ? 35  ARG B NE  1 
ATOM   253  C CZ  . ARG A 1 29  ? 11.726  -0.005  7.119   1.00 15.34 ? 35  ARG B CZ  1 
ATOM   254  N NH1 . ARG A 1 29  ? 10.603  -0.466  7.591   1.00 16.05 ? 35  ARG B NH1 1 
ATOM   255  N NH2 . ARG A 1 29  ? 12.097  1.230   7.348   1.00 17.55 ? 35  ARG B NH2 1 
ATOM   256  N N   . GLN A 1 30  ? 12.236  -3.195  0.481   1.00 10.97 ? 36  GLN B N   1 
ATOM   257  C CA  . GLN A 1 30  ? 12.025  -2.676  -0.875  1.00 11.93 ? 36  GLN B CA  1 
ATOM   258  C C   . GLN A 1 30  ? 11.401  -3.744  -1.756  1.00 11.24 ? 36  GLN B C   1 
ATOM   259  O O   . GLN A 1 30  ? 11.677  -4.953  -1.583  1.00 12.37 ? 36  GLN B O   1 
ATOM   260  C CB  . GLN A 1 30  ? 13.352  -2.241  -1.507  1.00 14.24 ? 36  GLN B CB  1 
ATOM   261  C CG  . GLN A 1 30  ? 14.178  -1.339  -0.620  1.00 16.78 ? 36  GLN B CG  1 
ATOM   262  C CD  . GLN A 1 30  ? 15.321  -0.736  -1.403  1.00 20.22 ? 36  GLN B CD  1 
ATOM   263  O OE1 . GLN A 1 30  ? 15.340  -0.746  -2.641  1.00 24.02 ? 36  GLN B OE1 1 
ATOM   264  N NE2 . GLN A 1 30  ? 16.323  -0.264  -0.689  1.00 23.60 ? 36  GLN B NE2 1 
ATOM   265  N N   . VAL A 1 31  ? 10.611  -3.324  -2.731  1.00 10.49 ? 37  VAL B N   1 
ATOM   266  C CA  . VAL A 1 31  ? 9.996   -4.257  -3.701  1.00 10.72 ? 37  VAL B CA  1 
ATOM   267  C C   . VAL A 1 31  ? 9.926   -3.560  -5.050  1.00 10.87 ? 37  VAL B C   1 
ATOM   268  O O   . VAL A 1 31  ? 9.579   -2.384  -5.152  1.00 10.18 ? 37  VAL B O   1 
ATOM   269  C CB  . VAL A 1 31  ? 8.638   -4.756  -3.194  1.00 10.39 ? 37  VAL B CB  1 
ATOM   270  C CG1 . VAL A 1 31  ? 7.655   -3.615  -2.888  1.00 10.28 ? 37  VAL B CG1 1 
ATOM   271  C CG2 . VAL A 1 31  ? 8.029   -5.760  -4.160  1.00 11.20 ? 37  VAL B CG2 1 
ATOM   272  N N   . ARG A 1 32  ? 10.232  -4.315  -6.101  1.00 10.69 ? 38  ARG B N   1 
ATOM   273  C CA  . ARG A 1 32  ? 10.033  -3.845  -7.483  1.00 11.09 ? 38  ARG B CA  1 
ATOM   274  C C   . ARG A 1 32  ? 9.504   -4.991  -8.360  1.00 10.85 ? 38  ARG B C   1 
ATOM   275  O O   . ARG A 1 32  ? 9.609   -6.159  -8.022  1.00 10.28 ? 38  ARG B O   1 
ATOM   276  C CB  . ARG A 1 32  ? 11.327  -3.285  -8.065  1.00 12.39 ? 38  ARG B CB  1 
ATOM   277  C CG  . ARG A 1 32  ? 12.416  -4.327  -8.217  1.00 14.22 ? 38  ARG B CG  1 
ATOM   278  C CD  . ARG A 1 32  ? 13.695  -3.619  -8.656  1.00 17.27 ? 38  ARG B CD  1 
ATOM   279  N NE  . ARG A 1 32  ? 14.754  -4.581  -8.893  1.00 22.22 ? 38  ARG B NE  1 
ATOM   280  C CZ  . ARG A 1 32  ? 14.981  -5.215  -10.028 1.00 18.61 ? 38  ARG B CZ  1 
ATOM   281  N NH1 . ARG A 1 32  ? 14.240  -5.055  -11.105 1.00 21.59 ? 38  ARG B NH1 1 
ATOM   282  N NH2 . ARG A 1 32  ? 16.001  -6.077  -10.050 1.00 23.77 ? 38  ARG B NH2 1 
ATOM   283  N N   A MET A 1 33  ? 8.984   -4.562  -9.508  0.25 10.37 ? 39  MET B N   1 
ATOM   284  N N   B MET A 1 33  ? 8.860   -4.647  -9.479  0.25 11.68 ? 39  MET B N   1 
ATOM   285  C CA  A MET A 1 33  ? 8.489   -5.444  -10.591 0.25 10.98 ? 39  MET B CA  1 
ATOM   286  C CA  B MET A 1 33  ? 8.364   -5.697  -10.417 0.25 12.84 ? 39  MET B CA  1 
ATOM   287  C C   A MET A 1 33  ? 9.694   -6.037  -11.335 0.25 11.08 ? 39  MET B C   1 
ATOM   288  C C   B MET A 1 33  ? 9.489   -6.056  -11.385 0.25 12.40 ? 39  MET B C   1 
ATOM   289  O O   A MET A 1 33  ? 10.561  -5.284  -11.798 0.25 11.59 ? 39  MET B O   1 
ATOM   290  O O   B MET A 1 33  ? 9.985   -5.135  -12.113 0.25 12.07 ? 39  MET B O   1 
ATOM   291  C CB  A MET A 1 33  ? 7.594   -4.633  -11.537 0.25 10.87 ? 39  MET B CB  1 
ATOM   292  C CB  B MET A 1 33  ? 7.122   -5.309  -11.232 0.25 14.83 ? 39  MET B CB  1 
ATOM   293  C CG  A MET A 1 33  ? 6.828   -5.476  -12.562 0.25 12.22 ? 39  MET B CG  1 
ATOM   294  C CG  B MET A 1 33  ? 6.627   -6.446  -12.197 0.25 15.97 ? 39  MET B CG  1 
ATOM   295  S SD  A MET A 1 33  ? 5.839   -6.830  -11.786 0.25 14.18 ? 39  MET B SD  1 
ATOM   296  S SD  B MET A 1 33  ? 4.985   -6.031  -12.810 0.25 18.28 ? 39  MET B SD  1 
ATOM   297  C CE  A MET A 1 33  ? 4.740   -7.324  -13.110 0.25 13.96 ? 39  MET B CE  1 
ATOM   298  C CE  B MET A 1 33  ? 4.602   -7.535  -13.705 0.25 18.89 ? 39  MET B CE  1 
ATOM   299  N N   . GLY A 1 34  ? 9.790   -7.359  -11.391 1.00 12.00 ? 40  GLY B N   1 
ATOM   300  C CA  . GLY A 1 34  ? 10.788  -7.972  -12.277 1.00 13.37 ? 40  GLY B CA  1 
ATOM   301  C C   . GLY A 1 34  ? 10.264  -8.051  -13.697 1.00 14.76 ? 40  GLY B C   1 
ATOM   302  O O   . GLY A 1 34  ? 9.122   -7.687  -13.996 1.00 15.14 ? 40  GLY B O   1 
ATOM   303  N N   . ASP A 1 35  ? 11.185  -8.364  -14.631 1.00 17.85 ? 41  ASP B N   1 
ATOM   304  C CA  . ASP A 1 35  ? 10.811  -8.421  -16.083 1.00 19.84 ? 41  ASP B CA  1 
ATOM   305  C C   . ASP A 1 35  ? 10.328  -9.849  -16.426 1.00 17.79 ? 41  ASP B C   1 
ATOM   306  O O   . ASP A 1 35  ? 9.957   -10.081 -17.607 1.00 18.53 ? 41  ASP B O   1 
ATOM   307  C CB  . ASP A 1 35  ? 11.935  -7.868  -16.996 1.00 23.58 ? 41  ASP B CB  1 
ATOM   308  C CG  . ASP A 1 35  ? 12.141  -6.339  -16.998 1.00 31.26 ? 41  ASP B CG  1 
ATOM   309  O OD1 . ASP A 1 35  ? 11.151  -5.583  -16.791 1.00 34.76 ? 41  ASP B OD1 1 
ATOM   310  O OD2 . ASP A 1 35  ? 13.289  -5.889  -17.262 1.00 35.73 ? 41  ASP B OD2 1 
ATOM   311  N N   . THR A 1 36  ? 10.201  -10.747 -15.464 1.00 14.56 ? 42  THR B N   1 
ATOM   312  C CA  . THR A 1 36  ? 9.807   -12.170 -15.668 1.00 14.55 ? 42  THR B CA  1 
ATOM   313  C C   . THR A 1 36  ? 9.352   -12.816 -14.355 1.00 12.58 ? 42  THR B C   1 
ATOM   314  O O   . THR A 1 36  ? 9.596   -12.237 -13.216 1.00 12.19 ? 42  THR B O   1 
ATOM   315  C CB  . THR A 1 36  ? 11.028  -12.814 -16.314 1.00 16.64 ? 42  THR B CB  1 
ATOM   316  O OG1 . THR A 1 36  ? 10.623  -14.063 -16.816 1.00 17.25 ? 42  THR B OG1 1 
ATOM   317  C CG2 . THR A 1 36  ? 12.191  -12.976 -15.358 1.00 17.86 ? 42  THR B CG2 1 
ATOM   318  N N   . HIS A 1 37  ? 8.829   -14.045 -14.401 1.00 12.25 ? 43  HIS B N   1 
ATOM   319  C CA  . HIS A 1 37  ? 8.531   -14.850 -13.199 1.00 11.88 ? 43  HIS B CA  1 
ATOM   320  C C   . HIS A 1 37  ? 9.808   -15.047 -12.398 1.00 12.53 ? 43  HIS B C   1 
ATOM   321  O O   . HIS A 1 37  ? 10.857  -15.416 -12.999 1.00 12.45 ? 43  HIS B O   1 
ATOM   322  C CB  . HIS A 1 37  ? 7.877   -16.145 -13.656 1.00 11.43 ? 43  HIS B CB  1 
ATOM   323  C CG  . HIS A 1 37  ? 7.375   -17.055 -12.616 1.00 11.16 ? 43  HIS B CG  1 
ATOM   324  N ND1 . HIS A 1 37  ? 8.187   -17.739 -11.720 1.00 11.60 ? 43  HIS B ND1 1 
ATOM   325  C CD2 . HIS A 1 37  ? 6.108   -17.473 -12.367 1.00 11.94 ? 43  HIS B CD2 1 
ATOM   326  C CE1 . HIS A 1 37  ? 7.446   -18.520 -10.971 1.00 11.84 ? 43  HIS B CE1 1 
ATOM   327  N NE2 . HIS A 1 37  ? 6.115   -18.369 -11.339 1.00 12.29 ? 43  HIS B NE2 1 
ATOM   328  N N   . GLN A 1 38  ? 9.747   -14.889 -11.082 1.00 11.45 ? 44  GLN B N   1 
ATOM   329  C CA  . GLN A 1 38  ? 10.952  -14.901 -10.238 1.00 11.63 ? 44  GLN B CA  1 
ATOM   330  C C   . GLN A 1 38  ? 11.288  -16.292 -9.695  1.00 12.12 ? 44  GLN B C   1 
ATOM   331  O O   . GLN A 1 38  ? 12.099  -16.389 -8.741  1.00 13.66 ? 44  GLN B O   1 
ATOM   332  C CB  . GLN A 1 38  ? 10.810  -13.833 -9.141  1.00 11.36 ? 44  GLN B CB  1 
ATOM   333  C CG  . GLN A 1 38  ? 10.817  -12.437 -9.701  1.00 11.87 ? 44  GLN B CG  1 
ATOM   334  C CD  . GLN A 1 38  ? 12.011  -12.129 -10.563 1.00 12.55 ? 44  GLN B CD  1 
ATOM   335  O OE1 . GLN A 1 38  ? 11.928  -11.652 -11.701 1.00 15.66 ? 44  GLN B OE1 1 
ATOM   336  N NE2 . GLN A 1 38  ? 13.187  -12.425 -10.048 1.00 11.43 ? 44  GLN B NE2 1 
ATOM   337  N N   . ASN A 1 39  ? 10.687  -17.339 -10.241 1.00 11.98 ? 45  ASN B N   1 
ATOM   338  C CA  . ASN A 1 39  ? 11.144  -18.739 -10.011 1.00 11.55 ? 45  ASN B CA  1 
ATOM   339  C C   . ASN A 1 39  ? 10.798  -19.201 -8.615  1.00 12.43 ? 45  ASN B C   1 
ATOM   340  O O   . ASN A 1 39  ? 11.490  -20.030 -8.034  1.00 14.21 ? 45  ASN B O   1 
ATOM   341  C CB  . ASN A 1 39  ? 12.646  -18.950 -10.272 1.00 11.76 ? 45  ASN B CB  1 
ATOM   342  C CG  . ASN A 1 39  ? 12.955  -20.397 -10.600 1.00 11.52 ? 45  ASN B CG  1 
ATOM   343  O OD1 . ASN A 1 39  ? 12.147  -21.147 -11.148 1.00 10.92 ? 45  ASN B OD1 1 
ATOM   344  N ND2 . ASN A 1 39  ? 14.163  -20.837 -10.242 1.00 11.68 ? 45  ASN B ND2 1 
ATOM   345  N N   . VAL A 1 40  ? 9.667   -18.751 -8.090  1.00 14.24 ? 46  VAL B N   1 
ATOM   346  C CA  . VAL A 1 40  ? 9.062   -19.193 -6.801  1.00 15.37 ? 46  VAL B CA  1 
ATOM   347  C C   . VAL A 1 40  ? 7.920   -20.190 -7.074  1.00 15.21 ? 46  VAL B C   1 
ATOM   348  O O   . VAL A 1 40  ? 7.277   -20.080 -8.086  1.00 14.41 ? 46  VAL B O   1 
ATOM   349  C CB  . VAL A 1 40  ? 8.553   -17.976 -5.982  1.00 16.33 ? 46  VAL B CB  1 
ATOM   350  C CG1 . VAL A 1 40  ? 9.687   -17.073 -5.530  1.00 19.06 ? 46  VAL B CG1 1 
ATOM   351  C CG2 . VAL A 1 40  ? 7.515   -17.136 -6.706  1.00 16.97 ? 46  VAL B CG2 1 
ATOM   352  N N   . SER A 1 41  ? 7.614   -21.077 -6.130  1.00 16.33 ? 47  SER B N   1 
ATOM   353  C CA  . SER A 1 41  ? 6.427   -21.946 -6.195  1.00 16.91 ? 47  SER B CA  1 
ATOM   354  C C   . SER A 1 41  ? 5.166   -21.118 -5.965  1.00 14.11 ? 47  SER B C   1 
ATOM   355  O O   . SER A 1 41  ? 5.215   -20.058 -5.265  1.00 15.09 ? 47  SER B O   1 
ATOM   356  C CB  . SER A 1 41  ? 6.504   -23.069 -5.173  1.00 19.59 ? 47  SER B CB  1 
ATOM   357  O OG  . SER A 1 41  ? 6.642   -22.540 -3.862  1.00 22.05 ? 47  SER B OG  1 
ATOM   358  N N   . ASP A 1 42  ? 4.043   -21.562 -6.466  1.00 15.42 ? 48  ASP B N   1 
ATOM   359  C CA  . ASP A 1 42  ? 2.742   -20.902 -6.220  1.00 15.24 ? 48  ASP B CA  1 
ATOM   360  C C   . ASP A 1 42  ? 2.230   -21.313 -4.841  1.00 16.42 ? 48  ASP B C   1 
ATOM   361  O O   . ASP A 1 42  ? 2.643   -22.366 -4.296  1.00 17.07 ? 48  ASP B O   1 
ATOM   362  C CB  . ASP A 1 42  ? 1.752   -21.219 -7.329  1.00 16.93 ? 48  ASP B CB  1 
ATOM   363  C CG  . ASP A 1 42  ? 0.522   -20.360 -7.218  1.00 20.48 ? 48  ASP B CG  1 
ATOM   364  O OD1 . ASP A 1 42  ? 0.644   -19.109 -6.907  1.00 17.36 ? 48  ASP B OD1 1 
ATOM   365  O OD2 . ASP A 1 42  ? -0.565  -20.989 -7.265  1.00 25.35 ? 48  ASP B OD2 1 
ATOM   366  N N   . ASN A 1 43  ? 1.365   -20.474 -4.265  1.00 15.28 ? 49  ASN B N   1 
ATOM   367  C CA  . ASN A 1 43  ? 0.700   -20.777 -2.980  1.00 15.87 ? 49  ASN B CA  1 
ATOM   368  C C   . ASN A 1 43  ? -0.554  -19.923 -2.895  1.00 15.94 ? 49  ASN B C   1 
ATOM   369  O O   . ASN A 1 43  ? -0.790  -19.038 -3.755  1.00 16.33 ? 49  ASN B O   1 
ATOM   370  C CB  . ASN A 1 43  ? 1.631   -20.585 -1.800  1.00 15.94 ? 49  ASN B CB  1 
ATOM   371  C CG  . ASN A 1 43  ? 1.959   -19.129 -1.525  1.00 15.51 ? 49  ASN B CG  1 
ATOM   372  O OD1 . ASN A 1 43  ? 1.033   -18.306 -1.402  1.00 17.39 ? 49  ASN B OD1 1 
ATOM   373  N ND2 . ASN A 1 43  ? 3.190   -18.742 -1.461  1.00 15.09 ? 49  ASN B ND2 1 
ATOM   374  N N   . LYS A 1 44  ? -1.436  -20.295 -1.995  1.00 16.99 ? 50  LYS B N   1 
ATOM   375  C CA  . LYS A 1 44  ? -2.771  -19.662 -1.922  1.00 17.54 ? 50  LYS B CA  1 
ATOM   376  C C   . LYS A 1 44  ? -2.677  -18.204 -1.418  1.00 15.40 ? 50  LYS B C   1 
ATOM   377  O O   . LYS A 1 44  ? -3.681  -17.481 -1.633  1.00 17.42 ? 50  LYS B O   1 
ATOM   378  C CB  . LYS A 1 44  ? -3.690  -20.449 -0.982  1.00 21.84 ? 50  LYS B CB  1 
ATOM   379  C CG  . LYS A 1 44  ? -3.225  -20.465 0.455   1.00 26.42 ? 50  LYS B CG  1 
ATOM   380  C CD  . LYS A 1 44  ? -3.980  -21.457 1.318   1.00 35.59 ? 50  LYS B CD  1 
ATOM   381  C CE  . LYS A 1 44  ? -3.774  -21.195 2.792   1.00 39.23 ? 50  LYS B CE  1 
ATOM   382  N NZ  . LYS A 1 44  ? -4.803  -21.905 3.588   1.00 45.37 ? 50  LYS B NZ  1 
ATOM   383  N N   . GLU A 1 45  ? -1.580  -17.795 -0.811  1.00 14.88 ? 51  GLU B N   1 
ATOM   384  C CA  . GLU A 1 45  ? -1.417  -16.397 -0.303  1.00 14.48 ? 51  GLU B CA  1 
ATOM   385  C C   . GLU A 1 45  ? -1.033  -15.426 -1.435  1.00 13.93 ? 51  GLU B C   1 
ATOM   386  O O   . GLU A 1 45  ? -1.311  -14.201 -1.287  1.00 14.89 ? 51  GLU B O   1 
ATOM   387  C CB  . GLU A 1 45  ? -0.342  -16.340 0.756   1.00 16.96 ? 51  GLU B CB  1 
ATOM   388  C CG  . GLU A 1 45  ? -0.563  -17.198 2.002   1.00 20.65 ? 51  GLU B CG  1 
ATOM   389  C CD  . GLU A 1 45  ? 0.627   -17.028 2.945   1.00 25.81 ? 51  GLU B CD  1 
ATOM   390  O OE1 . GLU A 1 45  ? 1.415   -18.004 3.116   1.00 32.51 ? 51  GLU B OE1 1 
ATOM   391  O OE2 . GLU A 1 45  ? 0.833   -15.917 3.486   1.00 29.48 ? 51  GLU B OE2 1 
ATOM   392  N N   . ARG A 1 46  ? -0.437  -15.862 -2.549  1.00 12.44 ? 52  ARG B N   1 
ATOM   393  C CA  . ARG A 1 46  ? 0.116   -14.894 -3.534  1.00 11.99 ? 52  ARG B CA  1 
ATOM   394  C C   . ARG A 1 46  ? -0.970  -14.183 -4.291  1.00 12.01 ? 52  ARG B C   1 
ATOM   395  O O   . ARG A 1 46  ? -1.917  -14.782 -4.813  1.00 12.12 ? 52  ARG B O   1 
ATOM   396  C CB  . ARG A 1 46  ? 0.981   -15.633 -4.557  1.00 11.80 ? 52  ARG B CB  1 
ATOM   397  C CG  . ARG A 1 46  ? 2.225   -16.277 -3.978  1.00 12.83 ? 52  ARG B CG  1 
ATOM   398  C CD  . ARG A 1 46  ? 3.261   -16.557 -5.109  1.00 11.96 ? 52  ARG B CD  1 
ATOM   399  N NE  . ARG A 1 46  ? 4.377   -17.291 -4.573  1.00 13.57 ? 52  ARG B NE  1 
ATOM   400  C CZ  . ARG A 1 46  ? 5.294   -16.792 -3.755  1.00 12.83 ? 52  ARG B CZ  1 
ATOM   401  N NH1 . ARG A 1 46  ? 5.364   -15.482 -3.531  1.00 12.39 ? 52  ARG B NH1 1 
ATOM   402  N NH2 . ARG A 1 46  ? 6.209   -17.582 -3.185  1.00 15.18 ? 52  ARG B NH2 1 
ATOM   403  N N   . PHE A 1 47  ? -0.855  -12.870 -4.415  1.00 10.73 ? 53  PHE B N   1 
ATOM   404  C CA  . PHE A 1 47  ? -1.724  -12.130 -5.341  1.00 10.50 ? 53  PHE B CA  1 
ATOM   405  C C   . PHE A 1 47  ? -1.395  -12.569 -6.777  1.00 11.99 ? 53  PHE B C   1 
ATOM   406  O O   . PHE A 1 47  ? -0.266  -12.416 -7.238  1.00 12.91 ? 53  PHE B O   1 
ATOM   407  C CB  . PHE A 1 47  ? -1.525  -10.628 -5.208  1.00 9.52  ? 53  PHE B CB  1 
ATOM   408  C CG  . PHE A 1 47  ? -2.138  -10.074 -3.942  1.00 9.79  ? 53  PHE B CG  1 
ATOM   409  C CD1 . PHE A 1 47  ? -3.497  -9.822  -3.863  1.00 9.87  ? 53  PHE B CD1 1 
ATOM   410  C CD2 . PHE A 1 47  ? -1.356  -9.800  -2.832  1.00 10.44 ? 53  PHE B CD2 1 
ATOM   411  C CE1 . PHE A 1 47  ? -4.074  -9.328  -2.697  1.00 10.66 ? 53  PHE B CE1 1 
ATOM   412  C CE2 . PHE A 1 47  ? -1.939  -9.287  -1.661  1.00 10.38 ? 53  PHE B CE2 1 
ATOM   413  C CZ  . PHE A 1 47  ? -3.293  -9.049  -1.626  1.00 9.93  ? 53  PHE B CZ  1 
ATOM   414  N N   . SER A 1 48  ? -2.371  -13.082 -7.508  1.00 12.27 ? 54  SER B N   1 
ATOM   415  C CA  . SER A 1 48  ? -2.121  -13.709 -8.847  1.00 13.44 ? 54  SER B CA  1 
ATOM   416  C C   . SER A 1 48  ? -2.200  -12.687 -9.956  1.00 13.59 ? 54  SER B C   1 
ATOM   417  O O   . SER A 1 48  ? -1.394  -12.819 -10.935 1.00 16.03 ? 54  SER B O   1 
ATOM   418  C CB  . SER A 1 48  ? -3.079  -14.870 -9.087  1.00 14.41 ? 54  SER B CB  1 
ATOM   419  O OG  . SER A 1 48  ? -4.420  -14.437 -9.085  1.00 14.47 ? 54  SER B OG  1 
ATOM   420  N N   . ASN A 1 49  ? -3.089  -11.720 -9.918  1.00 12.33 ? 55  ASN B N   1 
ATOM   421  C CA  . ASN A 1 49  ? -3.432  -10.914 -11.114 1.00 13.63 ? 55  ASN B CA  1 
ATOM   422  C C   . ASN A 1 49  ? -2.740  -9.557  -11.166 1.00 12.92 ? 55  ASN B C   1 
ATOM   423  O O   . ASN A 1 49  ? -2.760  -8.898  -12.216 1.00 14.98 ? 55  ASN B O   1 
ATOM   424  C CB  . ASN A 1 49  ? -4.925  -10.679 -11.220 1.00 15.88 ? 55  ASN B CB  1 
ATOM   425  C CG  . ASN A 1 49  ? -5.712  -11.919 -11.640 1.00 17.70 ? 55  ASN B CG  1 
ATOM   426  O OD1 . ASN A 1 49  ? -5.485  -13.029 -11.153 1.00 20.61 ? 55  ASN B OD1 1 
ATOM   427  N ND2 . ASN A 1 49  ? -6.575  -11.716 -12.620 1.00 22.45 ? 55  ASN B ND2 1 
ATOM   428  N N   . TYR A 1 50  ? -2.166  -9.093  -10.054 1.00 11.31 ? 56  TYR B N   1 
ATOM   429  C CA  . TYR A 1 50  ? -1.599  -7.724  -9.936  1.00 10.54 ? 56  TYR B CA  1 
ATOM   430  C C   . TYR A 1 50  ? -0.288  -7.795  -9.171  1.00 9.82  ? 56  TYR B C   1 
ATOM   431  O O   . TYR A 1 50  ? -0.077  -8.706  -8.378  1.00 10.32 ? 56  TYR B O   1 
ATOM   432  C CB  . TYR A 1 50  ? -2.574  -6.816  -9.179  1.00 10.96 ? 56  TYR B CB  1 
ATOM   433  C CG  . TYR A 1 50  ? -4.019  -6.892  -9.609  1.00 11.86 ? 56  TYR B CG  1 
ATOM   434  C CD1 . TYR A 1 50  ? -4.419  -6.258  -10.775 1.00 14.13 ? 56  TYR B CD1 1 
ATOM   435  C CD2 . TYR A 1 50  ? -4.998  -7.568  -8.886  1.00 12.71 ? 56  TYR B CD2 1 
ATOM   436  C CE1 . TYR A 1 50  ? -5.746  -6.269  -11.189 1.00 15.72 ? 56  TYR B CE1 1 
ATOM   437  C CE2 . TYR A 1 50  ? -6.300  -7.671  -9.339  1.00 12.53 ? 56  TYR B CE2 1 
ATOM   438  C CZ  . TYR A 1 50  ? -6.682  -6.985  -10.472 1.00 14.08 ? 56  TYR B CZ  1 
ATOM   439  O OH  . TYR A 1 50  ? -7.999  -7.044  -10.836 1.00 15.75 ? 56  TYR B OH  1 
ATOM   440  N N   . PRO A 1 51  ? 0.599   -6.793  -9.334  1.00 9.84  ? 57  PRO B N   1 
ATOM   441  C CA  . PRO A 1 51  ? 1.909   -6.786  -8.690  1.00 10.35 ? 57  PRO B CA  1 
ATOM   442  C C   . PRO A 1 51  ? 1.893   -6.322  -7.212  1.00 8.72  ? 57  PRO B C   1 
ATOM   443  O O   . PRO A 1 51  ? 2.523   -5.369  -6.829  1.00 9.30  ? 57  PRO B O   1 
ATOM   444  C CB  . PRO A 1 51  ? 2.767   -5.852  -9.587  1.00 11.55 ? 57  PRO B CB  1 
ATOM   445  C CG  . PRO A 1 51  ? 1.918   -5.547  -10.782 1.00 12.94 ? 57  PRO B CG  1 
ATOM   446  C CD  . PRO A 1 51  ? 0.507   -5.730  -10.341 1.00 10.48 ? 57  PRO B CD  1 
ATOM   447  N N   . MET A 1 52  ? 1.128   -7.078  -6.411  1.00 8.79  ? 58  MET B N   1 
ATOM   448  C CA  . MET A 1 52  ? 0.777   -6.746  -5.022  1.00 8.32  ? 58  MET B CA  1 
ATOM   449  C C   . MET A 1 52  ? 1.540   -7.629  -4.045  1.00 8.60  ? 58  MET B C   1 
ATOM   450  O O   . MET A 1 52  ? 1.939   -8.781  -4.314  1.00 9.43  ? 58  MET B O   1 
ATOM   451  C CB  . MET A 1 52  ? -0.714  -6.899  -4.806  1.00 8.59  ? 58  MET B CB  1 
ATOM   452  C CG  . MET A 1 52  ? -1.513  -5.871  -5.538  1.00 8.71  ? 58  MET B CG  1 
ATOM   453  S SD  . MET A 1 52  ? -3.281  -6.357  -5.534  1.00 10.25 ? 58  MET B SD  1 
ATOM   454  C CE  . MET A 1 52  ? -4.039  -5.041  -6.475  1.00 11.26 ? 58  MET B CE  1 
ATOM   455  N N   . VAL A 1 53  ? 1.736   -7.091  -2.834  1.00 8.78  ? 59  VAL B N   1 
ATOM   456  C CA  . VAL A 1 53  ? 2.401   -7.777  -1.708  1.00 9.20  ? 59  VAL B CA  1 
ATOM   457  C C   . VAL A 1 53  ? 1.874   -7.171  -0.411  1.00 9.10  ? 59  VAL B C   1 
ATOM   458  O O   . VAL A 1 53  ? 1.530   -5.960  -0.385  1.00 9.62  ? 59  VAL B O   1 
ATOM   459  C CB  . VAL A 1 53  ? 3.939   -7.720  -1.817  1.00 9.79  ? 59  VAL B CB  1 
ATOM   460  C CG1 . VAL A 1 53  ? 4.462   -6.301  -1.804  1.00 9.89  ? 59  VAL B CG1 1 
ATOM   461  C CG2 . VAL A 1 53  ? 4.629   -8.587  -0.759  1.00 10.12 ? 59  VAL B CG2 1 
ATOM   462  N N   . LEU A 1 54  ? 1.875   -7.948  0.660   1.00 8.89  ? 60  LEU B N   1 
ATOM   463  C CA  . LEU A 1 54  ? 1.480   -7.469  2.000   1.00 8.94  ? 60  LEU B CA  1 
ATOM   464  C C   . LEU A 1 54  ? 2.681   -7.281  2.899   1.00 9.26  ? 60  LEU B C   1 
ATOM   465  O O   . LEU A 1 54  ? 3.711   -8.046  2.795   1.00 10.74 ? 60  LEU B O   1 
ATOM   466  C CB  . LEU A 1 54  ? 0.521   -8.429  2.693   1.00 10.29 ? 60  LEU B CB  1 
ATOM   467  C CG  . LEU A 1 54  ? -0.726  -8.710  1.894   1.00 10.14 ? 60  LEU B CG  1 
ATOM   468  C CD1 . LEU A 1 54  ? -1.698  -9.604  2.658   1.00 12.30 ? 60  LEU B CD1 1 
ATOM   469  C CD2 . LEU A 1 54  ? -1.437  -7.445  1.436   1.00 10.38 ? 60  LEU B CD2 1 
ATOM   470  N N   . GLY A 1 55  ? 2.582   -6.370  3.873   1.00 9.93  ? 61  GLY B N   1 
ATOM   471  C CA  . GLY A 1 55  ? 3.494   -6.396  5.046   1.00 10.26 ? 61  GLY B CA  1 
ATOM   472  C C   . GLY A 1 55  ? 3.278   -7.640  5.914   1.00 10.18 ? 61  GLY B C   1 
ATOM   473  O O   . GLY A 1 55  ? 2.202   -8.175  5.945   1.00 10.93 ? 61  GLY B O   1 
ATOM   474  N N   . ALA A 1 56  ? 4.328   -8.056  6.621   1.00 11.46 ? 62  ALA B N   1 
ATOM   475  C CA  . ALA A 1 56  ? 4.258   -9.225  7.530   1.00 13.20 ? 62  ALA B CA  1 
ATOM   476  C C   . ALA A 1 56  ? 3.454   -8.894  8.788   1.00 13.40 ? 62  ALA B C   1 
ATOM   477  O O   . ALA A 1 56  ? 2.811   -9.787  9.368   1.00 16.90 ? 62  ALA B O   1 
ATOM   478  C CB  . ALA A 1 56  ? 5.642   -9.653  7.884   1.00 14.58 ? 62  ALA B CB  1 
ATOM   479  N N   . GLN A 1 57  ? 3.479   -7.635  9.181   1.00 12.64 ? 63  GLN B N   1 
ATOM   480  C CA  . GLN A 1 57  ? 2.856   -7.215  10.464  1.00 13.16 ? 63  GLN B CA  1 
ATOM   481  C C   . GLN A 1 57  ? 1.327   -7.253  10.365  1.00 13.77 ? 63  GLN B C   1 
ATOM   482  O O   . GLN A 1 57  ? 0.735   -6.948  9.295   1.00 14.53 ? 63  GLN B O   1 
ATOM   483  C CB  . GLN A 1 57  ? 3.366   -5.819  10.843  1.00 15.21 ? 63  GLN B CB  1 
ATOM   484  C CG  . GLN A 1 57  ? 4.824   -5.781  11.249  1.00 16.99 ? 63  GLN B CG  1 
ATOM   485  C CD  . GLN A 1 57  ? 5.784   -5.951  10.088  1.00 16.67 ? 63  GLN B CD  1 
ATOM   486  O OE1 . GLN A 1 57  ? 5.507   -5.484  8.986   1.00 15.54 ? 63  GLN B OE1 1 
ATOM   487  N NE2 . GLN A 1 57  ? 6.919   -6.575  10.321  1.00 18.78 ? 63  GLN B NE2 1 
ATOM   488  N N   . ARG A 1 58  ? 0.655   -7.691  11.422  1.00 14.13 ? 64  ARG B N   1 
ATOM   489  C CA  . ARG A 1 58  ? -0.809  -7.685  11.579  1.00 13.71 ? 64  ARG B CA  1 
ATOM   490  C C   . ARG A 1 58  ? -1.185  -6.752  12.715  1.00 12.64 ? 64  ARG B C   1 
ATOM   491  O O   . ARG A 1 58  ? -0.514  -6.783  13.769  1.00 15.83 ? 64  ARG B O   1 
ATOM   492  C CB  . ARG A 1 58  ? -1.386  -9.064  11.964  1.00 17.12 ? 64  ARG B CB  1 
ATOM   493  C CG  . ARG A 1 58  ? -1.493  -10.122 10.862  1.00 24.85 ? 64  ARG B CG  1 
ATOM   494  C CD  . ARG A 1 58  ? -0.275  -10.150 9.963   1.00 25.06 ? 64  ARG B CD  1 
ATOM   495  N NE  . ARG A 1 58  ? 0.433   -11.292 9.369   1.00 27.86 ? 64  ARG B NE  1 
ATOM   496  C CZ  . ARG A 1 58  ? -0.053  -12.485 9.061   1.00 26.92 ? 64  ARG B CZ  1 
ATOM   497  N NH1 . ARG A 1 58  ? 0.749   -13.381 8.503   1.00 30.80 ? 64  ARG B NH1 1 
ATOM   498  N NH2 . ARG A 1 58  ? -1.295  -12.804 9.347   1.00 28.15 ? 64  ARG B NH2 1 
ATOM   499  N N   . PHE A 1 59  ? -2.158  -5.912  12.487  1.00 11.50 ? 65  PHE B N   1 
ATOM   500  C CA  . PHE A 1 59  ? -2.606  -4.945  13.515  1.00 12.33 ? 65  PHE B CA  1 
ATOM   501  C C   . PHE A 1 59  ? -4.077  -5.162  13.818  1.00 11.62 ? 65  PHE B C   1 
ATOM   502  O O   . PHE A 1 59  ? -4.910  -5.214  12.932  1.00 11.71 ? 65  PHE B O   1 
ATOM   503  C CB  . PHE A 1 59  ? -2.421  -3.512  12.987  1.00 13.39 ? 65  PHE B CB  1 
ATOM   504  C CG  . PHE A 1 59  ? -0.998  -3.201  12.540  1.00 15.28 ? 65  PHE B CG  1 
ATOM   505  C CD1 . PHE A 1 59  ? 0.027   -3.424  13.442  1.00 17.93 ? 65  PHE B CD1 1 
ATOM   506  C CD2 . PHE A 1 59  ? -0.663  -2.784  11.269  1.00 21.77 ? 65  PHE B CD2 1 
ATOM   507  C CE1 . PHE A 1 59  ? 1.358   -3.176  13.142  1.00 20.72 ? 65  PHE B CE1 1 
ATOM   508  C CE2 . PHE A 1 59  ? 0.682   -2.514  10.963  1.00 18.17 ? 65  PHE B CE2 1 
ATOM   509  C CZ  . PHE A 1 59  ? 1.665   -2.780  11.875  1.00 19.18 ? 65  PHE B CZ  1 
ATOM   510  N N   A SER A 1 60  ? -4.411  -5.261  15.113  0.25 11.93 ? 66  SER B N   1 
ATOM   511  N N   B SER A 1 60  ? -4.405  -5.271  15.111  0.25 11.74 ? 66  SER B N   1 
ATOM   512  C CA  A SER A 1 60  ? -5.804  -5.495  15.580  0.25 12.42 ? 66  SER B CA  1 
ATOM   513  C CA  B SER A 1 60  ? -5.794  -5.457  15.605  0.25 12.08 ? 66  SER B CA  1 
ATOM   514  C C   A SER A 1 60  ? -6.234  -4.461  16.639  0.25 12.27 ? 66  SER B C   1 
ATOM   515  C C   B SER A 1 60  ? -6.121  -4.457  16.712  0.25 12.25 ? 66  SER B C   1 
ATOM   516  O O   A SER A 1 60  ? -7.413  -4.493  17.052  0.25 12.14 ? 66  SER B O   1 
ATOM   517  O O   B SER A 1 60  ? -7.088  -4.671  17.436  0.25 10.73 ? 66  SER B O   1 
ATOM   518  C CB  A SER A 1 60  ? -5.984  -6.933  16.041  0.25 12.94 ? 66  SER B CB  1 
ATOM   519  C CB  B SER A 1 60  ? -5.996  -6.841  16.125  0.25 12.32 ? 66  SER B CB  1 
ATOM   520  O OG  A SER A 1 60  ? -6.091  -7.814  14.907  0.25 14.21 ? 66  SER B OG  1 
ATOM   521  O OG  B SER A 1 60  ? -5.038  -7.093  17.121  0.25 13.20 ? 66  SER B OG  1 
ATOM   522  N N   A SER A 1 61  ? -5.342  -3.530  16.995  0.25 11.65 ? 67  SER B N   1 
ATOM   523  N N   B SER A 1 61  ? -5.308  -3.428  16.877  0.25 12.68 ? 67  SER B N   1 
ATOM   524  C CA  A SER A 1 61  ? -5.582  -2.433  17.973  0.25 11.98 ? 67  SER B CA  1 
ATOM   525  C CA  B SER A 1 61  ? -5.478  -2.448  17.970  0.25 13.85 ? 67  SER B CA  1 
ATOM   526  C C   A SER A 1 61  ? -4.569  -1.304  17.738  0.25 12.55 ? 67  SER B C   1 
ATOM   527  C C   B SER A 1 61  ? -4.456  -1.328  17.814  0.25 13.55 ? 67  SER B C   1 
ATOM   528  O O   A SER A 1 61  ? -3.662  -1.494  16.937  0.25 12.77 ? 67  SER B O   1 
ATOM   529  O O   B SER A 1 61  ? -3.395  -1.582  17.202  0.25 13.32 ? 67  SER B O   1 
ATOM   530  C CB  A SER A 1 61  ? -5.471  -2.957  19.404  0.25 12.30 ? 67  SER B CB  1 
ATOM   531  C CB  B SER A 1 61  ? -5.303  -3.130  19.311  0.25 15.20 ? 67  SER B CB  1 
ATOM   532  O OG  A SER A 1 61  ? -4.128  -3.276  19.734  0.25 12.40 ? 67  SER B OG  1 
ATOM   533  O OG  B SER A 1 61  ? -5.649  -2.241  20.354  0.25 18.87 ? 67  SER B OG  1 
ATOM   534  N N   . GLY A 1 62  ? -4.726  -0.179  18.435  1.00 14.14 ? 68  GLY B N   1 
ATOM   535  C CA  . GLY A 1 62  ? -3.693  0.856   18.533  1.00 14.82 ? 68  GLY B CA  1 
ATOM   536  C C   . GLY A 1 62  ? -3.608  1.778   17.326  1.00 11.92 ? 68  GLY B C   1 
ATOM   537  O O   . GLY A 1 62  ? -4.468  1.784   16.448  1.00 13.62 ? 68  GLY B O   1 
ATOM   538  N N   . LYS A 1 63  ? -2.555  2.562   17.407  1.00 12.14 ? 69  LYS B N   1 
ATOM   539  C CA  . LYS A 1 63  ? -2.203  3.563   16.394  1.00 12.04 ? 69  LYS B CA  1 
ATOM   540  C C   . LYS A 1 63  ? -0.879  3.154   15.781  1.00 12.43 ? 69  LYS B C   1 
ATOM   541  O O   . LYS A 1 63  ? 0.086   2.873   16.515  1.00 13.95 ? 69  LYS B O   1 
ATOM   542  C CB  . LYS A 1 63  ? -2.154  4.942   17.044  1.00 13.65 ? 69  LYS B CB  1 
ATOM   543  C CG  . LYS A 1 63  ? -3.480  5.438   17.596  1.00 13.72 ? 69  LYS B CG  1 
ATOM   544  C CD  . LYS A 1 63  ? -3.350  6.785   18.366  1.00 16.05 ? 69  LYS B CD  1 
ATOM   545  C CE  . LYS A 1 63  ? -4.678  7.363   18.807  1.00 18.96 ? 69  LYS B CE  1 
ATOM   546  N NZ  . LYS A 1 63  ? -4.504  8.661   19.515  1.00 20.75 ? 69  LYS B NZ  1 
ATOM   547  N N   . MET A 1 64  ? -0.796  3.236   14.468  1.00 11.37 ? 70  MET B N   1 
ATOM   548  C CA  . MET A 1 64  ? 0.387   2.797   13.698  1.00 11.12 ? 70  MET B CA  1 
ATOM   549  C C   . MET A 1 64  ? 0.681   3.818   12.606  1.00 10.92 ? 70  MET B C   1 
ATOM   550  O O   . MET A 1 64  ? -0.268  4.363   12.027  1.00 11.50 ? 70  MET B O   1 
ATOM   551  C CB  . MET A 1 64  ? 0.118   1.478   12.990  1.00 11.36 ? 70  MET B CB  1 
ATOM   552  C CG  . MET A 1 64  ? 0.072   0.247   13.856  1.00 12.58 ? 70  MET B CG  1 
ATOM   553  S SD  . MET A 1 64  ? -1.322  0.006   14.989  1.00 13.90 ? 70  MET B SD  1 
ATOM   554  C CE  . MET A 1 64  ? -2.722  0.103   13.916  1.00 14.38 ? 70  MET B CE  1 
ATOM   555  N N   . TYR A 1 65  ? 1.951   4.055   12.307  1.00 11.23 ? 71  TYR B N   1 
ATOM   556  C CA  . TYR A 1 65  ? 2.370   5.018   11.267  1.00 10.97 ? 71  TYR B CA  1 
ATOM   557  C C   . TYR A 1 65  ? 3.562   4.421   10.539  1.00 11.15 ? 71  TYR B C   1 
ATOM   558  O O   . TYR A 1 65  ? 4.508   3.897   11.182  1.00 12.02 ? 71  TYR B O   1 
ATOM   559  C CB  . TYR A 1 65  ? 2.745   6.361   11.901  1.00 12.28 ? 71  TYR B CB  1 
ATOM   560  C CG  . TYR A 1 65  ? 3.227   7.404   10.932  1.00 11.89 ? 71  TYR B CG  1 
ATOM   561  C CD1 . TYR A 1 65  ? 2.324   8.071   10.139  1.00 11.65 ? 71  TYR B CD1 1 
ATOM   562  C CD2 . TYR A 1 65  ? 4.583   7.685   10.758  1.00 12.08 ? 71  TYR B CD2 1 
ATOM   563  C CE1 . TYR A 1 65  ? 2.721   9.024   9.203   1.00 12.74 ? 71  TYR B CE1 1 
ATOM   564  C CE2 . TYR A 1 65  ? 4.991   8.624   9.820   1.00 11.89 ? 71  TYR B CE2 1 
ATOM   565  C CZ  . TYR A 1 65  ? 4.074   9.292   9.044   1.00 12.48 ? 71  TYR B CZ  1 
ATOM   566  O OH  . TYR A 1 65  ? 4.478   10.198  8.097   1.00 13.73 ? 71  TYR B OH  1 
ATOM   567  N N   . TRP A 1 66  ? 3.601   4.563   9.218   1.00 10.14 ? 72  TRP B N   1 
ATOM   568  C CA  . TRP A 1 66  ? 4.820   4.236   8.431   1.00 10.35 ? 72  TRP B CA  1 
ATOM   569  C C   . TRP A 1 66  ? 4.849   5.127   7.192   1.00 10.25 ? 72  TRP B C   1 
ATOM   570  O O   . TRP A 1 66  ? 3.857   5.758   6.834   1.00 10.87 ? 72  TRP B O   1 
ATOM   571  C CB  . TRP A 1 66  ? 4.883   2.716   8.102   1.00 10.04 ? 72  TRP B CB  1 
ATOM   572  C CG  . TRP A 1 66  ? 3.782   2.168   7.262   1.00 9.65  ? 72  TRP B CG  1 
ATOM   573  C CD1 . TRP A 1 66  ? 3.815   1.948   5.908   1.00 9.89  ? 72  TRP B CD1 1 
ATOM   574  C CD2 . TRP A 1 66  ? 2.512   1.675   7.678   1.00 10.56 ? 72  TRP B CD2 1 
ATOM   575  N NE1 . TRP A 1 66  ? 2.653   1.384   5.460   1.00 9.85  ? 72  TRP B NE1 1 
ATOM   576  C CE2 . TRP A 1 66  ? 1.817   1.219   6.534   1.00 10.15 ? 72  TRP B CE2 1 
ATOM   577  C CE3 . TRP A 1 66  ? 1.855   1.624   8.915   1.00 11.66 ? 72  TRP B CE3 1 
ATOM   578  C CZ2 . TRP A 1 66  ? 0.543   0.684   6.590   1.00 10.52 ? 72  TRP B CZ2 1 
ATOM   579  C CZ3 . TRP A 1 66  ? 0.589   1.077   8.983   1.00 13.52 ? 72  TRP B CZ3 1 
ATOM   580  C CH2 . TRP A 1 66  ? -0.077  0.654   7.836   1.00 12.52 ? 72  TRP B CH2 1 
ATOM   581  N N   . GLU A 1 67  ? 6.007   5.110   6.539   1.00 10.14 ? 73  GLU B N   1 
ATOM   582  C CA  . GLU A 1 67  ? 6.276   5.914   5.328   1.00 9.95  ? 73  GLU B CA  1 
ATOM   583  C C   . GLU A 1 67  ? 6.815   5.067   4.180   1.00 9.73  ? 73  GLU B C   1 
ATOM   584  O O   . GLU A 1 67  ? 7.533   4.120   4.413   1.00 10.70 ? 73  GLU B O   1 
ATOM   585  C CB  . GLU A 1 67  ? 7.227   7.065   5.610   1.00 11.72 ? 73  GLU B CB  1 
ATOM   586  C CG  . GLU A 1 67  ? 6.631   8.077   6.578   1.00 14.01 ? 73  GLU B CG  1 
ATOM   587  C CD  . GLU A 1 67  ? 7.518   9.252   6.918   1.00 16.34 ? 73  GLU B CD  1 
ATOM   588  O OE1 . GLU A 1 67  ? 8.692   9.265   6.464   1.00 21.38 ? 73  GLU B OE1 1 
ATOM   589  O OE2 . GLU A 1 67  ? 7.025   10.189  7.648   1.00 14.95 ? 73  GLU B OE2 1 
ATOM   590  N N   . VAL A 1 68  ? 6.380   5.421   2.978   1.00 9.94  ? 74  VAL B N   1 
ATOM   591  C CA  . VAL A 1 68  ? 6.766   4.698   1.760   1.00 10.14 ? 74  VAL B CA  1 
ATOM   592  C C   . VAL A 1 68  ? 7.295   5.703   0.761   1.00 9.82  ? 74  VAL B C   1 
ATOM   593  O O   . VAL A 1 68  ? 6.633   6.697   0.445   1.00 11.08 ? 74  VAL B O   1 
ATOM   594  C CB  . VAL A 1 68  ? 5.585   3.919   1.175   1.00 9.66  ? 74  VAL B CB  1 
ATOM   595  C CG1 . VAL A 1 68  ? 6.067   3.091   0.012   1.00 11.13 ? 74  VAL B CG1 1 
ATOM   596  C CG2 . VAL A 1 68  ? 4.865   3.096   2.234   1.00 10.30 ? 74  VAL B CG2 1 
ATOM   597  N N   . ASP A 1 69  ? 8.442   5.370   0.158   1.00 10.06 ? 75  ASP B N   1 
ATOM   598  C CA  . ASP A 1 69  ? 9.075   6.141   -0.936  1.00 11.07 ? 75  ASP B CA  1 
ATOM   599  C C   . ASP A 1 69  ? 8.496   5.682   -2.258  1.00 9.56  ? 75  ASP B C   1 
ATOM   600  O O   . ASP A 1 69  ? 8.541   4.433   -2.558  1.00 10.55 ? 75  ASP B O   1 
ATOM   601  C CB  . ASP A 1 69  ? 10.610  5.996   -0.936  1.00 12.75 ? 75  ASP B CB  1 
ATOM   602  C CG  . ASP A 1 69  ? 11.289  7.052   -1.795  1.00 14.85 ? 75  ASP B CG  1 
ATOM   603  O OD1 . ASP A 1 69  ? 11.052  7.083   -2.953  1.00 14.73 ? 75  ASP B OD1 1 
ATOM   604  O OD2 . ASP A 1 69  ? 11.867  8.002   -1.221  1.00 18.72 ? 75  ASP B OD2 1 
ATOM   605  N N   . VAL A 1 70  ? 7.988   6.615   -3.066  1.00 9.91  ? 76  VAL B N   1 
ATOM   606  C CA  . VAL A 1 70  ? 7.381   6.360   -4.407  1.00 10.71 ? 76  VAL B CA  1 
ATOM   607  C C   . VAL A 1 70  ? 8.114   7.122   -5.533  1.00 11.08 ? 76  VAL B C   1 
ATOM   608  O O   . VAL A 1 70  ? 7.543   7.315   -6.597  1.00 11.47 ? 76  VAL B O   1 
ATOM   609  C CB  . VAL A 1 70  ? 5.860   6.707   -4.357  1.00 10.41 ? 76  VAL B CB  1 
ATOM   610  C CG1 . VAL A 1 70  ? 5.061   5.846   -3.343  1.00 10.42 ? 76  VAL B CG1 1 
ATOM   611  C CG2 . VAL A 1 70  ? 5.573   8.175   -4.087  1.00 11.48 ? 76  VAL B CG2 1 
ATOM   612  N N   . THR A 1 71  ? 9.306   7.615   -5.242  1.00 11.76 ? 77  THR B N   1 
ATOM   613  C CA  . THR A 1 71  ? 10.092  8.415   -6.200  1.00 12.98 ? 77  THR B CA  1 
ATOM   614  C C   . THR A 1 71  ? 10.117  7.768   -7.590  1.00 12.51 ? 77  THR B C   1 
ATOM   615  O O   . THR A 1 71  ? 10.398  6.574   -7.749  1.00 12.95 ? 77  THR B O   1 
ATOM   616  C CB  . THR A 1 71  ? 11.519  8.571   -5.682  1.00 13.84 ? 77  THR B CB  1 
ATOM   617  O OG1 . THR A 1 71  ? 11.546  9.259   -4.422  1.00 15.77 ? 77  THR B OG1 1 
ATOM   618  C CG2 . THR A 1 71  ? 12.394  9.322   -6.663  1.00 16.07 ? 77  THR B CG2 1 
ATOM   619  N N   . GLN A 1 72  ? 9.808   8.618   -8.555  1.00 15.16 ? 78  GLN B N   1 
ATOM   620  C CA  . GLN A 1 72  ? 9.841   8.409   -10.027 1.00 17.74 ? 78  GLN B CA  1 
ATOM   621  C C   . GLN A 1 72  ? 8.912   7.296   -10.495 1.00 17.04 ? 78  GLN B C   1 
ATOM   622  O O   . GLN A 1 72  ? 8.975   6.916   -11.683 1.00 22.36 ? 78  GLN B O   1 
ATOM   623  C CB  . GLN A 1 72  ? 11.263  8.224   -10.548 1.00 24.64 ? 78  GLN B CB  1 
ATOM   624  C CG  . GLN A 1 72  ? 11.986  6.996   -10.042 1.00 29.43 ? 78  GLN B CG  1 
ATOM   625  C CD  . GLN A 1 72  ? 12.781  6.321   -11.135 1.00 33.03 ? 78  GLN B CD  1 
ATOM   626  O OE1 . GLN A 1 72  ? 13.851  5.762   -10.892 1.00 35.12 ? 78  GLN B OE1 1 
ATOM   627  N NE2 . GLN A 1 72  ? 12.205  6.278   -12.332 1.00 38.24 ? 78  GLN B NE2 1 
ATOM   628  N N   . LYS A 1 73  ? 7.971   6.831   -9.698  1.00 12.74 ? 79  LYS B N   1 
ATOM   629  C CA  . LYS A 1 73  ? 6.948   5.907   -10.210 1.00 11.28 ? 79  LYS B CA  1 
ATOM   630  C C   . LYS A 1 73  ? 5.820   6.612   -10.950 1.00 10.54 ? 79  LYS B C   1 
ATOM   631  O O   . LYS A 1 73  ? 5.378   7.708   -10.510 1.00 12.14 ? 79  LYS B O   1 
ATOM   632  C CB  . LYS A 1 73  ? 6.438   5.058   -9.048  1.00 11.79 ? 79  LYS B CB  1 
ATOM   633  C CG  . LYS A 1 73  ? 7.506   4.077   -8.509  1.00 11.62 ? 79  LYS B CG  1 
ATOM   634  C CD  . LYS A 1 73  ? 6.991   3.036   -7.545  1.00 11.68 ? 79  LYS B CD  1 
ATOM   635  C CE  . LYS A 1 73  ? 6.098   2.001   -8.188  1.00 11.08 ? 79  LYS B CE  1 
ATOM   636  N NZ  . LYS A 1 73  ? 6.684   1.319   -9.385  1.00 9.73  ? 79  LYS B NZ  1 
ATOM   637  N N   . GLU A 1 74  ? 5.269   5.939   -11.938 1.00 9.42  ? 80  GLU B N   1 
ATOM   638  C CA  . GLU A 1 74  ? 4.096   6.405   -12.692 1.00 9.22  ? 80  GLU B CA  1 
ATOM   639  C C   . GLU A 1 74  ? 2.789   5.834   -12.157 1.00 9.23  ? 80  GLU B C   1 
ATOM   640  O O   . GLU A 1 74  ? 1.731   6.330   -12.471 1.00 10.46 ? 80  GLU B O   1 
ATOM   641  C CB  . GLU A 1 74  ? 4.217   5.971   -14.159 1.00 10.32 ? 80  GLU B CB  1 
ATOM   642  C CG  . GLU A 1 74  ? 5.331   6.612   -14.947 1.00 11.47 ? 80  GLU B CG  1 
ATOM   643  C CD  . GLU A 1 74  ? 5.489   6.023   -16.353 1.00 11.01 ? 80  GLU B CD  1 
ATOM   644  O OE1 . GLU A 1 74  ? 6.193   6.672   -17.141 1.00 14.39 ? 80  GLU B OE1 1 
ATOM   645  O OE2 . GLU A 1 74  ? 4.854   5.008   -16.661 1.00 12.56 ? 80  GLU B OE2 1 
ATOM   646  N N   . ALA A 1 75  ? 2.835   4.704   -11.458 1.00 9.45  ? 81  ALA B N   1 
ATOM   647  C CA  . ALA A 1 75  ? 1.637   4.019   -10.978 1.00 9.37  ? 81  ALA B CA  1 
ATOM   648  C C   . ALA A 1 75  ? 2.003   3.219   -9.743  1.00 9.78  ? 81  ALA B C   1 
ATOM   649  O O   . ALA A 1 75  ? 3.034   2.512   -9.706  1.00 9.50  ? 81  ALA B O   1 
ATOM   650  C CB  . ALA A 1 75  ? 1.062   3.120   -12.032 1.00 10.34 ? 81  ALA B CB  1 
ATOM   651  N N   . TRP A 1 76  ? 1.085   3.191   -8.774  1.00 8.74  ? 82  TRP B N   1 
ATOM   652  C CA  . TRP A 1 76  ? 1.207   2.407   -7.515  1.00 8.13  ? 82  TRP B CA  1 
ATOM   653  C C   . TRP A 1 76  ? -0.096  2.511   -6.759  1.00 8.53  ? 82  TRP B C   1 
ATOM   654  O O   . TRP A 1 76  ? -0.892  3.454   -6.974  1.00 9.19  ? 82  TRP B O   1 
ATOM   655  C CB  . TRP A 1 76  ? 2.373   2.898   -6.654  1.00 8.96  ? 82  TRP B CB  1 
ATOM   656  C CG  . TRP A 1 76  ? 2.435   4.369   -6.419  1.00 9.66  ? 82  TRP B CG  1 
ATOM   657  C CD1 . TRP A 1 76  ? 3.222   5.269   -7.069  1.00 10.23 ? 82  TRP B CD1 1 
ATOM   658  C CD2 . TRP A 1 76  ? 1.685   5.187   -5.489  1.00 9.52  ? 82  TRP B CD2 1 
ATOM   659  N NE1 . TRP A 1 76  ? 3.070   6.534   -6.610  1.00 10.14 ? 82  TRP B NE1 1 
ATOM   660  C CE2 . TRP A 1 76  ? 2.093   6.522   -5.641  1.00 10.15 ? 82  TRP B CE2 1 
ATOM   661  C CE3 . TRP A 1 76  ? 0.680   4.918   -4.524  1.00 10.10 ? 82  TRP B CE3 1 
ATOM   662  C CZ2 . TRP A 1 76  ? 1.589   7.579   -4.894  1.00 10.19 ? 82  TRP B CZ2 1 
ATOM   663  C CZ3 . TRP A 1 76  ? 0.152   5.970   -3.789  1.00 10.45 ? 82  TRP B CZ3 1 
ATOM   664  C CH2 . TRP A 1 76  ? 0.633   7.282   -3.958  1.00 10.92 ? 82  TRP B CH2 1 
ATOM   665  N N   . ASP A 1 77  ? -0.325  1.559   -5.880  1.00 8.36  ? 83  ASP B N   1 
ATOM   666  C CA  . ASP A 1 77  ? -1.403  1.624   -4.854  1.00 8.69  ? 83  ASP B CA  1 
ATOM   667  C C   . ASP A 1 77  ? -0.761  1.442   -3.480  1.00 8.45  ? 83  ASP B C   1 
ATOM   668  O O   . ASP A 1 77  ? 0.142   0.586   -3.354  1.00 8.83  ? 83  ASP B O   1 
ATOM   669  C CB  . ASP A 1 77  ? -2.486  0.556   -5.042  1.00 10.54 ? 83  ASP B CB  1 
ATOM   670  C CG  . ASP A 1 77  ? -2.985  0.288   -6.439  1.00 11.57 ? 83  ASP B CG  1 
ATOM   671  O OD1 . ASP A 1 77  ? -3.088  1.243   -7.180  1.00 13.76 ? 83  ASP B OD1 1 
ATOM   672  O OD2 . ASP A 1 77  ? -3.276  -0.917  -6.744  1.00 13.26 ? 83  ASP B OD2 1 
ATOM   673  N N   . LEU A 1 78  ? -1.243  2.148   -2.465  1.00 7.80  ? 84  LEU B N   1 
ATOM   674  C CA  . LEU A 1 78  ? -0.733  2.017   -1.088  1.00 8.17  ? 84  LEU B CA  1 
ATOM   675  C C   . LEU A 1 78  ? -1.876  2.100   -0.103  1.00 7.63  ? 84  LEU B C   1 
ATOM   676  O O   . LEU A 1 78  ? -2.815  2.883   -0.289  1.00 8.13  ? 84  LEU B O   1 
ATOM   677  C CB  . LEU A 1 78  ? 0.250   3.135   -0.755  1.00 8.89  ? 84  LEU B CB  1 
ATOM   678  C CG  . LEU A 1 78  ? 1.633   3.087   -1.407  1.00 10.09 ? 84  LEU B CG  1 
ATOM   679  C CD1 . LEU A 1 78  ? 2.395   4.370   -1.080  1.00 10.47 ? 84  LEU B CD1 1 
ATOM   680  C CD2 . LEU A 1 78  ? 2.388   1.863   -0.960  1.00 10.24 ? 84  LEU B CD2 1 
ATOM   681  N N   . GLY A 1 79  ? -1.743  1.365   0.989   1.00 7.26  ? 85  GLY B N   1 
ATOM   682  C CA  . GLY A 1 79  ? -2.650  1.552   2.136   1.00 7.93  ? 85  GLY B CA  1 
ATOM   683  C C   . GLY A 1 79  ? -2.576  0.383   3.091   1.00 7.50  ? 85  GLY B C   1 
ATOM   684  O O   . GLY A 1 79  ? -1.475  -0.097  3.438   1.00 8.15  ? 85  GLY B O   1 
ATOM   685  N N   A VAL A 1 80  ? -3.761  -0.045  3.527   0.25 7.85  ? 86  VAL B N   1 
ATOM   686  N N   B VAL A 1 80  ? -3.735  -0.094  3.502   0.25 8.08  ? 86  VAL B N   1 
ATOM   687  C CA  A VAL A 1 80  ? -3.943  -1.259  4.372   0.25 7.83  ? 86  VAL B CA  1 
ATOM   688  C CA  B VAL A 1 80  ? -3.832  -1.190  4.500   0.25 8.15  ? 86  VAL B CA  1 
ATOM   689  C C   A VAL A 1 80  ? -5.076  -2.105  3.826   0.25 8.24  ? 86  VAL B C   1 
ATOM   690  C C   B VAL A 1 80  ? -5.058  -2.013  4.059   0.25 8.50  ? 86  VAL B C   1 
ATOM   691  O O   A VAL A 1 80  ? -5.963  -1.638  3.081   0.25 8.48  ? 86  VAL B O   1 
ATOM   692  O O   B VAL A 1 80  ? -5.956  -1.417  3.455   0.25 8.87  ? 86  VAL B O   1 
ATOM   693  C CB  A VAL A 1 80  ? -4.254  -0.957  5.845   0.25 8.02  ? 86  VAL B CB  1 
ATOM   694  C CB  B VAL A 1 80  ? -3.906  -0.567  5.912   0.25 8.65  ? 86  VAL B CB  1 
ATOM   695  C CG1 A VAL A 1 80  ? -3.046  -0.328  6.486   0.25 7.71  ? 86  VAL B CG1 1 
ATOM   696  C CG1 B VAL A 1 80  ? -5.219  0.178   6.123   0.25 8.70  ? 86  VAL B CG1 1 
ATOM   697  C CG2 A VAL A 1 80  ? -5.505  -0.109  6.027   0.25 7.83  ? 86  VAL B CG2 1 
ATOM   698  C CG2 B VAL A 1 80  ? -3.655  -1.578  7.017   0.25 9.19  ? 86  VAL B CG2 1 
ATOM   699  N N   . CYS A 1 81  ? -5.079  -3.338  4.286   1.00 8.69  ? 87  CYS B N   1 
ATOM   700  C CA  . CYS A 1 81  ? -6.186  -4.198  3.922   1.00 9.64  ? 87  CYS B CA  1 
ATOM   701  C C   . CYS A 1 81  ? -6.436  -5.235  5.002   1.00 9.36  ? 87  CYS B C   1 
ATOM   702  O O   . CYS A 1 81  ? -5.566  -5.518  5.827   1.00 9.15  ? 87  CYS B O   1 
ATOM   703  C CB  . CYS A 1 81  ? -5.910  -4.877  2.581   1.00 10.75 ? 87  CYS B CB  1 
ATOM   704  S SG  . CYS A 1 81  ? -4.545  -6.057  2.549   1.00 10.45 ? 87  CYS B SG  1 
ATOM   705  N N   A ARG A 1 82  ? -7.613  -5.827  4.956   0.25 9.46  ? 88  ARG B N   1 
ATOM   706  N N   B ARG A 1 82  ? -7.632  -5.813  4.980   0.25 9.26  ? 88  ARG B N   1 
ATOM   707  C CA  A ARG A 1 82  ? -7.887  -6.983  5.837   0.25 9.89  ? 88  ARG B CA  1 
ATOM   708  C CA  B ARG A 1 82  ? -7.974  -6.955  5.875   0.25 9.59  ? 88  ARG B CA  1 
ATOM   709  C C   A ARG A 1 82  ? -6.928  -8.129  5.528   0.25 9.58  ? 88  ARG B C   1 
ATOM   710  C C   B ARG A 1 82  ? -7.088  -8.164  5.527   0.25 9.62  ? 88  ARG B C   1 
ATOM   711  O O   A ARG A 1 82  ? -6.503  -8.342  4.384   0.25 9.00  ? 88  ARG B O   1 
ATOM   712  O O   B ARG A 1 82  ? -6.891  -8.445  4.319   0.25 10.01 ? 88  ARG B O   1 
ATOM   713  C CB  A ARG A 1 82  ? -9.302  -7.492  5.614   0.25 10.73 ? 88  ARG B CB  1 
ATOM   714  C CB  B ARG A 1 82  ? -9.454  -7.322  5.712   0.25 9.99  ? 88  ARG B CB  1 
ATOM   715  C CG  A ARG A 1 82  ? -10.332 -6.416  5.878   0.25 11.47 ? 88  ARG B CG  1 
ATOM   716  C CG  B ARG A 1 82  ? -10.035 -8.122  6.871   0.25 9.88  ? 88  ARG B CG  1 
ATOM   717  C CD  A ARG A 1 82  ? -11.721 -6.990  5.805   0.25 12.64 ? 88  ARG B CD  1 
ATOM   718  C CD  B ARG A 1 82  ? -11.486 -8.516  6.668   0.25 10.27 ? 88  ARG B CD  1 
ATOM   719  N NE  A ARG A 1 82  ? -12.723 -5.977  6.096   0.25 12.19 ? 88  ARG B NE  1 
ATOM   720  N NE  B ARG A 1 82  ? -12.292 -7.324  6.611   0.25 10.25 ? 88  ARG B NE  1 
ATOM   721  C CZ  A ARG A 1 82  ? -13.842 -5.858  5.414   0.25 13.25 ? 88  ARG B CZ  1 
ATOM   722  C CZ  B ARG A 1 82  ? -13.048 -6.974  5.577   0.25 10.15 ? 88  ARG B CZ  1 
ATOM   723  N NH1 A ARG A 1 82  ? -14.087 -6.679  4.413   0.25 13.59 ? 88  ARG B NH1 1 
ATOM   724  N NH1 B ARG A 1 82  ? -13.209 -7.783  4.553   0.25 11.32 ? 88  ARG B NH1 1 
ATOM   725  N NH2 A ARG A 1 82  ? -14.708 -4.920  5.733   0.25 14.28 ? 88  ARG B NH2 1 
ATOM   726  N NH2 B ARG A 1 82  ? -13.681 -5.819  5.604   0.25 10.22 ? 88  ARG B NH2 1 
ATOM   727  N N   . ASP A 1 83  ? -6.620  -8.903  6.548   1.00 10.52 ? 89  ASP B N   1 
ATOM   728  C CA  . ASP A 1 83  ? -5.804  -10.105 6.327   1.00 11.61 ? 89  ASP B CA  1 
ATOM   729  C C   . ASP A 1 83  ? -6.533  -11.051 5.389   1.00 12.56 ? 89  ASP B C   1 
ATOM   730  O O   . ASP A 1 83  ? -5.819  -11.810 4.662   1.00 15.25 ? 89  ASP B O   1 
ATOM   731  C CB  . ASP A 1 83  ? -5.503  -10.806 7.654   1.00 13.57 ? 89  ASP B CB  1 
ATOM   732  C CG  . ASP A 1 83  ? -6.671  -11.292 8.475   1.00 15.08 ? 89  ASP B CG  1 
ATOM   733  O OD1 . ASP A 1 83  ? -7.842  -10.989 8.114   1.00 17.73 ? 89  ASP B OD1 1 
ATOM   734  O OD2 . ASP A 1 83  ? -6.379  -12.015 9.478   1.00 18.54 ? 89  ASP B OD2 1 
ATOM   735  N N   . SER A 1 84  ? -7.848  -11.071 5.321   1.00 11.29 ? 90  SER B N   1 
ATOM   736  C CA  . SER A 1 84  ? -8.580  -12.079 4.528   1.00 12.96 ? 90  SER B CA  1 
ATOM   737  C C   . SER A 1 84  ? -9.043  -11.577 3.149   1.00 11.89 ? 90  SER B C   1 
ATOM   738  O O   . SER A 1 84  ? -9.904  -12.198 2.563   1.00 13.01 ? 90  SER B O   1 
ATOM   739  C CB  . SER A 1 84  ? -9.712  -12.563 5.344   1.00 16.07 ? 90  SER B CB  1 
ATOM   740  O OG  . SER A 1 84  ? -10.564 -11.526 5.650   1.00 15.83 ? 90  SER B OG  1 
ATOM   741  N N   . VAL A 1 85  ? -8.440  -10.509 2.617   1.00 11.19 ? 91  VAL B N   1 
ATOM   742  C CA  . VAL A 1 85  ? -8.796  -10.084 1.246   1.00 11.18 ? 91  VAL B CA  1 
ATOM   743  C C   . VAL A 1 85  ? -8.511  -11.234 0.263   1.00 10.83 ? 91  VAL B C   1 
ATOM   744  O O   . VAL A 1 85  ? -7.565  -12.019 0.426   1.00 11.73 ? 91  VAL B O   1 
ATOM   745  C CB  . VAL A 1 85  ? -8.058  -8.801  0.804   1.00 10.68 ? 91  VAL B CB  1 
ATOM   746  C CG1 . VAL A 1 85  ? -8.526  -7.602  1.612   1.00 10.82 ? 91  VAL B CG1 1 
ATOM   747  C CG2 . VAL A 1 85  ? -6.560  -8.929  0.765   1.00 10.97 ? 91  VAL B CG2 1 
ATOM   748  N N   . GLN A 1 86  ? -9.349  -11.268 -0.752  1.00 12.37 ? 92  GLN B N   1 
ATOM   749  C CA  . GLN A 1 86  ? -9.178  -12.131 -1.960  1.00 14.03 ? 92  GLN B CA  1 
ATOM   750  C C   . GLN A 1 86  ? -7.770  -11.958 -2.543  1.00 12.53 ? 92  GLN B C   1 
ATOM   751  O O   . GLN A 1 86  ? -7.286  -10.843 -2.671  1.00 13.38 ? 92  GLN B O   1 
ATOM   752  C CB  . GLN A 1 86  ? -10.237 -11.691 -2.974  1.00 15.79 ? 92  GLN B CB  1 
ATOM   753  C CG  . GLN A 1 86  ? -10.224 -12.418 -4.325  1.00 18.66 ? 92  GLN B CG  1 
ATOM   754  C CD  . GLN A 1 86  ? -11.241 -11.792 -5.277  1.00 21.76 ? 92  GLN B CD  1 
ATOM   755  O OE1 . GLN A 1 86  ? -12.153 -11.029 -4.886  1.00 23.19 ? 92  GLN B OE1 1 
ATOM   756  N NE2 . GLN A 1 86  ? -11.120 -12.071 -6.572  1.00 25.21 ? 92  GLN B NE2 1 
ATOM   757  N N   . ARG A 1 87  ? -7.125  -13.052 -2.918  1.00 11.82 ? 93  ARG B N   1 
ATOM   758  C CA  . ARG A 1 87  ? -5.750  -13.049 -3.509  1.00 11.59 ? 93  ARG B CA  1 
ATOM   759  C C   . ARG A 1 87  ? -5.832  -13.365 -5.001  1.00 12.56 ? 93  ARG B C   1 
ATOM   760  O O   . ARG A 1 87  ? -4.923  -12.944 -5.732  1.00 12.68 ? 93  ARG B O   1 
ATOM   761  C CB  . ARG A 1 87  ? -4.818  -14.024 -2.823  1.00 12.17 ? 93  ARG B CB  1 
ATOM   762  C CG  . ARG A 1 87  ? -4.764  -13.888 -1.317  1.00 12.39 ? 93  ARG B CG  1 
ATOM   763  C CD  . ARG A 1 87  ? -4.319  -12.476 -0.859  1.00 12.45 ? 93  ARG B CD  1 
ATOM   764  N NE  . ARG A 1 87  ? -4.532  -12.344 0.598   1.00 13.55 ? 93  ARG B NE  1 
ATOM   765  C CZ  . ARG A 1 87  ? -3.663  -12.726 1.501   1.00 12.61 ? 93  ARG B CZ  1 
ATOM   766  N NH1 . ARG A 1 87  ? -2.505  -13.223 1.133   1.00 15.08 ? 93  ARG B NH1 1 
ATOM   767  N NH2 . ARG A 1 87  ? -3.944  -12.637 2.786   1.00 15.42 ? 93  ARG B NH2 1 
ATOM   768  N N   . LYS A 1 88  ? -6.814  -14.147 -5.447  1.00 12.38 ? 94  LYS B N   1 
ATOM   769  C CA  . LYS A 1 88  ? -6.815  -14.732 -6.820  1.00 13.03 ? 94  LYS B CA  1 
ATOM   770  C C   . LYS A 1 88  ? -7.860  -14.072 -7.679  1.00 13.96 ? 94  LYS B C   1 
ATOM   771  O O   . LYS A 1 88  ? -8.979  -13.764 -7.152  1.00 15.69 ? 94  LYS B O   1 
ATOM   772  C CB  . LYS A 1 88  ? -7.087  -16.237 -6.752  1.00 13.23 ? 94  LYS B CB  1 
ATOM   773  C CG  . LYS A 1 88  ? -6.159  -16.999 -5.845  1.00 14.24 ? 94  LYS B CG  1 
ATOM   774  C CD  . LYS A 1 88  ? -4.659  -16.802 -6.150  1.00 15.33 ? 94  LYS B CD  1 
ATOM   775  C CE  . LYS A 1 88  ? -3.834  -17.636 -5.215  1.00 15.55 ? 94  LYS B CE  1 
ATOM   776  N NZ  . LYS A 1 88  ? -2.376  -17.530 -5.471  1.00 15.14 ? 94  LYS B NZ  1 
ATOM   777  N N   . GLY A 1 89  ? -7.559  -13.836 -8.946  1.00 14.48 ? 95  GLY B N   1 
ATOM   778  C CA  . GLY A 1 89  ? -8.550  -13.271 -9.857  1.00 14.87 ? 95  GLY B CA  1 
ATOM   779  C C   . GLY A 1 89  ? -8.610  -11.754 -9.793  1.00 16.52 ? 95  GLY B C   1 
ATOM   780  O O   . GLY A 1 89  ? -7.714  -11.092 -9.138  1.00 15.84 ? 95  GLY B O   1 
ATOM   781  N N   . GLN A 1 90  ? -9.613  -11.215 -10.459 1.00 16.68 ? 96  GLN B N   1 
ATOM   782  C CA  . GLN A 1 90  ? -9.828  -9.766  -10.581 1.00 17.82 ? 96  GLN B CA  1 
ATOM   783  C C   . GLN A 1 90  ? -10.689 -9.251  -9.433  1.00 17.76 ? 96  GLN B C   1 
ATOM   784  O O   . GLN A 1 90  ? -11.563 -9.982  -8.935  1.00 17.71 ? 96  GLN B O   1 
ATOM   785  C CB  . GLN A 1 90  ? -10.520 -9.457  -11.911 1.00 20.88 ? 96  GLN B CB  1 
ATOM   786  C CG  . GLN A 1 90  ? -9.594  -9.752  -13.073 1.00 28.18 ? 96  GLN B CG  1 
ATOM   787  C CD  . GLN A 1 90  ? -10.326 -9.738  -14.382 1.00 36.13 ? 96  GLN B CD  1 
ATOM   788  O OE1 . GLN A 1 90  ? -10.254 -8.762  -15.127 1.00 45.71 ? 96  GLN B OE1 1 
ATOM   789  N NE2 . GLN A 1 90  ? -11.057 -10.816 -14.638 1.00 41.81 ? 96  GLN B NE2 1 
ATOM   790  N N   . PHE A 1 91  ? -10.371 -8.047  -8.954  1.00 14.83 ? 97  PHE B N   1 
ATOM   791  C CA  . PHE A 1 91  ? -11.161 -7.368  -7.915  1.00 14.43 ? 97  PHE B CA  1 
ATOM   792  C C   . PHE A 1 91  ? -10.824 -5.888  -7.905  1.00 14.50 ? 97  PHE B C   1 
ATOM   793  O O   . PHE A 1 91  ? -9.779  -5.471  -8.408  1.00 15.65 ? 97  PHE B O   1 
ATOM   794  C CB  . PHE A 1 91  ? -10.866 -7.972  -6.541  1.00 14.45 ? 97  PHE B CB  1 
ATOM   795  C CG  . PHE A 1 91  ? -9.403  -7.979  -6.153  1.00 13.64 ? 97  PHE B CG  1 
ATOM   796  C CD1 . PHE A 1 91  ? -8.824  -6.853  -5.559  1.00 14.12 ? 97  PHE B CD1 1 
ATOM   797  C CD2 . PHE A 1 91  ? -8.600  -9.092  -6.355  1.00 13.66 ? 97  PHE B CD2 1 
ATOM   798  C CE1 . PHE A 1 91  ? -7.499  -6.851  -5.162  1.00 13.95 ? 97  PHE B CE1 1 
ATOM   799  C CE2 . PHE A 1 91  ? -7.272  -9.087  -5.966  1.00 13.04 ? 97  PHE B CE2 1 
ATOM   800  C CZ  . PHE A 1 91  ? -6.721  -7.969  -5.374  1.00 13.52 ? 97  PHE B CZ  1 
ATOM   801  N N   A SER A 1 92  ? -11.739 -5.075  -7.380  0.25 14.80 ? 98  SER B N   1 
ATOM   802  N N   B SER A 1 92  ? -11.753 -5.112  -7.349  0.25 14.12 ? 98  SER B N   1 
ATOM   803  C CA  A SER A 1 92  ? -11.515 -3.620  -7.198  0.25 15.27 ? 98  SER B CA  1 
ATOM   804  C CA  B SER A 1 92  ? -11.626 -3.653  -7.123  0.25 14.27 ? 98  SER B CA  1 
ATOM   805  C C   A SER A 1 92  ? -11.060 -3.349  -5.765  0.25 13.87 ? 98  SER B C   1 
ATOM   806  C C   B SER A 1 92  ? -11.007 -3.404  -5.744  0.25 13.25 ? 98  SER B C   1 
ATOM   807  O O   A SER A 1 92  ? -11.523 -4.030  -4.820  0.25 13.37 ? 98  SER B O   1 
ATOM   808  O O   B SER A 1 92  ? -11.248 -4.217  -4.807  0.25 12.87 ? 98  SER B O   1 
ATOM   809  C CB  A SER A 1 92  ? -12.733 -2.816  -7.511  0.25 17.46 ? 98  SER B CB  1 
ATOM   810  C CB  B SER A 1 92  ? -12.967 -2.980  -7.258  0.25 15.05 ? 98  SER B CB  1 
ATOM   811  O OG  A SER A 1 92  ? -13.821 -3.282  -6.743  0.25 20.03 ? 98  SER B OG  1 
ATOM   812  O OG  B SER A 1 92  ? -13.414 -3.042  -8.610  0.25 16.70 ? 98  SER B OG  1 
ATOM   813  N N   . LEU A 1 93  ? -10.219 -2.332  -5.628  1.00 12.59 ? 99  LEU B N   1 
ATOM   814  C CA  . LEU A 1 93  ? -9.766  -1.853  -4.324  1.00 13.06 ? 99  LEU B CA  1 
ATOM   815  C C   . LEU A 1 93  ? -10.843 -0.973  -3.744  1.00 12.86 ? 99  LEU B C   1 
ATOM   816  O O   . LEU A 1 93  ? -11.073 0.156   -4.187  1.00 14.78 ? 99  LEU B O   1 
ATOM   817  C CB  . LEU A 1 93  ? -8.466  -1.068  -4.440  1.00 12.92 ? 99  LEU B CB  1 
ATOM   818  C CG  . LEU A 1 93  ? -7.291  -1.863  -4.976  1.00 13.86 ? 99  LEU B CG  1 
ATOM   819  C CD1 . LEU A 1 93  ? -6.056  -0.953  -5.107  1.00 14.39 ? 99  LEU B CD1 1 
ATOM   820  C CD2 . LEU A 1 93  ? -6.981  -3.082  -4.119  1.00 15.01 ? 99  LEU B CD2 1 
ATOM   821  N N   . SER A 1 94  ? -11.534 -1.455  -2.715  1.00 11.68 ? 100 SER B N   1 
ATOM   822  C CA  . SER A 1 94  ? -12.652 -0.717  -2.090  1.00 11.65 ? 100 SER B CA  1 
ATOM   823  C C   . SER A 1 94  ? -12.767 -1.152  -0.631  1.00 10.51 ? 100 SER B C   1 
ATOM   824  O O   . SER A 1 94  ? -12.430 -2.293  -0.324  1.00 10.67 ? 100 SER B O   1 
ATOM   825  C CB  . SER A 1 94  ? -13.991 -0.951  -2.762  1.00 13.35 ? 100 SER B CB  1 
ATOM   826  O OG  . SER A 1 94  ? -14.375 -2.311  -2.638  1.00 16.35 ? 100 SER B OG  1 
ATOM   827  N N   . PRO A 1 95  ? -13.364 -0.352  0.237   1.00 10.75 ? 101 PRO B N   1 
ATOM   828  C CA  . PRO A 1 95  ? -13.617 -0.789  1.617   1.00 12.01 ? 101 PRO B CA  1 
ATOM   829  C C   . PRO A 1 95  ? -14.550 -2.003  1.635   1.00 11.86 ? 101 PRO B C   1 
ATOM   830  O O   . PRO A 1 95  ? -14.310 -2.910  2.488   1.00 11.86 ? 101 PRO B O   1 
ATOM   831  C CB  . PRO A 1 95  ? -14.254 0.438   2.300   1.00 12.51 ? 101 PRO B CB  1 
ATOM   832  C CG  . PRO A 1 95  ? -13.624 1.592   1.496   1.00 13.20 ? 101 PRO B CG  1 
ATOM   833  C CD  . PRO A 1 95  ? -13.608 1.083   0.074   1.00 12.65 ? 101 PRO B CD  1 
ATOM   834  N N   . GLU A 1 96  ? -15.501 -2.110  0.716   1.00 12.12 ? 102 GLU B N   1 
ATOM   835  C CA  . GLU A 1 96  ? -16.405 -3.286  0.651   1.00 14.74 ? 102 GLU B CA  1 
ATOM   836  C C   . GLU A 1 96  ? -15.574 -4.558  0.474   1.00 13.85 ? 102 GLU B C   1 
ATOM   837  O O   . GLU A 1 96  ? -15.980 -5.647  0.925   1.00 14.91 ? 102 GLU B O   1 
ATOM   838  C CB  . GLU A 1 96  ? -17.421 -3.080  -0.466  1.00 18.76 ? 102 GLU B CB  1 
ATOM   839  C CG  . GLU A 1 96  ? -18.257 -1.829  -0.284  1.00 26.45 ? 102 GLU B CG  1 
ATOM   840  C CD  . GLU A 1 96  ? -17.866 -0.594  -1.095  1.00 32.01 ? 102 GLU B CD  1 
ATOM   841  O OE1 . GLU A 1 96  ? -16.851 0.125   -0.739  1.00 20.75 ? 102 GLU B OE1 1 
ATOM   842  O OE2 . GLU A 1 96  ? -18.628 -0.313  -2.079  1.00 38.65 ? 102 GLU B OE2 1 
ATOM   843  N N   . ASN A 1 97  ? -14.479 -4.508  -0.280  1.00 11.71 ? 103 ASN B N   1 
ATOM   844  C CA  . ASN A 1 97  ? -13.594 -5.666  -0.529  1.00 11.64 ? 103 ASN B CA  1 
ATOM   845  C C   . ASN A 1 97  ? -12.468 -5.767  0.501   1.00 10.56 ? 103 ASN B C   1 
ATOM   846  O O   . ASN A 1 97  ? -11.642 -6.665  0.401   1.00 12.11 ? 103 ASN B O   1 
ATOM   847  C CB  . ASN A 1 97  ? -13.041 -5.644  -1.959  1.00 12.95 ? 103 ASN B CB  1 
ATOM   848  C CG  . ASN A 1 97  ? -14.063 -5.966  -3.014  1.00 14.78 ? 103 ASN B CG  1 
ATOM   849  O OD1 . ASN A 1 97  ? -15.112 -6.571  -2.733  1.00 17.96 ? 103 ASN B OD1 1 
ATOM   850  N ND2 . ASN A 1 97  ? -13.812 -5.530  -4.240  1.00 15.97 ? 103 ASN B ND2 1 
ATOM   851  N N   . GLY A 1 98  ? -12.422 -4.912  1.515   1.00 9.52  ? 104 GLY B N   1 
ATOM   852  C CA  . GLY A 1 98  ? -11.428 -4.987  2.586   1.00 9.47  ? 104 GLY B CA  1 
ATOM   853  C C   . GLY A 1 98  ? -10.141 -4.197  2.359   1.00 8.39  ? 104 GLY B C   1 
ATOM   854  O O   . GLY A 1 98  ? -9.130  -4.518  2.932   1.00 9.50  ? 104 GLY B O   1 
ATOM   855  N N   . PHE A 1 99  ? -10.213 -3.131  1.531   1.00 8.97  ? 105 PHE B N   1 
ATOM   856  C CA  . PHE A 1 99  ? -9.033  -2.269  1.235   1.00 8.86  ? 105 PHE B CA  1 
ATOM   857  C C   . PHE A 1 99  ? -9.295  -0.801  1.559   1.00 8.22  ? 105 PHE B C   1 
ATOM   858  O O   . PHE A 1 99  ? -10.366 -0.298  1.142   1.00 9.64  ? 105 PHE B O   1 
ATOM   859  C CB  . PHE A 1 99  ? -8.659  -2.349  -0.250  1.00 9.46  ? 105 PHE B CB  1 
ATOM   860  C CG  . PHE A 1 99  ? -8.290  -3.736  -0.748  1.00 9.35  ? 105 PHE B CG  1 
ATOM   861  C CD1 . PHE A 1 99  ? -9.243  -4.612  -1.241  1.00 9.91  ? 105 PHE B CD1 1 
ATOM   862  C CD2 . PHE A 1 99  ? -6.981  -4.193  -0.749  1.00 9.56  ? 105 PHE B CD2 1 
ATOM   863  C CE1 . PHE A 1 99  ? -8.906  -5.883  -1.711  1.00 10.66 ? 105 PHE B CE1 1 
ATOM   864  C CE2 . PHE A 1 99  ? -6.651  -5.454  -1.204  1.00 10.60 ? 105 PHE B CE2 1 
ATOM   865  C CZ  . PHE A 1 99  ? -7.610  -6.291  -1.679  1.00 10.24 ? 105 PHE B CZ  1 
ATOM   866  N N   . TRP A 1 100 ? -8.312  -0.149  2.166   1.00 7.87  ? 106 TRP B N   1 
ATOM   867  C CA  . TRP A 1 100 ? -8.288  1.309   2.429   1.00 8.21  ? 106 TRP B CA  1 
ATOM   868  C C   . TRP A 1 100 ? -6.997  1.849   1.823   1.00 7.28  ? 106 TRP B C   1 
ATOM   869  O O   . TRP A 1 100 ? -5.943  1.731   2.412   1.00 8.56  ? 106 TRP B O   1 
ATOM   870  C CB  . TRP A 1 100 ? -8.453  1.617   3.926   1.00 8.37  ? 106 TRP B CB  1 
ATOM   871  C CG  . TRP A 1 100 ? -9.760  1.098   4.471   1.00 8.41  ? 106 TRP B CG  1 
ATOM   872  C CD1 . TRP A 1 100 ? -10.946 1.766   4.582   1.00 9.57  ? 106 TRP B CD1 1 
ATOM   873  C CD2 . TRP A 1 100 ? -10.048 -0.253  4.926   1.00 8.95  ? 106 TRP B CD2 1 
ATOM   874  N NE1 . TRP A 1 100 ? -11.957 0.916   5.008   1.00 9.45  ? 106 TRP B NE1 1 
ATOM   875  C CE2 . TRP A 1 100 ? -11.419 -0.317  5.237   1.00 9.77  ? 106 TRP B CE2 1 
ATOM   876  C CE3 . TRP A 1 100 ? -9.273  -1.411  5.060   1.00 9.30  ? 106 TRP B CE3 1 
ATOM   877  C CZ2 . TRP A 1 100 ? -12.020 -1.515  5.670   1.00 10.98 ? 106 TRP B CZ2 1 
ATOM   878  C CZ3 . TRP A 1 100 ? -9.881  -2.573  5.504   1.00 11.08 ? 106 TRP B CZ3 1 
ATOM   879  C CH2 . TRP A 1 100 ? -11.220 -2.616  5.774   1.00 11.55 ? 106 TRP B CH2 1 
ATOM   880  N N   . THR A 1 101 ? -7.132  2.404   0.610   1.00 7.77  ? 107 THR B N   1 
ATOM   881  C CA  . THR A 1 101 ? -5.965  2.665   -0.268  1.00 8.19  ? 107 THR B CA  1 
ATOM   882  C C   . THR A 1 101 ? -6.132  4.011   -0.990  1.00 7.93  ? 107 THR B C   1 
ATOM   883  O O   . THR A 1 101 ? -7.249  4.498   -1.217  1.00 8.20  ? 107 THR B O   1 
ATOM   884  C CB  . THR A 1 101 ? -5.753  1.552   -1.294  1.00 8.79  ? 107 THR B CB  1 
ATOM   885  O OG1 . THR A 1 101 ? -6.848  1.484   -2.191  1.00 9.32  ? 107 THR B OG1 1 
ATOM   886  C CG2 . THR A 1 101 ? -5.458  0.222   -0.628  1.00 8.79  ? 107 THR B CG2 1 
ATOM   887  N N   . ILE A 1 102 ? -4.984  4.514   -1.441  1.00 8.18  ? 108 ILE B N   1 
ATOM   888  C CA  . ILE A 1 102 ? -4.916  5.598   -2.481  1.00 8.31  ? 108 ILE B CA  1 
ATOM   889  C C   . ILE A 1 102 ? -4.001  5.090   -3.584  1.00 8.23  ? 108 ILE B C   1 
ATOM   890  O O   . ILE A 1 102 ? -3.200  4.113   -3.392  1.00 8.80  ? 108 ILE B O   1 
ATOM   891  C CB  . ILE A 1 102 ? -4.444  6.949   -1.910  1.00 8.76  ? 108 ILE B CB  1 
ATOM   892  C CG1 . ILE A 1 102 ? -2.984  6.920   -1.466  1.00 9.47  ? 108 ILE B CG1 1 
ATOM   893  C CG2 . ILE A 1 102 ? -5.393  7.381   -0.789  1.00 8.90  ? 108 ILE B CG2 1 
ATOM   894  C CD1 . ILE A 1 102 ? -2.391  8.279   -1.164  1.00 10.35 ? 108 ILE B CD1 1 
ATOM   895  N N   . TRP A 1 103 ? -4.031  5.772   -4.718  1.00 8.26  ? 109 TRP B N   1 
ATOM   896  C CA  . TRP A 1 103 ? -3.184  5.378   -5.858  1.00 9.19  ? 109 TRP B CA  1 
ATOM   897  C C   . TRP A 1 103 ? -2.823  6.556   -6.715  1.00 9.19  ? 109 TRP B C   1 
ATOM   898  O O   . TRP A 1 103 ? -3.496  7.621   -6.718  1.00 9.38  ? 109 TRP B O   1 
ATOM   899  C CB  . TRP A 1 103 ? -3.819  4.294   -6.674  1.00 11.25 ? 109 TRP B CB  1 
ATOM   900  C CG  . TRP A 1 103 ? -5.096  4.622   -7.320  1.00 12.46 ? 109 TRP B CG  1 
ATOM   901  C CD1 . TRP A 1 103 ? -5.314  5.396   -8.423  1.00 13.38 ? 109 TRP B CD1 1 
ATOM   902  C CD2 . TRP A 1 103 ? -6.338  4.012   -7.002  1.00 12.47 ? 109 TRP B CD2 1 
ATOM   903  N NE1 . TRP A 1 103 ? -6.616  5.311   -8.806  1.00 15.21 ? 109 TRP B NE1 1 
ATOM   904  C CE2 . TRP A 1 103 ? -7.278  4.467   -7.958  1.00 13.29 ? 109 TRP B CE2 1 
ATOM   905  C CE3 . TRP A 1 103 ? -6.758  3.120   -6.018  1.00 14.40 ? 109 TRP B CE3 1 
ATOM   906  C CZ2 . TRP A 1 103 ? -8.624  4.090   -7.924  1.00 16.24 ? 109 TRP B CZ2 1 
ATOM   907  C CZ3 . TRP A 1 103 ? -8.062  2.711   -6.022  1.00 15.27 ? 109 TRP B CZ3 1 
ATOM   908  C CH2 . TRP A 1 103 ? -8.972  3.197   -6.939  1.00 14.46 ? 109 TRP B CH2 1 
ATOM   909  N N   . LEU A 1 104 ? -1.756  6.369   -7.482  1.00 8.96  ? 110 LEU B N   1 
ATOM   910  C CA  . LEU A 1 104 ? -1.393  7.186   -8.660  1.00 9.77  ? 110 LEU B CA  1 
ATOM   911  C C   . LEU A 1 104 ? -1.621  6.349   -9.895  1.00 9.74  ? 110 LEU B C   1 
ATOM   912  O O   . LEU A 1 104 ? -1.194  5.195   -9.971  1.00 9.67  ? 110 LEU B O   1 
ATOM   913  C CB  . LEU A 1 104 ? 0.074   7.542   -8.585  1.00 10.39 ? 110 LEU B CB  1 
ATOM   914  C CG  . LEU A 1 104 ? 0.648   8.245   -9.815  1.00 10.50 ? 110 LEU B CG  1 
ATOM   915  C CD1 . LEU A 1 104 ? -0.058  9.572   -10.131 1.00 10.56 ? 110 LEU B CD1 1 
ATOM   916  C CD2 . LEU A 1 104 ? 2.123   8.443   -9.665  1.00 12.43 ? 110 LEU B CD2 1 
ATOM   917  N N   . TRP A 1 105 ? -2.219  6.988   -10.896 0.50 10.93 ? 111 TRP B N   1 
ATOM   918  C CA  . TRP A 1 105 ? -2.604  6.362   -12.178 0.50 12.35 ? 111 TRP B CA  1 
ATOM   919  C C   . TRP A 1 105 ? -2.710  7.472   -13.218 0.50 11.97 ? 111 TRP B C   1 
ATOM   920  O O   . TRP A 1 105 ? -3.381  8.486   -12.941 0.50 10.77 ? 111 TRP B O   1 
ATOM   921  C CB  . TRP A 1 105 ? -3.938  5.640   -11.994 0.50 14.86 ? 111 TRP B CB  1 
ATOM   922  C CG  . TRP A 1 105 ? -4.441  4.960   -13.216 0.50 16.56 ? 111 TRP B CG  1 
ATOM   923  C CD1 . TRP A 1 105 ? -5.567  5.244   -13.936 0.50 17.66 ? 111 TRP B CD1 1 
ATOM   924  C CD2 . TRP A 1 105 ? -3.817  3.836   -13.851 0.50 17.44 ? 111 TRP B CD2 1 
ATOM   925  N NE1 . TRP A 1 105 ? -5.684  4.366   -14.973 0.50 17.82 ? 111 TRP B NE1 1 
ATOM   926  C CE2 . TRP A 1 105 ? -4.622  3.499   -14.957 0.50 17.59 ? 111 TRP B CE2 1 
ATOM   927  C CE3 . TRP A 1 105 ? -2.662  3.085   -13.596 0.50 17.59 ? 111 TRP B CE3 1 
ATOM   928  C CZ2 . TRP A 1 105 ? -4.308  2.441   -15.807 0.50 19.10 ? 111 TRP B CZ2 1 
ATOM   929  C CZ3 . TRP A 1 105 ? -2.355  2.038   -14.437 0.50 19.24 ? 111 TRP B CZ3 1 
ATOM   930  C CH2 . TRP A 1 105 ? -3.163  1.730   -15.530 0.50 19.58 ? 111 TRP B CH2 1 
ATOM   931  N N   . GLN A 1 106 ? -2.006  7.332   -14.346 1.00 11.18 ? 112 GLN B N   1 
ATOM   932  C CA  . GLN A 1 106 ? -2.227  8.255   -15.495 1.00 11.43 ? 112 GLN B CA  1 
ATOM   933  C C   . GLN A 1 106 ? -2.251  9.667   -14.981 1.00 12.48 ? 112 GLN B C   1 
ATOM   934  O O   . GLN A 1 106 ? -3.175  10.460  -15.402 1.00 14.56 ? 112 GLN B O   1 
ATOM   935  C CB  . GLN A 1 106 ? -3.475  7.855   -16.270 1.00 13.11 ? 112 GLN B CB  1 
ATOM   936  C CG  . GLN A 1 106 ? -3.324  6.469   -16.816 1.00 14.35 ? 112 GLN B CG  1 
ATOM   937  C CD  . GLN A 1 106 ? -4.373  6.058   -17.814 1.00 16.45 ? 112 GLN B CD  1 
ATOM   938  O OE1 . GLN A 1 106 ? -4.209  5.051   -18.511 1.00 19.77 ? 112 GLN B OE1 1 
ATOM   939  N NE2 . GLN A 1 106 ? -5.439  6.831   -17.926 1.00 15.91 ? 112 GLN B NE2 1 
ATOM   940  N N   . ASP A 1 107 ? -1.263  10.053  -14.238 1.00 13.34 ? 113 ASP B N   1 
ATOM   941  C CA  . ASP A 1 107 ? -1.010  11.447  -13.874 1.00 17.73 ? 113 ASP B CA  1 
ATOM   942  C C   . ASP A 1 107 ? -2.118  12.014  -12.972 1.00 18.74 ? 113 ASP B C   1 
ATOM   943  O O   . ASP A 1 107 ? -2.127  13.252  -12.785 1.00 25.17 ? 113 ASP B O   1 
ATOM   944  C CB  . ASP A 1 107 ? -0.923  12.248  -15.176 1.00 19.69 ? 113 ASP B CB  1 
ATOM   945  C CG  . ASP A 1 107 ? -0.240  13.565  -15.052 1.00 26.07 ? 113 ASP B CG  1 
ATOM   946  O OD1 . ASP A 1 107 ? 0.747   13.680  -14.281 1.00 29.59 ? 113 ASP B OD1 1 
ATOM   947  O OD2 . ASP A 1 107 ? -0.696  14.477  -15.794 1.00 31.67 ? 113 ASP B OD2 1 
ATOM   948  N N   . SER A 1 108 ? -2.922  11.176  -12.323 1.00 14.48 ? 114 SER B N   1 
ATOM   949  C CA  . SER A 1 108 ? -3.904  11.640  -11.302 1.00 15.97 ? 114 SER B CA  1 
ATOM   950  C C   . SER A 1 108 ? -3.814  10.749  -10.065 1.00 13.28 ? 114 SER B C   1 
ATOM   951  O O   . SER A 1 108 ? -3.525  9.512   -10.181 1.00 13.77 ? 114 SER B O   1 
ATOM   952  C CB  . SER A 1 108 ? -5.269  11.792  -11.931 1.00 17.95 ? 114 SER B CB  1 
ATOM   953  O OG  . SER A 1 108 ? -5.915  10.568  -12.092 1.00 26.92 ? 114 SER B OG  1 
ATOM   954  N N   . TYR A 1 109 ? -4.129  11.331  -8.922  1.00 11.37 ? 115 TYR B N   1 
ATOM   955  C CA  . TYR A 1 109 ? -4.226  10.625  -7.625  1.00 10.75 ? 115 TYR B CA  1 
ATOM   956  C C   . TYR A 1 109 ? -5.665  10.439  -7.242  1.00 10.73 ? 115 TYR B C   1 
ATOM   957  O O   . TYR A 1 109 ? -6.453  11.379  -7.350  1.00 11.17 ? 115 TYR B O   1 
ATOM   958  C CB  . TYR A 1 109 ? -3.439  11.388  -6.576  1.00 10.95 ? 115 TYR B CB  1 
ATOM   959  C CG  . TYR A 1 109 ? -1.956  11.575  -6.872  1.00 11.57 ? 115 TYR B CG  1 
ATOM   960  C CD1 . TYR A 1 109 ? -1.484  12.683  -7.566  1.00 12.01 ? 115 TYR B CD1 1 
ATOM   961  C CD2 . TYR A 1 109 ? -1.019  10.690  -6.389  1.00 11.00 ? 115 TYR B CD2 1 
ATOM   962  C CE1 . TYR A 1 109 ? -0.129  12.864  -7.803  1.00 12.56 ? 115 TYR B CE1 1 
ATOM   963  C CE2 . TYR A 1 109 ? 0.332   10.852  -6.628  1.00 11.00 ? 115 TYR B CE2 1 
ATOM   964  C CZ  . TYR A 1 109 ? 0.776   11.955  -7.325  1.00 11.21 ? 115 TYR B CZ  1 
ATOM   965  O OH  . TYR A 1 109 ? 2.097   12.160  -7.649  1.00 12.94 ? 115 TYR B OH  1 
ATOM   966  N N   A GLU A 1 110 ? -6.031  9.237   -6.786  0.26 9.85  ? 116 GLU B N   1 
ATOM   967  N N   B GLU A 1 110 ? -6.020  9.228   -6.798  0.24 10.40 ? 116 GLU B N   1 
ATOM   968  C CA  A GLU A 1 110 ? -7.422  8.929   -6.363  0.26 10.02 ? 116 GLU B CA  1 
ATOM   969  C CA  B GLU A 1 110 ? -7.399  8.864   -6.381  0.24 10.84 ? 116 GLU B CA  1 
ATOM   970  C C   A GLU A 1 110 ? -7.428  8.059   -5.105  0.26 8.92  ? 116 GLU B C   1 
ATOM   971  C C   B GLU A 1 110 ? -7.357  8.135   -5.032  0.24 9.30  ? 116 GLU B C   1 
ATOM   972  O O   A GLU A 1 110 ? -6.537  7.229   -4.919  0.26 8.86  ? 116 GLU B O   1 
ATOM   973  O O   B GLU A 1 110 ? -6.315  7.528   -4.670  0.24 8.75  ? 116 GLU B O   1 
ATOM   974  C CB  A GLU A 1 110 ? -8.174  8.236   -7.490  0.26 10.99 ? 116 GLU B CB  1 
ATOM   975  C CB  B GLU A 1 110 ? -8.057  8.001   -7.453  0.24 12.68 ? 116 GLU B CB  1 
ATOM   976  C CG  A GLU A 1 110 ? -8.236  9.041   -8.785  0.26 12.65 ? 116 GLU B CG  1 
ATOM   977  C CG  B GLU A 1 110 ? -8.180  8.675   -8.820  0.24 15.42 ? 116 GLU B CG  1 
ATOM   978  C CD  A GLU A 1 110 ? -8.903  8.292   -9.927  0.26 13.43 ? 116 GLU B CD  1 
ATOM   979  C CD  B GLU A 1 110 ? -9.414  9.543   -9.029  0.24 16.79 ? 116 GLU B CD  1 
ATOM   980  O OE1 A GLU A 1 110 ? -8.625  7.089   -10.091 0.26 15.51 ? 116 GLU B OE1 1 
ATOM   981  O OE1 B GLU A 1 110 ? -10.378 9.427   -8.245  0.24 20.77 ? 116 GLU B OE1 1 
ATOM   982  O OE2 A GLU A 1 110 ? -9.705  8.912   -10.653 0.26 14.05 ? 116 GLU B OE2 1 
ATOM   983  O OE2 B GLU A 1 110 ? -9.428  10.301  -10.019 0.24 21.46 ? 116 GLU B OE2 1 
ATOM   984  N N   . ALA A 1 111 ? -8.463  8.228   -4.281  1.00 9.01  ? 117 ALA B N   1 
ATOM   985  C CA  . ALA A 1 111 ? -8.714  7.333   -3.129  1.00 9.22  ? 117 ALA B CA  1 
ATOM   986  C C   . ALA A 1 111 ? -9.587  6.196   -3.588  1.00 9.16  ? 117 ALA B C   1 
ATOM   987  O O   . ALA A 1 111 ? -10.546 6.395   -4.358  1.00 9.71  ? 117 ALA B O   1 
ATOM   988  C CB  . ALA A 1 111 ? -9.364  8.070   -1.980  1.00 9.41  ? 117 ALA B CB  1 
ATOM   989  N N   . GLY A 1 112 ? -9.283  4.992   -3.089  1.00 9.50  ? 118 GLY B N   1 
ATOM   990  C CA  . GLY A 1 112 ? -9.995  3.759   -3.434  1.00 10.85 ? 118 GLY B CA  1 
ATOM   991  C C   . GLY A 1 112 ? -11.301 3.606   -2.707  1.00 10.77 ? 118 GLY B C   1 
ATOM   992  O O   . GLY A 1 112 ? -11.576 2.615   -2.058  1.00 13.21 ? 118 GLY B O   1 
ATOM   993  N N   . THR A 1 113 ? -12.186 4.586   -2.773  1.00 12.79 ? 119 THR B N   1 
ATOM   994  C CA  . THR A 1 113 ? -13.611 4.443   -2.462  1.00 13.94 ? 119 THR B CA  1 
ATOM   995  C C   . THR A 1 113 ? -14.331 3.793   -3.640  1.00 14.08 ? 119 THR B C   1 
ATOM   996  O O   . THR A 1 113 ? -13.742 3.667   -4.704  1.00 15.84 ? 119 THR B O   1 
ATOM   997  C CB  . THR A 1 113 ? -14.145 5.823   -2.130  1.00 12.19 ? 119 THR B CB  1 
ATOM   998  O OG1 . THR A 1 113 ? -13.872 6.717   -3.227  1.00 12.08 ? 119 THR B OG1 1 
ATOM   999  C CG2 . THR A 1 113 ? -13.576 6.409   -0.880  1.00 13.11 ? 119 THR B CG2 1 
ATOM   1000 N N   . SER A 1 114 ? -15.615 3.467   -3.494  1.00 17.23 ? 120 SER B N   1 
ATOM   1001 C CA  . SER A 1 114 ? -16.417 2.930   -4.613  1.00 20.07 ? 120 SER B CA  1 
ATOM   1002 C C   . SER A 1 114 ? -17.661 3.804   -4.811  1.00 21.79 ? 120 SER B C   1 
ATOM   1003 O O   . SER A 1 114 ? -18.527 3.870   -3.933  1.00 23.79 ? 120 SER B O   1 
ATOM   1004 C CB  . SER A 1 114 ? -16.758 1.463   -4.387  1.00 23.75 ? 120 SER B CB  1 
ATOM   1005 O OG  . SER A 1 114 ? -17.571 0.981   -5.460  1.00 28.34 ? 120 SER B OG  1 
ATOM   1006 N N   . PRO A 1 115 ? -17.709 4.626   -5.878  1.00 19.12 ? 121 PRO B N   1 
ATOM   1007 C CA  . PRO A 1 115 ? -16.641 4.767   -6.865  1.00 18.39 ? 121 PRO B CA  1 
ATOM   1008 C C   . PRO A 1 115 ? -15.461 5.594   -6.308  1.00 15.12 ? 121 PRO B C   1 
ATOM   1009 O O   . PRO A 1 115 ? -15.585 6.201   -5.256  1.00 14.02 ? 121 PRO B O   1 
ATOM   1010 C CB  . PRO A 1 115 ? -17.332 5.488   -8.024  1.00 21.91 ? 121 PRO B CB  1 
ATOM   1011 C CG  . PRO A 1 115 ? -18.317 6.378   -7.328  1.00 22.41 ? 121 PRO B CG  1 
ATOM   1012 C CD  . PRO A 1 115 ? -18.827 5.561   -6.148  1.00 21.15 ? 121 PRO B CD  1 
ATOM   1013 N N   . GLN A 1 116 ? -14.359 5.652   -7.035  1.00 13.82 ? 122 GLN B N   1 
ATOM   1014 C CA  . GLN A 1 116 ? -13.120 6.305   -6.546  1.00 13.12 ? 122 GLN B CA  1 
ATOM   1015 C C   . GLN A 1 116 ? -13.312 7.820   -6.414  1.00 11.37 ? 122 GLN B C   1 
ATOM   1016 O O   . GLN A 1 116 ? -14.162 8.394   -7.132  1.00 13.11 ? 122 GLN B O   1 
ATOM   1017 C CB  . GLN A 1 116 ? -11.898 5.935   -7.391  1.00 17.18 ? 122 GLN B CB  1 
ATOM   1018 C CG  . GLN A 1 116 ? -11.819 6.610   -8.736  1.00 24.74 ? 122 GLN B CG  1 
ATOM   1019 C CD  . GLN A 1 116 ? -12.237 5.677   -9.834  1.00 32.07 ? 122 GLN B CD  1 
ATOM   1020 O OE1 . GLN A 1 116 ? -13.235 4.966   -9.723  1.00 35.06 ? 122 GLN B OE1 1 
ATOM   1021 N NE2 . GLN A 1 116 ? -11.470 5.692   -10.909 1.00 37.74 ? 122 GLN B NE2 1 
ATOM   1022 N N   . THR A 1 117 ? -12.494 8.417   -5.598  1.00 10.06 ? 123 THR B N   1 
ATOM   1023 C CA  . THR A 1 117 ? -12.562 9.850   -5.267  1.00 10.36 ? 123 THR B CA  1 
ATOM   1024 C C   . THR A 1 117 ? -11.310 10.548  -5.761  1.00 10.64 ? 123 THR B C   1 
ATOM   1025 O O   . THR A 1 117 ? -10.213 10.151  -5.391  1.00 11.42 ? 123 THR B O   1 
ATOM   1026 C CB  . THR A 1 117 ? -12.752 10.039  -3.754  1.00 9.88  ? 123 THR B CB  1 
ATOM   1027 O OG1 . THR A 1 117 ? -13.943 9.375   -3.338  1.00 11.14 ? 123 THR B OG1 1 
ATOM   1028 C CG2 . THR A 1 117 ? -12.821 11.500  -3.373  1.00 10.52 ? 123 THR B CG2 1 
ATOM   1029 N N   . THR A 1 118 ? -11.481 11.654  -6.481  1.00 10.94 ? 124 THR B N   1 
ATOM   1030 C CA  . THR A 1 118 ? -10.372 12.509  -6.913  1.00 11.65 ? 124 THR B CA  1 
ATOM   1031 C C   . THR A 1 118 ? -9.624  13.121  -5.728  1.00 11.20 ? 124 THR B C   1 
ATOM   1032 O O   . THR A 1 118 ? -10.304 13.670  -4.793  1.00 12.56 ? 124 THR B O   1 
ATOM   1033 C CB  . THR A 1 118 ? -10.966 13.592  -7.826  1.00 13.93 ? 124 THR B CB  1 
ATOM   1034 O OG1 . THR A 1 118 ? -11.508 12.960  -8.982  1.00 15.87 ? 124 THR B OG1 1 
ATOM   1035 C CG2 . THR A 1 118 ? -9.935  14.653  -8.140  1.00 15.98 ? 124 THR B CG2 1 
ATOM   1036 N N   . LEU A 1 119 ? -8.313  13.067  -5.706  1.00 10.17 ? 125 LEU B N   1 
ATOM   1037 C CA  . LEU A 1 119 ? -7.483  13.730  -4.725  1.00 9.91  ? 125 LEU B CA  1 
ATOM   1038 C C   . LEU A 1 119 ? -6.926  15.022  -5.327  1.00 11.39 ? 125 LEU B C   1 
ATOM   1039 O O   . LEU A 1 119 ? -6.919  15.186  -6.581  1.00 14.40 ? 125 LEU B O   1 
ATOM   1040 C CB  . LEU A 1 119 ? -6.338  12.831  -4.236  1.00 9.62  ? 125 LEU B CB  1 
ATOM   1041 C CG  . LEU A 1 119 ? -6.797  11.504  -3.630  1.00 9.44  ? 125 LEU B CG  1 
ATOM   1042 C CD1 . LEU A 1 119 ? -5.615  10.592  -3.312  1.00 10.11 ? 125 LEU B CD1 1 
ATOM   1043 C CD2 . LEU A 1 119 ? -7.637  11.734  -2.377  1.00 10.75 ? 125 LEU B CD2 1 
ATOM   1044 N N   . HIS A 1 120 ? -6.619  15.976  -4.481  1.00 11.13 ? 126 HIS B N   1 
ATOM   1045 C CA  . HIS A 1 120 ? -6.156  17.348  -4.846  1.00 11.97 ? 126 HIS B CA  1 
ATOM   1046 C C   . HIS A 1 120 ? -4.754  17.521  -4.301  1.00 13.67 ? 126 HIS B C   1 
ATOM   1047 O O   . HIS A 1 120 ? -4.554  17.828  -3.100  1.00 17.59 ? 126 HIS B O   1 
ATOM   1048 C CB  . HIS A 1 120 ? -7.122  18.396  -4.262  1.00 13.00 ? 126 HIS B CB  1 
ATOM   1049 C CG  . HIS A 1 120 ? -8.516  18.255  -4.759  1.00 12.76 ? 126 HIS B CG  1 
ATOM   1050 N ND1 . HIS A 1 120 ? -9.500  17.594  -4.032  1.00 15.01 ? 126 HIS B ND1 1 
ATOM   1051 C CD2 . HIS A 1 120 ? -9.091  18.638  -5.899  1.00 14.85 ? 126 HIS B CD2 1 
ATOM   1052 C CE1 . HIS A 1 120 ? -10.618 17.599  -4.736  1.00 15.24 ? 126 HIS B CE1 1 
ATOM   1053 N NE2 . HIS A 1 120 ? -10.418 18.248  -5.872  1.00 14.75 ? 126 HIS B NE2 1 
ATOM   1054 N N   . ILE A 1 121 ? -3.755  17.243  -5.112  1.00 15.53 ? 127 ILE B N   1 
ATOM   1055 C CA  . ILE A 1 121 ? -2.320  17.251  -4.703  1.00 18.05 ? 127 ILE B CA  1 
ATOM   1056 C C   . ILE A 1 121 ? -1.593  18.255  -5.630  1.00 17.53 ? 127 ILE B C   1 
ATOM   1057 O O   . ILE A 1 121 ? -1.602  18.092  -6.846  1.00 23.90 ? 127 ILE B O   1 
ATOM   1058 C CB  . ILE A 1 121 ? -1.718  15.825  -4.746  1.00 18.62 ? 127 ILE B CB  1 
ATOM   1059 C CG1 . ILE A 1 121 ? -2.450  14.875  -3.780  1.00 17.63 ? 127 ILE B CG1 1 
ATOM   1060 C CG2 . ILE A 1 121 ? -0.211  15.905  -4.506  1.00 23.51 ? 127 ILE B CG2 1 
ATOM   1061 C CD1 . ILE A 1 121 ? -1.923  13.460  -3.717  1.00 16.58 ? 127 ILE B CD1 1 
ATOM   1062 N N   . GLN A 1 122 ? -1.089  19.317  -5.041  1.00 20.00 ? 128 GLN B N   1 
ATOM   1063 C CA  . GLN A 1 122 ? -0.366  20.396  -5.774  1.00 21.77 ? 128 GLN B CA  1 
ATOM   1064 C C   . GLN A 1 122 ? 1.109   20.009  -5.915  1.00 21.71 ? 128 GLN B C   1 
ATOM   1065 O O   . GLN A 1 122 ? 1.714   20.347  -6.966  1.00 22.30 ? 128 GLN B O   1 
ATOM   1066 C CB  . GLN A 1 122 ? -0.512  21.705  -4.991  1.00 24.18 ? 128 GLN B CB  1 
ATOM   1067 C CG  . GLN A 1 122 ? 0.260   22.892  -5.577  1.00 29.56 ? 128 GLN B CG  1 
ATOM   1068 C CD  . GLN A 1 122 ? -0.206  23.309  -6.958  1.00 33.36 ? 128 GLN B CD  1 
ATOM   1069 O OE1 . GLN A 1 122 ? -1.356  23.108  -7.343  1.00 39.24 ? 128 GLN B OE1 1 
ATOM   1070 N NE2 . GLN A 1 122 ? 0.697   23.906  -7.724  1.00 35.62 ? 128 GLN B NE2 1 
ATOM   1071 N N   . VAL A 1 123 ? 1.660   19.306  -4.931  1.00 18.17 ? 129 VAL B N   1 
ATOM   1072 C CA  . VAL A 1 123 ? 3.109   18.910  -4.892  1.00 16.45 ? 129 VAL B CA  1 
ATOM   1073 C C   . VAL A 1 123 ? 3.203   17.395  -5.034  1.00 16.06 ? 129 VAL B C   1 
ATOM   1074 O O   . VAL A 1 123 ? 2.883   16.688  -4.060  1.00 15.28 ? 129 VAL B O   1 
ATOM   1075 C CB  . VAL A 1 123 ? 3.781   19.384  -3.598  1.00 18.39 ? 129 VAL B CB  1 
ATOM   1076 C CG1 . VAL A 1 123 ? 5.244   18.906  -3.507  1.00 19.19 ? 129 VAL B CG1 1 
ATOM   1077 C CG2 . VAL A 1 123 ? 3.716   20.907  -3.503  1.00 20.02 ? 129 VAL B CG2 1 
ATOM   1078 N N   . PRO A 1 124 ? 3.484   16.827  -6.225  1.00 14.55 ? 130 PRO B N   1 
ATOM   1079 C CA  . PRO A 1 124 ? 3.515   15.368  -6.348  1.00 15.48 ? 130 PRO B CA  1 
ATOM   1080 C C   . PRO A 1 124 ? 4.412   14.766  -5.292  1.00 14.33 ? 130 PRO B C   1 
ATOM   1081 O O   . PRO A 1 124 ? 5.550   15.147  -5.078  1.00 15.47 ? 130 PRO B O   1 
ATOM   1082 C CB  . PRO A 1 124 ? 4.098   15.150  -7.749  1.00 17.72 ? 130 PRO B CB  1 
ATOM   1083 C CG  . PRO A 1 124 ? 3.576   16.376  -8.497  1.00 18.97 ? 130 PRO B CG  1 
ATOM   1084 C CD  . PRO A 1 124 ? 3.735   17.505  -7.523  1.00 17.39 ? 130 PRO B CD  1 
ATOM   1085 N N   . PRO A 1 125 ? 3.901   13.823  -4.474  1.00 13.61 ? 131 PRO B N   1 
ATOM   1086 C CA  . PRO A 1 125 ? 4.694   13.261  -3.404  1.00 12.43 ? 131 PRO B CA  1 
ATOM   1087 C C   . PRO A 1 125 ? 5.808   12.325  -3.878  1.00 12.24 ? 131 PRO B C   1 
ATOM   1088 O O   . PRO A 1 125 ? 5.549   11.508  -4.746  1.00 13.28 ? 131 PRO B O   1 
ATOM   1089 C CB  . PRO A 1 125 ? 3.658   12.537  -2.520  1.00 13.39 ? 131 PRO B CB  1 
ATOM   1090 C CG  . PRO A 1 125 ? 2.514   12.303  -3.431  1.00 15.28 ? 131 PRO B CG  1 
ATOM   1091 C CD  . PRO A 1 125 ? 2.485   13.438  -4.405  1.00 14.14 ? 131 PRO B CD  1 
ATOM   1092 N N   . CYS A 1 126 ? 6.950   12.416  -3.211  1.00 12.20 ? 132 CYS B N   1 
ATOM   1093 C CA  . CYS A 1 126 ? 8.011   11.393  -3.316  1.00 12.43 ? 132 CYS B CA  1 
ATOM   1094 C C   . CYS A 1 126 ? 7.965   10.416  -2.153  1.00 12.05 ? 132 CYS B C   1 
ATOM   1095 O O   . CYS A 1 126 ? 8.515   9.326   -2.266  1.00 11.68 ? 132 CYS B O   1 
ATOM   1096 C CB  . CYS A 1 126 ? 9.386   12.027  -3.391  1.00 14.83 ? 132 CYS B CB  1 
ATOM   1097 S SG  . CYS A 1 126 ? 9.594   13.129  -4.820  1.00 22.74 ? 132 CYS B SG  1 
ATOM   1098 N N   A GLN A 1 127 ? 7.410   10.804  -0.991  0.25 11.98 ? 133 GLN B N   1 
ATOM   1099 N N   B GLN A 1 127 ? 7.202   10.780  -1.125  0.25 12.50 ? 133 GLN B N   1 
ATOM   1100 C CA  A GLN A 1 127 ? 7.135   9.856   0.130   0.25 12.10 ? 133 GLN B CA  1 
ATOM   1101 C CA  B GLN A 1 127 ? 7.091   9.987   0.116   0.25 13.28 ? 133 GLN B CA  1 
ATOM   1102 C C   A GLN A 1 127 ? 5.740   10.134  0.702   0.25 11.09 ? 133 GLN B C   1 
ATOM   1103 C C   B GLN A 1 127 ? 5.657   10.149  0.621   0.25 11.68 ? 133 GLN B C   1 
ATOM   1104 O O   A GLN A 1 127 ? 5.353   11.321  0.848   0.25 10.38 ? 133 GLN B O   1 
ATOM   1105 O O   B GLN A 1 127 ? 5.104   11.260  0.514   0.25 10.74 ? 133 GLN B O   1 
ATOM   1106 C CB  A GLN A 1 127 ? 8.146   9.903   1.285   0.25 12.94 ? 133 GLN B CB  1 
ATOM   1107 C CB  B GLN A 1 127 ? 8.164   10.435  1.106   0.25 15.46 ? 133 GLN B CB  1 
ATOM   1108 C CG  A GLN A 1 127 ? 9.600   9.643   0.906   0.25 13.86 ? 133 GLN B CG  1 
ATOM   1109 C CG  B GLN A 1 127 ? 9.584   10.159  0.640   0.25 17.21 ? 133 GLN B CG  1 
ATOM   1110 C CD  A GLN A 1 127 ? 10.310  10.899  0.461   0.25 15.08 ? 133 GLN B CD  1 
ATOM   1111 C CD  B GLN A 1 127 ? 10.559  10.042  1.784   0.25 19.27 ? 133 GLN B CD  1 
ATOM   1112 O OE1 A GLN A 1 127 ? 10.047  11.988  0.960   0.25 15.92 ? 133 GLN B OE1 1 
ATOM   1113 O OE1 B GLN A 1 127 ? 10.321  10.531  2.882   0.25 23.40 ? 133 GLN B OE1 1 
ATOM   1114 N NE2 A GLN A 1 127 ? 11.205  10.766  -0.510  0.25 15.25 ? 133 GLN B NE2 1 
ATOM   1115 N NE2 B GLN A 1 127 ? 11.676  9.395   1.523   0.25 21.42 ? 133 GLN B NE2 1 
ATOM   1116 N N   . ILE A 1 128 ? 5.054   9.035   1.035   1.00 10.94 ? 134 ILE B N   1 
ATOM   1117 C CA  . ILE A 1 128 ? 3.653   8.982   1.547   1.00 10.84 ? 134 ILE B CA  1 
ATOM   1118 C C   . ILE A 1 128 ? 3.745   8.486   2.997   1.00 10.89 ? 134 ILE B C   1 
ATOM   1119 O O   . ILE A 1 128 ? 4.374   7.428   3.251   1.00 10.52 ? 134 ILE B O   1 
ATOM   1120 C CB  . ILE A 1 128 ? 2.799   8.040   0.689   1.00 11.01 ? 134 ILE B CB  1 
ATOM   1121 C CG1 . ILE A 1 128 ? 2.714   8.417   -0.805  1.00 13.22 ? 134 ILE B CG1 1 
ATOM   1122 C CG2 . ILE A 1 128 ? 1.398   7.918   1.313   1.00 11.74 ? 134 ILE B CG2 1 
ATOM   1123 C CD1 . ILE A 1 128 ? 1.916   9.631   -1.067  1.00 13.48 ? 134 ILE B CD1 1 
ATOM   1124 N N   . GLY A 1 129 ? 3.080   9.177   3.936   1.00 10.46 ? 135 GLY B N   1 
ATOM   1125 C CA  . GLY A 1 129 ? 2.848   8.691   5.298   1.00 9.80  ? 135 GLY B CA  1 
ATOM   1126 C C   . GLY A 1 129 ? 1.475   8.079   5.439   1.00 9.92  ? 135 GLY B C   1 
ATOM   1127 O O   . GLY A 1 129 ? 0.508   8.605   4.891   1.00 10.43 ? 135 GLY B O   1 
ATOM   1128 N N   . ILE A 1 130 ? 1.401   6.944   6.117   1.00 10.05 ? 136 ILE B N   1 
ATOM   1129 C CA  . ILE A 1 130 ? 0.134   6.189   6.336   1.00 9.68  ? 136 ILE B CA  1 
ATOM   1130 C C   . ILE A 1 130 ? -0.077  6.023   7.831   1.00 10.23 ? 136 ILE B C   1 
ATOM   1131 O O   . ILE A 1 130 ? 0.807   5.525   8.530   1.00 10.13 ? 136 ILE B O   1 
ATOM   1132 C CB  . ILE A 1 130 ? 0.185   4.818   5.644   1.00 10.33 ? 136 ILE B CB  1 
ATOM   1133 C CG1 . ILE A 1 130 ? 0.445   5.016   4.149   1.00 11.12 ? 136 ILE B CG1 1 
ATOM   1134 C CG2 . ILE A 1 130 ? -1.119  4.044   5.846   1.00 11.26 ? 136 ILE B CG2 1 
ATOM   1135 C CD1 . ILE A 1 130 ? 0.631   3.767   3.387   1.00 13.32 ? 136 ILE B CD1 1 
ATOM   1136 N N   . PHE A 1 131 ? -1.219  6.523   8.298   1.00 9.58  ? 137 PHE B N   1 
ATOM   1137 C CA  . PHE A 1 131 ? -1.617  6.450   9.720   1.00 9.36  ? 137 PHE B CA  1 
ATOM   1138 C C   . PHE A 1 131 ? -2.891  5.633   9.853   1.00 9.33  ? 137 PHE B C   1 
ATOM   1139 O O   . PHE A 1 131 ? -3.858  5.894   9.153   1.00 10.01 ? 137 PHE B O   1 
ATOM   1140 C CB  . PHE A 1 131 ? -1.863  7.852   10.264  1.00 10.62 ? 137 PHE B CB  1 
ATOM   1141 C CG  . PHE A 1 131 ? -2.358  7.903   11.682  1.00 11.96 ? 137 PHE B CG  1 
ATOM   1142 C CD1 . PHE A 1 131 ? -1.540  7.516   12.710  1.00 13.09 ? 137 PHE B CD1 1 
ATOM   1143 C CD2 . PHE A 1 131 ? -3.633  8.339   12.004  1.00 13.13 ? 137 PHE B CD2 1 
ATOM   1144 C CE1 . PHE A 1 131 ? -1.988  7.557   14.032  1.00 14.94 ? 137 PHE B CE1 1 
ATOM   1145 C CE2 . PHE A 1 131 ? -4.083  8.380   13.326  1.00 14.98 ? 137 PHE B CE2 1 
ATOM   1146 C CZ  . PHE A 1 131 ? -3.249  7.987   14.325  1.00 14.58 ? 137 PHE B CZ  1 
ATOM   1147 N N   . VAL A 1 132 ? -2.874  4.666   10.761  1.00 9.85  ? 138 VAL B N   1 
ATOM   1148 C CA  . VAL A 1 132 ? -4.034  3.819   11.095  1.00 10.09 ? 138 VAL B CA  1 
ATOM   1149 C C   . VAL A 1 132 ? -4.346  3.988   12.584  1.00 9.10  ? 138 VAL B C   1 
ATOM   1150 O O   . VAL A 1 132 ? -3.467  3.764   13.428  1.00 10.93 ? 138 VAL B O   1 
ATOM   1151 C CB  . VAL A 1 132 ? -3.801  2.356   10.738  1.00 10.70 ? 138 VAL B CB  1 
ATOM   1152 C CG1 . VAL A 1 132 ? -5.021  1.533   11.110  1.00 12.15 ? 138 VAL B CG1 1 
ATOM   1153 C CG2 . VAL A 1 132 ? -3.449  2.169   9.260   1.00 12.11 ? 138 VAL B CG2 1 
ATOM   1154 N N   . ASP A 1 133 ? -5.578  4.369   12.875  1.00 9.60  ? 139 ASP B N   1 
ATOM   1155 C CA  . ASP A 1 133 ? -6.111  4.331   14.269  1.00 10.77 ? 139 ASP B CA  1 
ATOM   1156 C C   . ASP A 1 133 ? -7.192  3.250   14.303  1.00 10.05 ? 139 ASP B C   1 
ATOM   1157 O O   . ASP A 1 133 ? -8.291  3.437   13.801  1.00 10.35 ? 139 ASP B O   1 
ATOM   1158 C CB  . ASP A 1 133 ? -6.622  5.689   14.698  1.00 12.16 ? 139 ASP B CB  1 
ATOM   1159 C CG  . ASP A 1 133 ? -7.132  5.763   16.140  1.00 13.07 ? 139 ASP B CG  1 
ATOM   1160 O OD1 . ASP A 1 133 ? -7.504  4.708   16.694  1.00 14.13 ? 139 ASP B OD1 1 
ATOM   1161 O OD2 . ASP A 1 133 ? -7.121  6.932   16.632  1.00 17.41 ? 139 ASP B OD2 1 
ATOM   1162 N N   . TYR A 1 134 ? -6.810  2.081   14.816  1.00 10.62 ? 140 TYR B N   1 
ATOM   1163 C CA  . TYR A 1 134 ? -7.718  0.916   14.754  1.00 11.10 ? 140 TYR B CA  1 
ATOM   1164 C C   . TYR A 1 134 ? -9.037  1.203   15.504  1.00 11.40 ? 140 TYR B C   1 
ATOM   1165 O O   . TYR A 1 134 ? -10.097 1.034   14.998  1.00 12.29 ? 140 TYR B O   1 
ATOM   1166 C CB  . TYR A 1 134 ? -7.016  -0.361  15.260  1.00 10.85 ? 140 TYR B CB  1 
ATOM   1167 C CG  . TYR A 1 134 ? -7.782  -1.597  14.832  1.00 11.10 ? 140 TYR B CG  1 
ATOM   1168 C CD1 . TYR A 1 134 ? -8.982  -2.000  15.420  1.00 11.35 ? 140 TYR B CD1 1 
ATOM   1169 C CD2 . TYR A 1 134 ? -7.333  -2.363  13.760  1.00 10.60 ? 140 TYR B CD2 1 
ATOM   1170 C CE1 . TYR A 1 134 ? -9.700  -3.079  14.944  1.00 10.77 ? 140 TYR B CE1 1 
ATOM   1171 C CE2 . TYR A 1 134 ? -8.038  -3.448  13.265  1.00 11.10 ? 140 TYR B CE2 1 
ATOM   1172 C CZ  . TYR A 1 134 ? -9.230  -3.821  13.857  1.00 10.31 ? 140 TYR B CZ  1 
ATOM   1173 O OH  . TYR A 1 134 ? -9.969  -4.864  13.394  1.00 11.23 ? 140 TYR B OH  1 
ATOM   1174 N N   . GLU A 1 135 ? -8.906  1.715   16.708  1.00 12.79 ? 141 GLU B N   1 
ATOM   1175 C CA  . GLU A 1 135 ? -10.090 1.908   17.592  1.00 13.49 ? 141 GLU B CA  1 
ATOM   1176 C C   . GLU A 1 135 ? -11.011 2.952   16.989  1.00 13.67 ? 141 GLU B C   1 
ATOM   1177 O O   . GLU A 1 135 ? -12.224 2.727   16.949  1.00 15.53 ? 141 GLU B O   1 
ATOM   1178 C CB  . GLU A 1 135 ? -9.663  2.324   18.992  1.00 16.30 ? 141 GLU B CB  1 
ATOM   1179 C CG  . GLU A 1 135 ? -9.240  1.146   19.862  1.00 23.95 ? 141 GLU B CG  1 
ATOM   1180 C CD  . GLU A 1 135 ? -8.150  0.293   19.330  1.00 28.26 ? 141 GLU B CD  1 
ATOM   1181 O OE1 . GLU A 1 135 ? -8.333  -0.879  19.301  1.00 21.92 ? 141 GLU B OE1 1 
ATOM   1182 O OE2 . GLU A 1 135 ? -7.121  0.853   18.919  1.00 31.56 ? 141 GLU B OE2 1 
ATOM   1183 N N   . ALA A 1 136 ? -10.464 4.042   16.447  1.00 11.96 ? 142 ALA B N   1 
ATOM   1184 C CA  . ALA A 1 136 ? -11.267 5.122   15.888  1.00 12.96 ? 142 ALA B CA  1 
ATOM   1185 C C   . ALA A 1 136 ? -11.844 4.748   14.519  1.00 13.19 ? 142 ALA B C   1 
ATOM   1186 O O   . ALA A 1 136 ? -12.770 5.410   14.066  1.00 15.57 ? 142 ALA B O   1 
ATOM   1187 C CB  . ALA A 1 136 ? -10.472 6.397   15.776  1.00 15.08 ? 142 ALA B CB  1 
ATOM   1188 N N   . GLY A 1 137 ? -11.336 3.723   13.827  1.00 11.33 ? 143 GLY B N   1 
ATOM   1189 C CA  . GLY A 1 137 ? -11.761 3.398   12.464  1.00 10.80 ? 143 GLY B CA  1 
ATOM   1190 C C   . GLY A 1 137 ? -11.287 4.446   11.441  1.00 9.51  ? 143 GLY B C   1 
ATOM   1191 O O   . GLY A 1 137 ? -12.121 4.902   10.657  1.00 10.93 ? 143 GLY B O   1 
ATOM   1192 N N   . VAL A 1 138 ? -10.014 4.826   11.515  1.00 10.09 ? 144 VAL B N   1 
ATOM   1193 C CA  . VAL A 1 138 ? -9.448  5.882   10.618  1.00 10.49 ? 144 VAL B CA  1 
ATOM   1194 C C   . VAL A 1 138 ? -8.211  5.341   9.916   1.00 9.49  ? 144 VAL B C   1 
ATOM   1195 O O   . VAL A 1 138 ? -7.327  4.753   10.557  1.00 10.43 ? 144 VAL B O   1 
ATOM   1196 C CB  . VAL A 1 138 ? -9.073  7.104   11.471  1.00 10.97 ? 144 VAL B CB  1 
ATOM   1197 C CG1 . VAL A 1 138 ? -8.174  8.100   10.707  1.00 11.98 ? 144 VAL B CG1 1 
ATOM   1198 C CG2 . VAL A 1 138 ? -10.344 7.755   12.008  1.00 12.30 ? 144 VAL B CG2 1 
ATOM   1199 N N   . VAL A 1 139 ? -8.110  5.675   8.633   1.00 9.54  ? 145 VAL B N   1 
ATOM   1200 C CA  . VAL A 1 139 ? -6.856  5.515   7.831   1.00 9.13  ? 145 VAL B CA  1 
ATOM   1201 C C   . VAL A 1 139 ? -6.582  6.854   7.119   1.00 8.57  ? 145 VAL B C   1 
ATOM   1202 O O   . VAL A 1 139 ? -7.464  7.290   6.350   1.00 9.16  ? 145 VAL B O   1 
ATOM   1203 C CB  . VAL A 1 139 ? -6.996  4.376   6.803   1.00 8.97  ? 145 VAL B CB  1 
ATOM   1204 C CG1 . VAL A 1 139 ? -5.667  4.190   6.061   1.00 9.43  ? 145 VAL B CG1 1 
ATOM   1205 C CG2 . VAL A 1 139 ? -7.467  3.073   7.440   1.00 9.24  ? 145 VAL B CG2 1 
ATOM   1206 N N   . SER A 1 140 ? -5.455  7.453   7.403   1.00 8.45  ? 146 SER B N   1 
ATOM   1207 C CA  . SER A 1 140 ? -5.096  8.750   6.805   1.00 9.32  ? 146 SER B CA  1 
ATOM   1208 C C   . SER A 1 140 ? -3.765  8.662   6.070   1.00 8.79  ? 146 SER B C   1 
ATOM   1209 O O   . SER A 1 140 ? -2.886  7.910   6.445   1.00 9.88  ? 146 SER B O   1 
ATOM   1210 C CB  . SER A 1 140 ? -5.036  9.849   7.854   1.00 9.18  ? 146 SER B CB  1 
ATOM   1211 O OG  . SER A 1 140 ? -6.325  10.102  8.442   1.00 10.55 ? 146 SER B OG  1 
ATOM   1212 N N   . PHE A 1 141 ? -3.657  9.506   5.047   1.00 8.34  ? 147 PHE B N   1 
ATOM   1213 C CA  . PHE A 1 141 ? -2.515  9.568   4.130   1.00 9.21  ? 147 PHE B CA  1 
ATOM   1214 C C   . PHE A 1 141 ? -1.982  10.987  4.150   1.00 9.34  ? 147 PHE B C   1 
ATOM   1215 O O   . PHE A 1 141 ? -2.788  11.950  3.978   1.00 9.33  ? 147 PHE B O   1 
ATOM   1216 C CB  . PHE A 1 141 ? -2.929  9.130   2.709   1.00 9.47  ? 147 PHE B CB  1 
ATOM   1217 C CG  . PHE A 1 141 ? -3.411  7.699   2.602   1.00 8.68  ? 147 PHE B CG  1 
ATOM   1218 C CD1 . PHE A 1 141 ? -4.711  7.344   2.941   1.00 8.78  ? 147 PHE B CD1 1 
ATOM   1219 C CD2 . PHE A 1 141 ? -2.529  6.705   2.210   1.00 8.23  ? 147 PHE B CD2 1 
ATOM   1220 C CE1 . PHE A 1 141 ? -5.107  6.018   2.902   1.00 8.76  ? 147 PHE B CE1 1 
ATOM   1221 C CE2 . PHE A 1 141 ? -2.962  5.381   2.166   1.00 8.67  ? 147 PHE B CE2 1 
ATOM   1222 C CZ  . PHE A 1 141 ? -4.243  5.032   2.496   1.00 8.59  ? 147 PHE B CZ  1 
ATOM   1223 N N   . TYR A 1 142 ? -0.670  11.106  4.151   1.00 9.10  ? 148 TYR B N   1 
ATOM   1224 C CA  . TYR A 1 142 ? 0.046   12.397  4.306   1.00 10.30 ? 148 TYR B CA  1 
ATOM   1225 C C   . TYR A 1 142 ? 1.094   12.510  3.198   1.00 10.51 ? 148 TYR B C   1 
ATOM   1226 O O   . TYR A 1 142 ? 1.838   11.557  2.863   1.00 10.74 ? 148 TYR B O   1 
ATOM   1227 C CB  . TYR A 1 142 ? 0.641   12.571  5.698   1.00 10.71 ? 148 TYR B CB  1 
ATOM   1228 C CG  . TYR A 1 142 ? -0.409  12.586  6.775   1.00 11.21 ? 148 TYR B CG  1 
ATOM   1229 C CD1 . TYR A 1 142 ? -1.135  13.731  7.089   1.00 11.84 ? 148 TYR B CD1 1 
ATOM   1230 C CD2 . TYR A 1 142 ? -0.790  11.416  7.418   1.00 11.69 ? 148 TYR B CD2 1 
ATOM   1231 C CE1 . TYR A 1 142 ? -2.166  13.710  8.020   1.00 12.18 ? 148 TYR B CE1 1 
ATOM   1232 C CE2 . TYR A 1 142 ? -1.799  11.383  8.367   1.00 12.30 ? 148 TYR B CE2 1 
ATOM   1233 C CZ  . TYR A 1 142 ? -2.478  12.545  8.693   1.00 11.96 ? 148 TYR B CZ  1 
ATOM   1234 O OH  . TYR A 1 142 ? -3.511  12.535  9.609   1.00 14.06 ? 148 TYR B OH  1 
ATOM   1235 N N   . ASN A 1 143 ? 1.301   13.740  2.742   1.00 11.97 ? 149 ASN B N   1 
ATOM   1236 C CA  . ASN A 1 143 ? 2.286   14.105  1.686   1.00 11.37 ? 149 ASN B CA  1 
ATOM   1237 C C   . ASN A 1 143 ? 3.561   14.534  2.396   1.00 10.76 ? 149 ASN B C   1 
ATOM   1238 O O   . ASN A 1 143 ? 3.681   15.734  2.810   1.00 13.52 ? 149 ASN B O   1 
ATOM   1239 C CB  . ASN A 1 143 ? 1.701   15.208  0.812   1.00 11.42 ? 149 ASN B CB  1 
ATOM   1240 C CG  . ASN A 1 143 ? 2.601   15.558  -0.369  1.00 12.05 ? 149 ASN B CG  1 
ATOM   1241 O OD1 . ASN A 1 143 ? 3.800   15.227  -0.337  1.00 13.22 ? 149 ASN B OD1 1 
ATOM   1242 N ND2 . ASN A 1 143 ? 2.018   16.119  -1.383  1.00 13.41 ? 149 ASN B ND2 1 
ATOM   1243 N N   . ILE A 1 144 ? 4.551   13.658  2.543   1.00 12.46 ? 150 ILE B N   1 
ATOM   1244 C CA  . ILE A 1 144 ? 5.767   13.980  3.320   1.00 13.47 ? 150 ILE B CA  1 
ATOM   1245 C C   . ILE A 1 144 ? 6.560   15.057  2.555   1.00 14.41 ? 150 ILE B C   1 
ATOM   1246 O O   . ILE A 1 144 ? 7.197   15.906  3.210   1.00 16.38 ? 150 ILE B O   1 
ATOM   1247 C CB  . ILE A 1 144 ? 6.596   12.708  3.574   1.00 14.13 ? 150 ILE B CB  1 
ATOM   1248 C CG1 . ILE A 1 144 ? 5.768   11.629  4.292   1.00 15.36 ? 150 ILE B CG1 1 
ATOM   1249 C CG2 . ILE A 1 144 ? 7.871   13.017  4.332   1.00 16.20 ? 150 ILE B CG2 1 
ATOM   1250 C CD1 . ILE A 1 144 ? 4.930   12.155  5.415   1.00 18.64 ? 150 ILE B CD1 1 
ATOM   1251 N N   . THR A 1 145 ? 6.546   15.061  1.236   1.00 14.16 ? 151 THR B N   1 
ATOM   1252 C CA  . THR A 1 145 ? 7.282   16.036  0.370   1.00 15.00 ? 151 THR B CA  1 
ATOM   1253 C C   . THR A 1 145 ? 6.732   17.435  0.648   1.00 18.25 ? 151 THR B C   1 
ATOM   1254 O O   . THR A 1 145 ? 7.533   18.397  0.677   1.00 21.13 ? 151 THR B O   1 
ATOM   1255 C CB  . THR A 1 145 ? 7.121   15.620  -1.096  1.00 14.58 ? 151 THR B CB  1 
ATOM   1256 O OG1 . THR A 1 145 ? 7.525   14.258  -1.229  1.00 14.95 ? 151 THR B OG1 1 
ATOM   1257 C CG2 . THR A 1 145 ? 7.958   16.484  -2.023  1.00 15.95 ? 151 THR B CG2 1 
ATOM   1258 N N   . ASP A 1 146 ? 5.445   17.584  0.933   1.00 16.02 ? 152 ASP B N   1 
ATOM   1259 C CA  . ASP A 1 146 ? 4.787   18.886  1.211   1.00 17.09 ? 152 ASP B CA  1 
ATOM   1260 C C   . ASP A 1 146 ? 4.538   19.070  2.713   1.00 17.36 ? 152 ASP B C   1 
ATOM   1261 O O   . ASP A 1 146 ? 3.391   19.347  3.075   1.00 18.53 ? 152 ASP B O   1 
ATOM   1262 C CB  . ASP A 1 146 ? 3.550   19.002  0.363   1.00 16.70 ? 152 ASP B CB  1 
ATOM   1263 C CG  . ASP A 1 146 ? 2.839   20.316  0.502   1.00 20.26 ? 152 ASP B CG  1 
ATOM   1264 O OD1 . ASP A 1 146 ? 3.532   21.364  0.555   1.00 21.73 ? 152 ASP B OD1 1 
ATOM   1265 O OD2 . ASP A 1 146 ? 1.616   20.260  0.554   1.00 20.87 ? 152 ASP B OD2 1 
ATOM   1266 N N   . HIS A 1 147 ? 5.558   18.913  3.539   1.00 19.24 ? 153 HIS B N   1 
ATOM   1267 C CA  . HIS A 1 147 ? 5.520   19.234  4.989   1.00 23.52 ? 153 HIS B CA  1 
ATOM   1268 C C   . HIS A 1 147 ? 4.371   18.459  5.649   1.00 21.08 ? 153 HIS B C   1 
ATOM   1269 O O   . HIS A 1 147 ? 3.732   18.977  6.557   1.00 23.39 ? 153 HIS B O   1 
ATOM   1270 C CB  . HIS A 1 147 ? 5.310   20.735  5.262   1.00 28.72 ? 153 HIS B CB  1 
ATOM   1271 C CG  . HIS A 1 147 ? 6.089   21.706  4.430   1.00 36.12 ? 153 HIS B CG  1 
ATOM   1272 N ND1 . HIS A 1 147 ? 7.400   22.041  4.715   1.00 41.03 ? 153 HIS B ND1 1 
ATOM   1273 C CD2 . HIS A 1 147 ? 5.718   22.477  3.383   1.00 38.75 ? 153 HIS B CD2 1 
ATOM   1274 C CE1 . HIS A 1 147 ? 7.823   22.938  3.845   1.00 43.66 ? 153 HIS B CE1 1 
ATOM   1275 N NE2 . HIS A 1 147 ? 6.805   23.231  3.019   1.00 41.54 ? 153 HIS B NE2 1 
ATOM   1276 N N   . GLY A 1 148 ? 4.094   17.238  5.205   1.00 17.20 ? 154 GLY B N   1 
ATOM   1277 C CA  . GLY A 1 148 ? 3.131   16.377  5.913   1.00 15.69 ? 154 GLY B CA  1 
ATOM   1278 C C   . GLY A 1 148 ? 1.691   16.740  5.639   1.00 14.14 ? 154 GLY B C   1 
ATOM   1279 O O   . GLY A 1 148 ? 0.881   16.342  6.455   1.00 15.07 ? 154 GLY B O   1 
ATOM   1280 N N   . SER A 1 149 ? 1.365   17.456  4.594   1.00 13.12 ? 155 SER B N   1 
ATOM   1281 C CA  . SER A 1 149 ? -0.021  17.902  4.361   1.00 12.04 ? 155 SER B CA  1 
ATOM   1282 C C   . SER A 1 149 ? -0.959  16.695  4.175   1.00 11.97 ? 155 SER B C   1 
ATOM   1283 O O   . SER A 1 149 ? -0.574  15.650  3.569   1.00 11.62 ? 155 SER B O   1 
ATOM   1284 C CB  . SER A 1 149 ? -0.104  18.832  3.170   1.00 13.30 ? 155 SER B CB  1 
ATOM   1285 O OG  . SER A 1 149 ? 0.403   18.258  1.970   1.00 14.16 ? 155 SER B OG  1 
ATOM   1286 N N   . LEU A 1 150 ? -2.189  16.811  4.622   1.00 10.63 ? 156 LEU B N   1 
ATOM   1287 C CA  . LEU A 1 150 ? -3.191  15.728  4.468   1.00 10.29 ? 156 LEU B CA  1 
ATOM   1288 C C   . LEU A 1 150 ? -3.530  15.514  3.007   1.00 10.23 ? 156 LEU B C   1 
ATOM   1289 O O   . LEU A 1 150 ? -3.859  16.447  2.226   1.00 10.65 ? 156 LEU B O   1 
ATOM   1290 C CB  . LEU A 1 150 ? -4.447  16.105  5.255   1.00 10.69 ? 156 LEU B CB  1 
ATOM   1291 C CG  . LEU A 1 150 ? -5.578  15.049  5.223   1.00 10.71 ? 156 LEU B CG  1 
ATOM   1292 C CD1 . LEU A 1 150 ? -5.192  13.774  5.952   1.00 10.91 ? 156 LEU B CD1 1 
ATOM   1293 C CD2 . LEU A 1 150 ? -6.844  15.629  5.889   1.00 11.58 ? 156 LEU B CD2 1 
ATOM   1294 N N   . ILE A 1 151 ? -3.522  14.234  2.596   1.00 9.97  ? 157 ILE B N   1 
ATOM   1295 C CA  . ILE A 1 151 ? -4.014  13.792  1.284   1.00 9.91  ? 157 ILE B CA  1 
ATOM   1296 C C   . ILE A 1 151 ? -5.455  13.292  1.362   1.00 9.31  ? 157 ILE B C   1 
ATOM   1297 O O   . ILE A 1 151 ? -6.296  13.649  0.581   1.00 9.43  ? 157 ILE B O   1 
ATOM   1298 C CB  . ILE A 1 151 ? -3.053  12.720  0.698   1.00 10.53 ? 157 ILE B CB  1 
ATOM   1299 C CG1 . ILE A 1 151 ? -1.667  13.291  0.396   1.00 11.01 ? 157 ILE B CG1 1 
ATOM   1300 C CG2 . ILE A 1 151 ? -3.683  12.108  -0.546  1.00 10.98 ? 157 ILE B CG2 1 
ATOM   1301 C CD1 . ILE A 1 151 ? -0.633  12.236  0.045   1.00 10.78 ? 157 ILE B CD1 1 
ATOM   1302 N N   . TYR A 1 152 ? -5.735  12.391  2.311   1.00 9.17  ? 158 TYR B N   1 
ATOM   1303 C CA  . TYR A 1 152 ? -7.067  11.760  2.383   1.00 8.95  ? 158 TYR B CA  1 
ATOM   1304 C C   . TYR A 1 152 ? -7.241  11.102  3.741   1.00 8.53  ? 158 TYR B C   1 
ATOM   1305 O O   . TYR A 1 152 ? -6.292  10.501  4.242   1.00 9.31  ? 158 TYR B O   1 
ATOM   1306 C CB  . TYR A 1 152 ? -7.249  10.671  1.289   1.00 8.72  ? 158 TYR B CB  1 
ATOM   1307 C CG  . TYR A 1 152 ? -8.672  10.245  1.132   1.00 8.84  ? 158 TYR B CG  1 
ATOM   1308 C CD1 . TYR A 1 152 ? -9.601  10.989  0.411   1.00 9.40  ? 158 TYR B CD1 1 
ATOM   1309 C CD2 . TYR A 1 152 ? -9.137  9.066   1.716   1.00 8.88  ? 158 TYR B CD2 1 
ATOM   1310 C CE1 . TYR A 1 152 ? -10.919 10.605  0.306   1.00 9.76  ? 158 TYR B CE1 1 
ATOM   1311 C CE2 . TYR A 1 152 ? -10.448 8.680   1.642   1.00 9.38  ? 158 TYR B CE2 1 
ATOM   1312 C CZ  . TYR A 1 152 ? -11.342 9.468   0.963   1.00 9.37  ? 158 TYR B CZ  1 
ATOM   1313 O OH  . TYR A 1 152 ? -12.667 9.131   0.905   1.00 11.61 ? 158 TYR B OH  1 
ATOM   1314 N N   . THR A 1 153 ? -8.469  11.133  4.275   1.00 8.59  ? 159 THR B N   1 
ATOM   1315 C CA  . THR A 1 153 ? -8.878  10.365  5.465   1.00 8.55  ? 159 THR B CA  1 
ATOM   1316 C C   . THR A 1 153 ? -10.097 9.523   5.166   1.00 9.25  ? 159 THR B C   1 
ATOM   1317 O O   . THR A 1 153 ? -11.141 10.042  4.813   1.00 9.67  ? 159 THR B O   1 
ATOM   1318 C CB  . THR A 1 153 ? -9.171  11.292  6.662   1.00 9.20  ? 159 THR B CB  1 
ATOM   1319 O OG1 . THR A 1 153 ? -7.929  11.892  7.038   1.00 9.80  ? 159 THR B OG1 1 
ATOM   1320 C CG2 . THR A 1 153 ? -9.825  10.534  7.807   1.00 10.46 ? 159 THR B CG2 1 
ATOM   1321 N N   . PHE A 1 154 ? -9.940  8.201   5.321   1.00 8.98  ? 160 PHE B N   1 
ATOM   1322 C CA  . PHE A 1 154 ? -11.081 7.273   5.431   1.00 9.15  ? 160 PHE B CA  1 
ATOM   1323 C C   . PHE A 1 154 ? -11.486 7.258   6.918   1.00 9.29  ? 160 PHE B C   1 
ATOM   1324 O O   . PHE A 1 154 ? -10.680 6.944   7.785   1.00 9.97  ? 160 PHE B O   1 
ATOM   1325 C CB  . PHE A 1 154 ? -10.689 5.838   5.085   1.00 9.23  ? 160 PHE B CB  1 
ATOM   1326 C CG  . PHE A 1 154 ? -10.364 5.556   3.637   1.00 8.23  ? 160 PHE B CG  1 
ATOM   1327 C CD1 . PHE A 1 154 ? -9.082  5.705   3.143   1.00 7.92  ? 160 PHE B CD1 1 
ATOM   1328 C CD2 . PHE A 1 154 ? -11.325 5.089   2.771   1.00 8.16  ? 160 PHE B CD2 1 
ATOM   1329 C CE1 . PHE A 1 154 ? -8.787  5.392   1.815   1.00 8.64  ? 160 PHE B CE1 1 
ATOM   1330 C CE2 . PHE A 1 154 ? -11.022 4.750   1.450   1.00 8.58  ? 160 PHE B CE2 1 
ATOM   1331 C CZ  . PHE A 1 154 ? -9.747  4.920   0.979   1.00 8.03  ? 160 PHE B CZ  1 
ATOM   1332 N N   . SER A 1 155 ? -12.736 7.624   7.167   1.00 10.69 ? 161 SER B N   1 
ATOM   1333 C CA  . SER A 1 155 ? -13.297 7.530   8.531   1.00 11.57 ? 161 SER B CA  1 
ATOM   1334 C C   . SER A 1 155 ? -14.502 6.609   8.496   1.00 11.41 ? 161 SER B C   1 
ATOM   1335 O O   . SER A 1 155 ? -14.976 6.194   7.456   1.00 13.02 ? 161 SER B O   1 
ATOM   1336 C CB  . SER A 1 155 ? -13.599 8.905   9.059   1.00 12.25 ? 161 SER B CB  1 
ATOM   1337 O OG  . SER A 1 155 ? -14.650 9.505   8.364   1.00 16.87 ? 161 SER B OG  1 
ATOM   1338 N N   . GLU A 1 156 ? -14.964 6.252   9.710   1.00 13.48 ? 162 GLU B N   1 
ATOM   1339 C CA  . GLU A 1 156 ? -16.075 5.267   9.868   1.00 14.70 ? 162 GLU B CA  1 
ATOM   1340 C C   . GLU A 1 156 ? -15.674 3.952   9.193   1.00 13.16 ? 162 GLU B C   1 
ATOM   1341 O O   . GLU A 1 156 ? -16.534 3.250   8.586   1.00 14.57 ? 162 GLU B O   1 
ATOM   1342 C CB  . GLU A 1 156 ? -17.378 5.799   9.280   1.00 17.89 ? 162 GLU B CB  1 
ATOM   1343 C CG  . GLU A 1 156 ? -17.763 7.213   9.677   1.00 22.65 ? 162 GLU B CG  1 
ATOM   1344 C CD  . GLU A 1 156 ? -19.180 7.427   9.205   1.00 32.89 ? 162 GLU B CD  1 
ATOM   1345 O OE1 . GLU A 1 156 ? -19.358 7.965   8.096   1.00 37.60 ? 162 GLU B OE1 1 
ATOM   1346 O OE2 . GLU A 1 156 ? -20.097 6.927   9.888   1.00 37.87 ? 162 GLU B OE2 1 
ATOM   1347 N N   . CYS A 1 157 ? -14.385 3.611   9.302   1.00 12.15 ? 163 CYS B N   1 
ATOM   1348 C CA  . CYS A 1 157 ? -13.906 2.360   8.688   1.00 11.36 ? 163 CYS B CA  1 
ATOM   1349 C C   . CYS A 1 157 ? -14.476 1.163   9.453   1.00 12.13 ? 163 CYS B C   1 
ATOM   1350 O O   . CYS A 1 157 ? -14.464 1.191   10.701  1.00 13.56 ? 163 CYS B O   1 
ATOM   1351 C CB  . CYS A 1 157 ? -12.379 2.226   8.607   1.00 10.70 ? 163 CYS B CB  1 
ATOM   1352 S SG  . CYS A 1 157 ? -11.574 3.502   7.611   1.00 11.03 ? 163 CYS B SG  1 
ATOM   1353 N N   . VAL A 1 158 ? -14.847 0.143   8.723   1.00 11.34 ? 164 VAL B N   1 
ATOM   1354 C CA  . VAL A 1 158 ? -15.308 -1.127  9.360   1.00 12.74 ? 164 VAL B CA  1 
ATOM   1355 C C   . VAL A 1 158 ? -14.247 -2.161  8.978   1.00 11.57 ? 164 VAL B C   1 
ATOM   1356 O O   . VAL A 1 158 ? -14.396 -2.844  7.978   1.00 13.31 ? 164 VAL B O   1 
ATOM   1357 C CB  . VAL A 1 158 ? -16.790 -1.428  8.967   1.00 14.57 ? 164 VAL B CB  1 
ATOM   1358 C CG1 . VAL A 1 158 ? -17.223 -2.766  9.575   1.00 15.24 ? 164 VAL B CG1 1 
ATOM   1359 C CG2 . VAL A 1 158 ? -17.745 -0.293  9.350   1.00 16.04 ? 164 VAL B CG2 1 
ATOM   1360 N N   . PHE A 1 159 ? -13.155 -2.270  9.717   1.00 11.01 ? 165 PHE B N   1 
ATOM   1361 C CA  . PHE A 1 159 ? -11.992 -3.108  9.372   1.00 11.53 ? 165 PHE B CA  1 
ATOM   1362 C C   . PHE A 1 159 ? -12.436 -4.569  9.331   1.00 12.44 ? 165 PHE B C   1 
ATOM   1363 O O   . PHE A 1 159 ? -12.050 -5.304  8.403   1.00 13.76 ? 165 PHE B O   1 
ATOM   1364 C CB  . PHE A 1 159 ? -10.834 -2.829  10.307  1.00 10.83 ? 165 PHE B CB  1 
ATOM   1365 C CG  . PHE A 1 159 ? -10.302 -1.408  10.241  1.00 10.25 ? 165 PHE B CG  1 
ATOM   1366 C CD1 . PHE A 1 159 ? -9.979  -0.834  9.007   1.00 10.52 ? 165 PHE B CD1 1 
ATOM   1367 C CD2 . PHE A 1 159 ? -10.033 -0.651  11.376  1.00 11.17 ? 165 PHE B CD2 1 
ATOM   1368 C CE1 . PHE A 1 159 ? -9.475  0.463   8.919   1.00 10.60 ? 165 PHE B CE1 1 
ATOM   1369 C CE2 . PHE A 1 159 ? -9.532  0.646   11.301  1.00 10.88 ? 165 PHE B CE2 1 
ATOM   1370 C CZ  . PHE A 1 159 ? -9.212  1.184   10.065  1.00 10.91 ? 165 PHE B CZ  1 
ATOM   1371 N N   . ALA A 1 160 ? -13.139 -5.046  10.378  1.00 11.85 ? 166 ALA B N   1 
ATOM   1372 C CA  . ALA A 1 160 ? -13.781 -6.378  10.427  1.00 12.21 ? 166 ALA B CA  1 
ATOM   1373 C C   . ALA A 1 160 ? -12.733 -7.478  10.418  1.00 11.73 ? 166 ALA B C   1 
ATOM   1374 O O   . ALA A 1 160 ? -13.073 -8.637  9.981   1.00 13.21 ? 166 ALA B O   1 
ATOM   1375 C CB  . ALA A 1 160 ? -14.795 -6.527  9.345   1.00 13.04 ? 166 ALA B CB  1 
ATOM   1376 N N   . GLY A 1 161 ? -11.566 -7.227  10.937  1.00 11.75 ? 167 GLY B N   1 
ATOM   1377 C CA  . GLY A 1 161 ? -10.491 -8.222  10.981  1.00 12.52 ? 167 GLY B CA  1 
ATOM   1378 C C   . GLY A 1 161 ? -9.150  -7.583  11.231  1.00 11.38 ? 167 GLY B C   1 
ATOM   1379 O O   . GLY A 1 161 ? -9.039  -6.325  11.290  1.00 11.95 ? 167 GLY B O   1 
ATOM   1380 N N   . PRO A 1 162 ? -8.111  -8.381  11.421  1.00 10.55 ? 168 PRO B N   1 
ATOM   1381 C CA  . PRO A 1 162 ? -6.747  -7.870  11.480  1.00 10.51 ? 168 PRO B CA  1 
ATOM   1382 C C   . PRO A 1 162 ? -6.403  -7.139  10.163  1.00 10.96 ? 168 PRO B C   1 
ATOM   1383 O O   . PRO A 1 162 ? -6.862  -7.557  9.098   1.00 11.38 ? 168 PRO B O   1 
ATOM   1384 C CB  . PRO A 1 162 ? -5.831  -9.094  11.667  1.00 11.27 ? 168 PRO B CB  1 
ATOM   1385 C CG  . PRO A 1 162 ? -6.854  -10.191 12.086  1.00 11.81 ? 168 PRO B CG  1 
ATOM   1386 C CD  . PRO A 1 162 ? -8.135  -9.852  11.425  1.00 10.68 ? 168 PRO B CD  1 
ATOM   1387 N N   . LEU A 1 163 ? -5.568  -6.117  10.294  1.00 10.12 ? 169 LEU B N   1 
ATOM   1388 C CA  . LEU A 1 163 ? -5.106  -5.319  9.115   1.00 9.81  ? 169 LEU B CA  1 
ATOM   1389 C C   . LEU A 1 163 ? -3.652  -5.630  8.809   1.00 9.66  ? 169 LEU B C   1 
ATOM   1390 O O   . LEU A 1 163 ? -2.845  -5.845  9.697   1.00 11.18 ? 169 LEU B O   1 
ATOM   1391 C CB  . LEU A 1 163 ? -5.238  -3.829  9.421   1.00 10.76 ? 169 LEU B CB  1 
ATOM   1392 C CG  . LEU A 1 163 ? -6.649  -3.268  9.496   1.00 11.68 ? 169 LEU B CG  1 
ATOM   1393 C CD1 . LEU A 1 163 ? -6.588  -1.824  9.933   1.00 11.42 ? 169 LEU B CD1 1 
ATOM   1394 C CD2 . LEU A 1 163 ? -7.401  -3.435  8.198   1.00 12.20 ? 169 LEU B CD2 1 
ATOM   1395 N N   . ARG A 1 164 ? -3.312  -5.578  7.522   1.00 9.62  ? 170 ARG B N   1 
ATOM   1396 C CA  . ARG A 1 164 ? -1.930  -5.692  7.027   1.00 9.73  ? 170 ARG B CA  1 
ATOM   1397 C C   . ARG A 1 164 ? -1.580  -4.526  6.116   1.00 8.81  ? 170 ARG B C   1 
ATOM   1398 O O   . ARG A 1 164 ? -2.413  -4.080  5.334   1.00 9.07  ? 170 ARG B O   1 
ATOM   1399 C CB  . ARG A 1 164 ? -1.750  -7.021  6.287   1.00 11.15 ? 170 ARG B CB  1 
ATOM   1400 C CG  . ARG A 1 164 ? -2.008  -8.214  7.221   1.00 13.17 ? 170 ARG B CG  1 
ATOM   1401 C CD  . ARG A 1 164 ? -1.780  -9.558  6.591   1.00 13.85 ? 170 ARG B CD  1 
ATOM   1402 N NE  . ARG A 1 164 ? -0.371  -9.720  6.310   1.00 13.61 ? 170 ARG B NE  1 
ATOM   1403 C CZ  . ARG A 1 164 ? 0.110   -10.836 5.801   1.00 14.18 ? 170 ARG B CZ  1 
ATOM   1404 N NH1 . ARG A 1 164 ? -0.686  -11.870 5.649   1.00 14.64 ? 170 ARG B NH1 1 
ATOM   1405 N NH2 . ARG A 1 164 ? 1.382   -10.903 5.500   1.00 14.19 ? 170 ARG B NH2 1 
ATOM   1406 N N   . PRO A 1 165 ? -0.346  -4.022  6.199   1.00 8.49  ? 171 PRO B N   1 
ATOM   1407 C CA  . PRO A 1 165 ? 0.114   -3.041  5.200   1.00 8.53  ? 171 PRO B CA  1 
ATOM   1408 C C   . PRO A 1 165 ? -0.009  -3.638  3.794   1.00 8.07  ? 171 PRO B C   1 
ATOM   1409 O O   . PRO A 1 165 ? 0.249   -4.811  3.580   1.00 9.00  ? 171 PRO B O   1 
ATOM   1410 C CB  . PRO A 1 165 ? 1.567   -2.778  5.565   1.00 8.95  ? 171 PRO B CB  1 
ATOM   1411 C CG  . PRO A 1 165 ? 1.635   -3.173  7.067   1.00 10.12 ? 171 PRO B CG  1 
ATOM   1412 C CD  . PRO A 1 165 ? 0.709   -4.362  7.166   1.00 10.09 ? 171 PRO B CD  1 
ATOM   1413 N N   . PHE A 1 166 ? -0.464  -2.811  2.849   1.00 7.98  ? 172 PHE B N   1 
ATOM   1414 C CA  . PHE A 1 166 ? -0.773  -3.205  1.468   1.00 8.43  ? 172 PHE B CA  1 
ATOM   1415 C C   . PHE A 1 166 ? 0.029   -2.353  0.473   1.00 7.60  ? 172 PHE B C   1 
ATOM   1416 O O   . PHE A 1 166 ? 0.107   -1.134  0.604   1.00 8.04  ? 172 PHE B O   1 
ATOM   1417 C CB  . PHE A 1 166 ? -2.268  -3.046  1.212   1.00 8.65  ? 172 PHE B CB  1 
ATOM   1418 C CG  . PHE A 1 166 ? -2.650  -3.308  -0.231  1.00 8.64  ? 172 PHE B CG  1 
ATOM   1419 C CD1 . PHE A 1 166 ? -2.795  -4.609  -0.717  1.00 9.61  ? 172 PHE B CD1 1 
ATOM   1420 C CD2 . PHE A 1 166 ? -2.828  -2.274  -1.140  1.00 9.67  ? 172 PHE B CD2 1 
ATOM   1421 C CE1 . PHE A 1 166 ? -3.111  -4.852  -2.038  1.00 9.97  ? 172 PHE B CE1 1 
ATOM   1422 C CE2 . PHE A 1 166 ? -3.093  -2.527  -2.469  1.00 9.96  ? 172 PHE B CE2 1 
ATOM   1423 C CZ  . PHE A 1 166 ? -3.264  -3.815  -2.914  1.00 9.90  ? 172 PHE B CZ  1 
ATOM   1424 N N   . PHE A 1 167 ? 0.568   -3.023  -0.571  1.00 7.88  ? 173 PHE B N   1 
ATOM   1425 C CA  . PHE A 1 167 ? 1.434   -2.384  -1.589  1.00 7.86  ? 173 PHE B CA  1 
ATOM   1426 C C   . PHE A 1 167 ? 1.074   -2.951  -2.963  1.00 8.69  ? 173 PHE B C   1 
ATOM   1427 O O   . PHE A 1 167 ? 0.942   -4.175  -3.122  1.00 8.99  ? 173 PHE B O   1 
ATOM   1428 C CB  . PHE A 1 167 ? 2.918   -2.683  -1.329  1.00 8.52  ? 173 PHE B CB  1 
ATOM   1429 C CG  . PHE A 1 167 ? 3.349   -2.353  0.087   1.00 8.51  ? 173 PHE B CG  1 
ATOM   1430 C CD1 . PHE A 1 167 ? 3.220   -3.273  1.110   1.00 8.52  ? 173 PHE B CD1 1 
ATOM   1431 C CD2 . PHE A 1 167 ? 3.949   -1.140  0.404   1.00 9.57  ? 173 PHE B CD2 1 
ATOM   1432 C CE1 . PHE A 1 167 ? 3.548   -2.961  2.423   1.00 8.87  ? 173 PHE B CE1 1 
ATOM   1433 C CE2 . PHE A 1 167 ? 4.319   -0.832  1.706   1.00 9.76  ? 173 PHE B CE2 1 
ATOM   1434 C CZ  . PHE A 1 167 ? 4.148   -1.762  2.702   1.00 9.52  ? 173 PHE B CZ  1 
ATOM   1435 N N   . ASN A 1 168 ? 1.090   -2.096  -3.977  1.00 8.59  ? 174 ASN B N   1 
ATOM   1436 C CA  . ASN A 1 168 ? 1.062   -2.491  -5.407  1.00 8.44  ? 174 ASN B CA  1 
ATOM   1437 C C   . ASN A 1 168 ? 2.121   -1.666  -6.113  1.00 7.92  ? 174 ASN B C   1 
ATOM   1438 O O   . ASN A 1 168 ? 1.991   -0.418  -6.139  1.00 8.70  ? 174 ASN B O   1 
ATOM   1439 C CB  . ASN A 1 168 ? -0.309  -2.254  -6.021  1.00 8.92  ? 174 ASN B CB  1 
ATOM   1440 C CG  . ASN A 1 168 ? -0.402  -2.791  -7.423  1.00 9.09  ? 174 ASN B CG  1 
ATOM   1441 O OD1 . ASN A 1 168 ? 0.544   -3.288  -8.025  1.00 10.07 ? 174 ASN B OD1 1 
ATOM   1442 N ND2 . ASN A 1 168 ? -1.574  -2.728  -7.999  1.00 10.37 ? 174 ASN B ND2 1 
ATOM   1443 N N   . VAL A 1 169 ? 3.158   -2.300  -6.671  1.00 8.25  ? 175 VAL B N   1 
ATOM   1444 C CA  . VAL A 1 169 ? 4.207   -1.552  -7.416  1.00 8.73  ? 175 VAL B CA  1 
ATOM   1445 C C   . VAL A 1 169 ? 3.708   -1.113  -8.789  1.00 8.57  ? 175 VAL B C   1 
ATOM   1446 O O   . VAL A 1 169 ? 4.445   -0.326  -9.437  1.00 9.75  ? 175 VAL B O   1 
ATOM   1447 C CB  . VAL A 1 169 ? 5.540   -2.331  -7.530  1.00 9.13  ? 175 VAL B CB  1 
ATOM   1448 C CG1 . VAL A 1 169 ? 6.144   -2.657  -6.181  1.00 10.70 ? 175 VAL B CG1 1 
ATOM   1449 C CG2 . VAL A 1 169 ? 5.359   -3.609  -8.333  1.00 9.55  ? 175 VAL B CG2 1 
ATOM   1450 N N   . GLY A 1 170 ? 2.580   -1.637  -9.257  1.00 9.07  ? 176 GLY B N   1 
ATOM   1451 C CA  . GLY A 1 170 ? 2.063   -1.338  -10.612 1.00 9.34  ? 176 GLY B CA  1 
ATOM   1452 C C   . GLY A 1 170 ? 2.797   -2.112  -11.687 1.00 9.12  ? 176 GLY B C   1 
ATOM   1453 O O   . GLY A 1 170 ? 3.873   -2.643  -11.503 1.00 9.25  ? 176 GLY B O   1 
ATOM   1454 N N   . PHE A 1 171 ? 2.090   -2.245  -12.796 1.00 10.03 ? 177 PHE B N   1 
ATOM   1455 C CA  . PHE A 1 171 ? 2.670   -2.785  -14.039 1.00 9.32  ? 177 PHE B CA  1 
ATOM   1456 C C   . PHE A 1 171 ? 3.703   -1.832  -14.606 1.00 9.00  ? 177 PHE B C   1 
ATOM   1457 O O   . PHE A 1 171 ? 3.782   -0.668  -14.223 1.00 9.43  ? 177 PHE B O   1 
ATOM   1458 C CB  . PHE A 1 171 ? 1.581   -3.151  -15.054 1.00 10.99 ? 177 PHE B CB  1 
ATOM   1459 C CG  . PHE A 1 171 ? 0.728   -4.321  -14.638 1.00 11.68 ? 177 PHE B CG  1 
ATOM   1460 C CD1 . PHE A 1 171 ? 1.213   -5.605  -14.733 1.00 13.68 ? 177 PHE B CD1 1 
ATOM   1461 C CD2 . PHE A 1 171 ? -0.550  -4.130  -14.147 1.00 13.43 ? 177 PHE B CD2 1 
ATOM   1462 C CE1 . PHE A 1 171 ? 0.422   -6.677  -14.326 1.00 15.45 ? 177 PHE B CE1 1 
ATOM   1463 C CE2 . PHE A 1 171 ? -1.333  -5.218  -13.752 1.00 14.00 ? 177 PHE B CE2 1 
ATOM   1464 C CZ  . PHE A 1 171 ? -0.852  -6.465  -13.886 1.00 14.73 ? 177 PHE B CZ  1 
ATOM   1465 N N   . ASN A 1 172 ? 4.511   -2.364  -15.514 1.00 9.44  ? 178 ASN B N   1 
ATOM   1466 C CA  . ASN A 1 172 ? 5.513   -1.540  -16.215 1.00 9.35  ? 178 ASN B CA  1 
ATOM   1467 C C   . ASN A 1 172 ? 5.359   -1.792  -17.725 1.00 9.47  ? 178 ASN B C   1 
ATOM   1468 O O   . ASN A 1 172 ? 6.364   -2.018  -18.425 1.00 10.64 ? 178 ASN B O   1 
ATOM   1469 C CB  . ASN A 1 172 ? 6.913   -1.846  -15.719 1.00 10.20 ? 178 ASN B CB  1 
ATOM   1470 C CG  . ASN A 1 172 ? 7.946   -0.896  -16.272 1.00 9.96  ? 178 ASN B CG  1 
ATOM   1471 O OD1 . ASN A 1 172 ? 7.662   0.236   -16.615 1.00 10.40 ? 178 ASN B OD1 1 
ATOM   1472 N ND2 . ASN A 1 172 ? 9.183   -1.359  -16.307 1.00 11.66 ? 178 ASN B ND2 1 
ATOM   1473 N N   . TYR A 1 173 ? 4.176   -1.631  -18.262 1.00 9.80  ? 179 TYR B N   1 
ATOM   1474 C CA  . TYR A 1 173 ? 3.942   -1.645  -19.723 1.00 9.79  ? 179 TYR B CA  1 
ATOM   1475 C C   . TYR A 1 173 ? 4.663   -0.490  -20.390 1.00 9.61  ? 179 TYR B C   1 
ATOM   1476 O O   . TYR A 1 173 ? 5.089   -0.637  -21.585 1.00 11.57 ? 179 TYR B O   1 
ATOM   1477 C CB  . TYR A 1 173 ? 2.450   -1.581  -20.054 1.00 10.22 ? 179 TYR B CB  1 
ATOM   1478 C CG  . TYR A 1 173 ? 1.634   -2.757  -19.585 1.00 12.15 ? 179 TYR B CG  1 
ATOM   1479 C CD1 . TYR A 1 173 ? 1.665   -3.963  -20.275 1.00 15.43 ? 179 TYR B CD1 1 
ATOM   1480 C CD2 . TYR A 1 173 ? 0.759   -2.622  -18.524 1.00 13.76 ? 179 TYR B CD2 1 
ATOM   1481 C CE1 . TYR A 1 173 ? 0.921   -5.050  -19.824 1.00 16.84 ? 179 TYR B CE1 1 
ATOM   1482 C CE2 . TYR A 1 173 ? 0.005   -3.704  -18.079 1.00 14.53 ? 179 TYR B CE2 1 
ATOM   1483 C CZ  . TYR A 1 173 ? 0.107   -4.905  -18.721 1.00 16.46 ? 179 TYR B CZ  1 
ATOM   1484 O OH  . TYR A 1 173 ? -0.697  -5.932  -18.276 1.00 21.99 ? 179 TYR B OH  1 
ATOM   1485 N N   . SER A 1 174 ? 4.805   0.667   -19.763 1.00 9.62  ? 180 SER B N   1 
ATOM   1486 C CA  . SER A 1 174 ? 5.353   1.894   -20.375 1.00 10.70 ? 180 SER B CA  1 
ATOM   1487 C C   . SER A 1 174 ? 6.886   1.886   -20.414 1.00 10.69 ? 180 SER B C   1 
ATOM   1488 O O   . SER A 1 174 ? 7.469   2.710   -21.156 1.00 12.49 ? 180 SER B O   1 
ATOM   1489 C CB  . SER A 1 174 ? 4.907   3.115   -19.624 1.00 10.49 ? 180 SER B CB  1 
ATOM   1490 O OG  . SER A 1 174 ? 5.508   3.065   -18.306 1.00 10.88 ? 180 SER B OG  1 
ATOM   1491 N N   . GLY A 1 175 ? 7.547   1.068   -19.617 1.00 9.63  ? 181 GLY B N   1 
ATOM   1492 C CA  . GLY A 1 175 ? 8.994   1.203   -19.401 1.00 10.29 ? 181 GLY B CA  1 
ATOM   1493 C C   . GLY A 1 175 ? 9.380   2.384   -18.535 1.00 10.77 ? 181 GLY B C   1 
ATOM   1494 O O   . GLY A 1 175 ? 10.590  2.610   -18.353 1.00 12.62 ? 181 GLY B O   1 
ATOM   1495 N N   . GLY A 1 176 ? 8.429   3.114   -17.946 1.00 10.11 ? 182 GLY B N   1 
ATOM   1496 C CA  . GLY A 1 176 ? 8.689   4.253   -17.060 1.00 10.35 ? 182 GLY B CA  1 
ATOM   1497 C C   . GLY A 1 176 ? 8.315   3.967   -15.613 1.00 10.15 ? 182 GLY B C   1 
ATOM   1498 O O   . GLY A 1 176 ? 8.441   4.925   -14.810 1.00 12.03 ? 182 GLY B O   1 
ATOM   1499 N N   . ASN A 1 177 ? 7.927   2.764   -15.250 1.00 9.14  ? 183 ASN B N   1 
ATOM   1500 C CA  . ASN A 1 177 ? 7.427   2.459   -13.897 1.00 8.98  ? 183 ASN B CA  1 
ATOM   1501 C C   . ASN A 1 177 ? 8.245   1.350   -13.249 1.00 9.38  ? 183 ASN B C   1 
ATOM   1502 O O   . ASN A 1 177 ? 7.706   0.691   -12.334 1.00 10.54 ? 183 ASN B O   1 
ATOM   1503 C CB  . ASN A 1 177 ? 5.947   2.108   -13.909 1.00 8.85  ? 183 ASN B CB  1 
ATOM   1504 C CG  . ASN A 1 177 ? 5.342   2.232   -12.519 1.00 8.93  ? 183 ASN B CG  1 
ATOM   1505 O OD1 . ASN A 1 177 ? 5.726   3.120   -11.765 1.00 9.35  ? 183 ASN B OD1 1 
ATOM   1506 N ND2 . ASN A 1 177 ? 4.436   1.323   -12.191 1.00 8.99  ? 183 ASN B ND2 1 
ATOM   1507 N N   . ALA A 1 178 ? 9.534   1.195   -13.570 1.00 9.85  ? 184 ALA B N   1 
ATOM   1508 C CA  . ALA A 1 178 ? 10.353  0.108   -12.988 1.00 11.10 ? 184 ALA B CA  1 
ATOM   1509 C C   . ALA A 1 178 ? 10.786  0.413   -11.552 1.00 10.92 ? 184 ALA B C   1 
ATOM   1510 O O   . ALA A 1 178 ? 11.170  -0.522  -10.849 1.00 12.03 ? 184 ALA B O   1 
ATOM   1511 C CB  . ALA A 1 178 ? 11.611  -0.115  -13.846 1.00 11.61 ? 184 ALA B CB  1 
ATOM   1512 N N   . ALA A 1 179 ? 10.750  1.655   -11.131 1.00 10.37 ? 185 ALA B N   1 
ATOM   1513 C CA  . ALA A 1 179 ? 11.332  2.014   -9.814  1.00 10.57 ? 185 ALA B CA  1 
ATOM   1514 C C   . ALA A 1 179 ? 10.624  1.278   -8.673  1.00 10.23 ? 185 ALA B C   1 
ATOM   1515 O O   . ALA A 1 179 ? 9.420   0.951   -8.728  1.00 10.23 ? 185 ALA B O   1 
ATOM   1516 C CB  . ALA A 1 179 ? 11.274  3.498   -9.578  1.00 10.91 ? 185 ALA B CB  1 
ATOM   1517 N N   . PRO A 1 180 ? 11.341  1.010   -7.572  1.00 10.24 ? 186 PRO B N   1 
ATOM   1518 C CA  . PRO A 1 180 ? 10.752  0.296   -6.444  1.00 10.44 ? 186 PRO B CA  1 
ATOM   1519 C C   . PRO A 1 180 ? 9.840   1.167   -5.553  1.00 9.49  ? 186 PRO B C   1 
ATOM   1520 O O   . PRO A 1 180 ? 9.908   2.368   -5.561  1.00 10.72 ? 186 PRO B O   1 
ATOM   1521 C CB  . PRO A 1 180 ? 11.998  -0.128  -5.629  1.00 11.19 ? 186 PRO B CB  1 
ATOM   1522 C CG  . PRO A 1 180 ? 12.981  0.979   -5.874  1.00 13.63 ? 186 PRO B CG  1 
ATOM   1523 C CD  . PRO A 1 180 ? 12.775  1.309   -7.353  1.00 12.76 ? 186 PRO B CD  1 
ATOM   1524 N N   . LEU A 1 181 ? 9.033   0.485   -4.750  1.00 10.24 ? 187 LEU B N   1 
ATOM   1525 C CA  . LEU A 1 181 ? 8.494   1.046   -3.478  1.00 9.95  ? 187 LEU B CA  1 
ATOM   1526 C C   . LEU A 1 181 ? 9.490   0.726   -2.369  1.00 9.82  ? 187 LEU B C   1 
ATOM   1527 O O   . LEU A 1 181 ? 9.996   -0.421  -2.311  1.00 12.06 ? 187 LEU B O   1 
ATOM   1528 C CB  . LEU A 1 181 ? 7.155   0.417   -3.163  1.00 9.81  ? 187 LEU B CB  1 
ATOM   1529 C CG  . LEU A 1 181 ? 6.008   0.768   -4.119  1.00 10.52 ? 187 LEU B CG  1 
ATOM   1530 C CD1 . LEU A 1 181 ? 4.725   -0.001  -3.797  1.00 11.31 ? 187 LEU B CD1 1 
ATOM   1531 C CD2 . LEU A 1 181 ? 5.673   2.249   -4.113  1.00 12.17 ? 187 LEU B CD2 1 
ATOM   1532 N N   . LYS A 1 182 ? 9.783   1.702   -1.510  1.00 9.92  ? 188 LYS B N   1 
ATOM   1533 C CA  . LYS A 1 182 ? 10.760  1.481   -0.424  1.00 11.07 ? 188 LYS B CA  1 
ATOM   1534 C C   . LYS A 1 182 ? 10.120  1.908   0.885   1.00 11.51 ? 188 LYS B C   1 
ATOM   1535 O O   . LYS A 1 182 ? 9.668   3.076   0.997   1.00 11.78 ? 188 LYS B O   1 
ATOM   1536 C CB  . LYS A 1 182 ? 12.075  2.253   -0.615  1.00 12.61 ? 188 LYS B CB  1 
ATOM   1537 C CG  . LYS A 1 182 ? 12.807  2.038   -1.923  1.00 15.65 ? 188 LYS B CG  1 
ATOM   1538 C CD  . LYS A 1 182 ? 14.170  2.744   -1.999  1.00 18.46 ? 188 LYS B CD  1 
ATOM   1539 C CE  . LYS A 1 182 ? 14.766  2.804   -3.382  1.00 21.68 ? 188 LYS B CE  1 
ATOM   1540 N NZ  . LYS A 1 182 ? 16.011  3.609   -3.336  1.00 27.40 ? 188 LYS B NZ  1 
ATOM   1541 N N   . LEU A 1 183 ? 10.245  1.102   1.912   1.00 10.90 ? 189 LEU B N   1 
ATOM   1542 C CA  . LEU A 1 183 ? 9.845   1.516   3.284   1.00 11.59 ? 189 LEU B CA  1 
ATOM   1543 C C   . LEU A 1 183 ? 10.954  2.390   3.844   1.00 12.94 ? 189 LEU B C   1 
ATOM   1544 O O   . LEU A 1 183 ? 12.132  1.889   3.926   1.00 15.86 ? 189 LEU B O   1 
ATOM   1545 C CB  . LEU A 1 183 ? 9.569   0.270   4.120   1.00 12.02 ? 189 LEU B CB  1 
ATOM   1546 C CG  . LEU A 1 183 ? 8.200   -0.350  3.809   1.00 13.40 ? 189 LEU B CG  1 
ATOM   1547 C CD1 . LEU A 1 183 ? 8.133   -1.840  4.077   1.00 16.74 ? 189 LEU B CD1 1 
ATOM   1548 C CD2 . LEU A 1 183 ? 7.060   0.425   4.477   1.00 11.36 ? 189 LEU B CD2 1 
ATOM   1549 N N   . CYS A 1 184 ? 10.617  3.607   4.238   1.00 14.25 ? 190 CYS B N   1 
ATOM   1550 C CA  . CYS A 1 184 ? 11.591  4.644   4.684   1.00 17.23 ? 190 CYS B CA  1 
ATOM   1551 C C   . CYS A 1 184 ? 11.954  4.409   6.128   1.00 18.83 ? 190 CYS B C   1 
ATOM   1552 O O   . CYS A 1 184 ? 11.112  4.056   6.927   1.00 20.54 ? 190 CYS B O   1 
ATOM   1553 C CB  . CYS A 1 184 ? 10.949  6.016   4.748   1.00 20.19 ? 190 CYS B CB  1 
ATOM   1554 S SG  . CYS A 1 184 ? 10.172  6.520   3.225   1.00 20.09 ? 190 CYS B SG  1 
ATOM   1555 N N   . PRO A 1 185 ? 13.208  4.717   6.519   1.00 24.35 ? 191 PRO B N   1 
ATOM   1556 C CA  . PRO A 1 185 ? 13.648  4.533   7.888   1.00 29.76 ? 191 PRO B CA  1 
ATOM   1557 C C   . PRO A 1 185 ? 12.916  5.534   8.781   1.00 28.84 ? 191 PRO B C   1 
ATOM   1558 O O   . PRO A 1 185 ? 12.620  6.639   8.325   1.00 30.78 ? 191 PRO B O   1 
ATOM   1559 C CB  . PRO A 1 185 ? 15.166  4.755   7.797   1.00 28.45 ? 191 PRO B CB  1 
ATOM   1560 C CG  . PRO A 1 185 ? 15.355  5.623   6.586   1.00 28.78 ? 191 PRO B CG  1 
ATOM   1561 C CD  . PRO A 1 185 ? 14.280  5.172   5.624   1.00 26.65 ? 191 PRO B CD  1 
ATOM   1562 N N   . LEU A 1 186 ? 12.644  5.073   10.008  1.00 35.61 ? 192 LEU B N   1 
ATOM   1563 C CA  . LEU A 1 186 ? 12.236  5.838   11.217  1.00 36.88 ? 192 LEU B CA  1 
ATOM   1564 C C   . LEU A 1 186 ? 13.349  6.809   11.609  1.00 43.17 ? 192 LEU B C   1 
ATOM   1565 O O   . LEU A 1 186 ? 13.031  7.888   12.111  1.00 51.00 ? 192 LEU B O   1 
ATOM   1566 C CB  . LEU A 1 186 ? 11.982  4.841   12.352  1.00 36.74 ? 192 LEU B CB  1 
HETATM 1567 C C1  . EDO B 2 .   ? 4.205   -5.166  -17.524 1.00 24.67 ? 201 EDO B C1  1 
HETATM 1568 O O1  . EDO B 2 .   ? 4.775   -5.053  -16.231 1.00 18.18 ? 201 EDO B O1  1 
HETATM 1569 C C2  . EDO B 2 .   ? 3.560   -6.456  -17.877 1.00 30.81 ? 201 EDO B C2  1 
HETATM 1570 O O2  . EDO B 2 .   ? 4.250   -7.581  -17.376 1.00 34.84 ? 201 EDO B O2  1 
HETATM 1571 C C01 . JGD C 3 .   ? -8.412  3.567   -12.290 0.50 24.53 ? 202 JGD B C01 1 
HETATM 1572 N N02 . JGD C 3 .   ? -8.479  2.485   -11.327 0.50 24.06 ? 202 JGD B N02 1 
HETATM 1573 C C03 . JGD C 3 .   ? -9.753  1.805   -11.191 0.50 23.89 ? 202 JGD B C03 1 
HETATM 1574 C C04 . JGD C 3 .   ? -7.405  2.147   -10.562 0.50 20.81 ? 202 JGD B C04 1 
HETATM 1575 C C05 . JGD C 3 .   ? -7.540  1.377   -9.391  0.50 20.54 ? 202 JGD B C05 1 
HETATM 1576 C C06 . JGD C 3 .   ? -6.436  1.070   -8.645  0.50 19.68 ? 202 JGD B C06 1 
HETATM 1577 N N07 . JGD C 3 .   ? -5.193  1.455   -8.945  0.50 19.16 ? 202 JGD B N07 1 
HETATM 1578 C C08 . JGD C 3 .   ? -5.050  2.193   -10.045 0.50 19.35 ? 202 JGD B C08 1 
HETATM 1579 C C09 . JGD C 3 .   ? -6.089  2.560   -10.863 0.50 20.93 ? 202 JGD B C09 1 
HETATM 1580 C C1  . EDO D 2 .   ? -9.826  -15.869 -16.526 1.00 36.65 ? 203 EDO B C1  1 
HETATM 1581 O O1  . EDO D 2 .   ? -9.161  -15.368 -15.376 1.00 31.01 ? 203 EDO B O1  1 
HETATM 1582 C C2  . EDO D 2 .   ? -10.125 -14.824 -17.521 1.00 35.54 ? 203 EDO B C2  1 
HETATM 1583 O O2  . EDO D 2 .   ? -8.990  -14.055 -17.830 1.00 42.20 ? 203 EDO B O2  1 
HETATM 1584 S S   . SO4 E 4 .   ? -15.361 -6.098  -7.713  1.00 30.93 ? 204 SO4 B S   1 
HETATM 1585 O O1  . SO4 E 4 .   ? -14.263 -6.626  -6.976  1.00 21.26 ? 204 SO4 B O1  1 
HETATM 1586 O O2  . SO4 E 4 .   ? -16.199 -7.162  -8.200  1.00 40.00 ? 204 SO4 B O2  1 
HETATM 1587 O O3  . SO4 E 4 .   ? -16.106 -5.224  -6.837  1.00 37.10 ? 204 SO4 B O3  1 
HETATM 1588 O O4  . SO4 E 4 .   ? -14.894 -5.304  -8.835  1.00 33.38 ? 204 SO4 B O4  1 
HETATM 1589 O O   . HOH F 5 .   ? -8.852  -13.825 -13.641 1.00 22.35 ? 301 HOH B O   1 
HETATM 1590 O O   . HOH F 5 .   ? 14.569  3.712   -9.930  1.00 34.74 ? 302 HOH B O   1 
HETATM 1591 O O   . HOH F 5 .   ? -6.291  8.198   -12.103 1.00 29.85 ? 303 HOH B O   1 
HETATM 1592 O O   . HOH F 5 .   ? -16.544 -3.411  6.217   1.00 20.31 ? 304 HOH B O   1 
HETATM 1593 O O   . HOH F 5 .   ? 10.057  14.096  -0.317  1.00 23.48 ? 305 HOH B O   1 
HETATM 1594 O O   . HOH F 5 .   ? 11.397  -16.153 -15.650 1.00 14.72 ? 306 HOH B O   1 
HETATM 1595 O O   . HOH F 5 .   ? 7.315   8.899   -16.734 1.00 25.73 ? 307 HOH B O   1 
HETATM 1596 O O   . HOH F 5 .   ? -1.041  -14.225 3.671   1.00 20.38 ? 308 HOH B O   1 
HETATM 1597 O O   . HOH F 5 .   ? 9.455   7.237   -15.038 1.00 31.75 ? 309 HOH B O   1 
HETATM 1598 O O   . HOH F 5 .   ? 15.001  -7.151  -18.656 1.00 34.63 ? 310 HOH B O   1 
HETATM 1599 O O   . HOH F 5 .   ? -8.411  -8.878  14.985  1.00 14.54 ? 311 HOH B O   1 
HETATM 1600 O O   . HOH F 5 .   ? -9.034  -3.324  18.962  1.00 12.56 ? 312 HOH B O   1 
HETATM 1601 O O   . HOH F 5 .   ? 11.396  -11.764 -3.460  1.00 18.87 ? 313 HOH B O   1 
HETATM 1602 O O   . HOH F 5 .   ? -18.634 2.979   7.108   1.00 29.07 ? 314 HOH B O   1 
HETATM 1603 O O   . HOH F 5 .   ? -6.992  9.218   15.403  1.00 25.69 ? 315 HOH B O   1 
HETATM 1604 O O   . HOH F 5 .   ? 11.873  -3.031  -11.670 1.00 17.14 ? 316 HOH B O   1 
HETATM 1605 O O   . HOH F 5 .   ? -6.354  3.334   18.608  1.00 28.13 ? 317 HOH B O   1 
HETATM 1606 O O   . HOH F 5 .   ? -12.585 1.584   -5.828  1.00 22.57 ? 318 HOH B O   1 
HETATM 1607 O O   . HOH F 5 .   ? -6.269  -17.870 -2.019  1.00 23.68 ? 319 HOH B O   1 
HETATM 1608 O O   . HOH F 5 .   ? 7.481   5.343   -21.416 1.00 15.19 ? 320 HOH B O   1 
HETATM 1609 O O   . HOH F 5 .   ? 8.633   -8.389  -19.156 1.00 28.59 ? 321 HOH B O   1 
HETATM 1610 O O   . HOH F 5 .   ? -16.604 10.506  9.857   1.00 26.13 ? 322 HOH B O   1 
HETATM 1611 O O   . HOH F 5 .   ? -4.980  -1.291  -8.752  1.00 31.66 ? 323 HOH B O   1 
HETATM 1612 O O   . HOH F 5 .   ? 7.853   12.689  8.102   1.00 25.94 ? 324 HOH B O   1 
HETATM 1613 O O   . HOH F 5 .   ? -9.081  -8.890  -3.021  1.00 24.57 ? 325 HOH B O   1 
HETATM 1614 O O   . HOH F 5 .   ? -10.512 -10.907 8.381   1.00 24.23 ? 326 HOH B O   1 
HETATM 1615 O O   . HOH F 5 .   ? 3.729   10.391  -6.449  1.00 13.24 ? 327 HOH B O   1 
HETATM 1616 O O   . HOH F 5 .   ? -7.200  8.304   -16.523 1.00 20.02 ? 328 HOH B O   1 
HETATM 1617 O O   . HOH F 5 .   ? 5.047   -3.072  -22.739 1.00 22.51 ? 329 HOH B O   1 
HETATM 1618 O O   . HOH F 5 .   ? -16.137 -2.530  -4.665  1.00 27.23 ? 330 HOH B O   1 
HETATM 1619 O O   . HOH F 5 .   ? 15.018  -11.481 2.909   1.00 30.13 ? 331 HOH B O   1 
HETATM 1620 O O   . HOH F 5 .   ? -7.493  -14.550 1.364   1.00 28.88 ? 332 HOH B O   1 
HETATM 1621 O O   . HOH F 5 .   ? -4.284  -8.109  -14.305 1.00 28.16 ? 333 HOH B O   1 
HETATM 1622 O O   . HOH F 5 .   ? -6.081  10.996  10.981  1.00 20.71 ? 334 HOH B O   1 
HETATM 1623 O O   . HOH F 5 .   ? 14.719  3.897   -12.649 1.00 21.18 ? 335 HOH B O   1 
HETATM 1624 O O   . HOH F 5 .   ? -8.074  13.746  9.011   1.00 15.81 ? 336 HOH B O   1 
HETATM 1625 O O   . HOH F 5 .   ? 12.755  12.685  -1.647  1.00 29.56 ? 337 HOH B O   1 
HETATM 1626 O O   . HOH F 5 .   ? -16.187 9.088   -8.808  1.00 31.23 ? 338 HOH B O   1 
HETATM 1627 O O   . HOH F 5 .   ? 6.491   -1.683  -11.799 1.00 12.73 ? 339 HOH B O   1 
HETATM 1628 O O   . HOH F 5 .   ? 16.264  -0.594  2.317   1.00 21.08 ? 340 HOH B O   1 
HETATM 1629 O O   . HOH F 5 .   ? 1.268   8.708   -13.713 1.00 13.13 ? 341 HOH B O   1 
HETATM 1630 O O   . HOH F 5 .   ? 1.522   3.678   19.324  1.00 27.44 ? 342 HOH B O   1 
HETATM 1631 O O   . HOH F 5 .   ? -3.452  -0.959  21.345  1.00 38.83 ? 343 HOH B O   1 
HETATM 1632 O O   . HOH F 5 .   ? -9.448  1.302   -0.962  1.00 10.42 ? 344 HOH B O   1 
HETATM 1633 O O   . HOH F 5 .   ? 7.478   16.408  5.879   1.00 28.11 ? 345 HOH B O   1 
HETATM 1634 O O   . HOH F 5 .   ? 8.383   1.115   8.569   1.00 15.49 ? 346 HOH B O   1 
HETATM 1635 O O   . HOH F 5 .   ? -6.169  -10.359 15.903  1.00 21.41 ? 347 HOH B O   1 
HETATM 1636 O O   . HOH F 5 .   ? -13.100 -9.252  -3.037  1.00 30.91 ? 348 HOH B O   1 
HETATM 1637 O O   . HOH F 5 .   ? 11.579  4.588   -6.266  1.00 21.12 ? 349 HOH B O   1 
HETATM 1638 O O   . HOH F 5 .   ? -0.297  -16.754 -7.958  1.00 21.86 ? 350 HOH B O   1 
HETATM 1639 O O   . HOH F 5 .   ? -14.115 7.053   12.319  1.00 15.75 ? 351 HOH B O   1 
HETATM 1640 O O   . HOH F 5 .   ? -12.572 -10.534 4.054   1.00 20.87 ? 352 HOH B O   1 
HETATM 1641 O O   . HOH F 5 .   ? -10.539 13.899  -2.059  1.00 15.11 ? 353 HOH B O   1 
HETATM 1642 O O   . HOH F 5 .   ? -14.049 7.499   2.642   1.00 15.51 ? 354 HOH B O   1 
HETATM 1643 O O   . HOH F 5 .   ? 6.075   21.997  -0.295  1.00 41.34 ? 355 HOH B O   1 
HETATM 1644 O O   . HOH F 5 .   ? -5.204  -11.301 -7.940  1.00 12.51 ? 356 HOH B O   1 
HETATM 1645 O O   . HOH F 5 .   ? -11.513 -9.187  -0.730  1.00 17.15 ? 357 HOH B O   1 
HETATM 1646 O O   . HOH F 5 .   ? 7.902   -12.854 -5.900  1.00 15.24 ? 358 HOH B O   1 
HETATM 1647 O O   . HOH F 5 .   ? 8.426   3.340   6.931   1.00 12.92 ? 359 HOH B O   1 
HETATM 1648 O O   . HOH F 5 .   ? -2.871  20.019  -2.757  1.00 24.38 ? 360 HOH B O   1 
HETATM 1649 O O   . HOH F 5 .   ? -15.906 2.992   12.265  1.00 21.24 ? 361 HOH B O   1 
HETATM 1650 O O   . HOH F 5 .   ? -15.807 -1.839  4.583   1.00 24.82 ? 362 HOH B O   1 
HETATM 1651 O O   . HOH F 5 .   ? 2.351   6.027   -17.359 1.00 15.84 ? 363 HOH B O   1 
HETATM 1652 O O   . HOH F 5 .   ? 13.012  11.629  -4.249  1.00 23.72 ? 364 HOH B O   1 
HETATM 1653 O O   . HOH F 5 .   ? -9.049  16.057  -1.734  1.00 15.01 ? 365 HOH B O   1 
HETATM 1654 O O   . HOH F 5 .   ? 7.378   -6.075  -15.964 1.00 23.25 ? 366 HOH B O   1 
HETATM 1655 O O   . HOH F 5 .   ? -6.496  -6.786  19.502  1.00 28.38 ? 367 HOH B O   1 
HETATM 1656 O O   . HOH F 5 .   ? 8.460   -16.485 -1.909  1.00 24.90 ? 368 HOH B O   1 
HETATM 1657 O O   . HOH F 5 .   ? 13.142  -21.830 -6.640  1.00 22.01 ? 369 HOH B O   1 
HETATM 1658 O O   . HOH F 5 .   ? 8.431   -1.812  -9.745  1.00 12.08 ? 370 HOH B O   1 
HETATM 1659 O O   . HOH F 5 .   ? 5.162   8.349   -7.688  1.00 11.22 ? 371 HOH B O   1 
HETATM 1660 O O   . HOH F 5 .   ? 9.912   4.250   -12.505 1.00 14.41 ? 372 HOH B O   1 
HETATM 1661 O O   . HOH F 5 .   ? -5.971  10.401  -15.050 1.00 28.20 ? 373 HOH B O   1 
HETATM 1662 O O   . HOH F 5 .   ? -6.374  15.395  -1.631  1.00 14.10 ? 374 HOH B O   1 
HETATM 1663 O O   . HOH F 5 .   ? -4.035  19.179  2.910   1.00 15.23 ? 375 HOH B O   1 
HETATM 1664 O O   . HOH F 5 .   ? 14.583  -5.041  7.863   1.00 28.13 ? 376 HOH B O   1 
HETATM 1665 O O   . HOH F 5 .   ? 4.759   -19.977 -9.447  1.00 18.18 ? 377 HOH B O   1 
HETATM 1666 O O   . HOH F 5 .   ? -0.761  -23.715 -6.527  1.00 26.78 ? 378 HOH B O   1 
HETATM 1667 O O   . HOH F 5 .   ? 14.216  1.035   2.210   1.00 23.80 ? 379 HOH B O   1 
HETATM 1668 O O   . HOH F 5 .   ? 5.457   -20.571 -2.195  1.00 19.76 ? 380 HOH B O   1 
HETATM 1669 O O   . HOH F 5 .   ? 9.837   -3.817  -14.987 1.00 29.93 ? 381 HOH B O   1 
HETATM 1670 O O   . HOH F 5 .   ? 8.394   19.164  3.473   1.00 34.98 ? 382 HOH B O   1 
HETATM 1671 O O   . HOH F 5 .   ? 2.955   -18.186 -8.295  1.00 21.51 ? 383 HOH B O   1 
HETATM 1672 O O   . HOH F 5 .   ? -0.634  17.146  -0.445  1.00 15.80 ? 384 HOH B O   1 
HETATM 1673 O O   . HOH F 5 .   ? -8.386  -13.390 10.978  1.00 20.04 ? 385 HOH B O   1 
HETATM 1674 O O   . HOH F 5 .   ? -6.712  -9.274  -14.112 1.00 35.96 ? 386 HOH B O   1 
HETATM 1675 O O   . HOH F 5 .   ? -3.790  -9.513  14.612  1.00 23.76 ? 387 HOH B O   1 
HETATM 1676 O O   . HOH F 5 .   ? 0.322   14.972  -18.441 1.00 37.13 ? 388 HOH B O   1 
HETATM 1677 O O   . HOH F 5 .   ? -8.675  6.848   19.058  1.00 27.14 ? 389 HOH B O   1 
HETATM 1678 O O   . HOH F 5 .   ? -5.622  0.436   21.424  1.00 26.46 ? 390 HOH B O   1 
HETATM 1679 O O   . HOH F 5 .   ? -3.932  -6.205  19.637  1.00 34.23 ? 391 HOH B O   1 
HETATM 1680 O O   . HOH F 5 .   ? -3.391  16.718  -0.613  1.00 13.43 ? 392 HOH B O   1 
HETATM 1681 O O   . HOH F 5 .   ? -7.430  12.418  -9.870  1.00 26.52 ? 393 HOH B O   1 
HETATM 1682 O O   . HOH F 5 .   ? 1.339   0.421   2.969   1.00 10.91 ? 394 HOH B O   1 
HETATM 1683 O O   . HOH F 5 .   ? -4.907  14.096  -8.520  1.00 19.03 ? 395 HOH B O   1 
HETATM 1684 O O   . HOH F 5 .   ? -11.193 -14.163 0.863   1.00 35.66 ? 396 HOH B O   1 
HETATM 1685 O O   . HOH F 5 .   ? 3.576   -15.727 -14.437 1.00 17.05 ? 397 HOH B O   1 
HETATM 1686 O O   . HOH F 5 .   ? -11.450 -12.868 -11.994 1.00 23.16 ? 398 HOH B O   1 
HETATM 1687 O O   . HOH F 5 .   ? 13.779  -4.985  -4.472  1.00 20.60 ? 399 HOH B O   1 
HETATM 1688 O O   . HOH F 5 .   ? -0.094  5.469   -15.532 1.00 17.61 ? 400 HOH B O   1 
HETATM 1689 O O   . HOH F 5 .   ? 14.905  -13.856 -11.927 1.00 24.99 ? 401 HOH B O   1 
HETATM 1690 O O   . HOH F 5 .   ? -5.534  -9.572  18.589  1.00 21.18 ? 402 HOH B O   1 
HETATM 1691 O O   . HOH F 5 .   ? -14.938 0.673   5.835   1.00 15.20 ? 403 HOH B O   1 
HETATM 1692 O O   . HOH F 5 .   ? 0.388   19.095  -2.282  1.00 20.55 ? 404 HOH B O   1 
HETATM 1693 O O   . HOH F 5 .   ? 11.230  2.770   -15.479 1.00 14.57 ? 405 HOH B O   1 
HETATM 1694 O O   . HOH F 5 .   ? 13.734  -9.473  -13.642 1.00 23.36 ? 406 HOH B O   1 
HETATM 1695 O O   . HOH F 5 .   ? -0.933  2.453   19.870  1.00 24.73 ? 407 HOH B O   1 
HETATM 1696 O O   . HOH F 5 .   ? -3.142  19.397  5.700   1.00 20.24 ? 408 HOH B O   1 
HETATM 1697 O O   . HOH F 5 .   ? 14.496  -2.485  -4.894  1.00 21.13 ? 409 HOH B O   1 
HETATM 1698 O O   . HOH F 5 .   ? 18.837  -7.493  -1.869  1.00 26.44 ? 410 HOH B O   1 
HETATM 1699 O O   . HOH F 5 .   ? -1.350  17.538  8.035   1.00 28.39 ? 411 HOH B O   1 
HETATM 1700 O O   . HOH F 5 .   ? 3.718   -24.040 -8.105  1.00 19.94 ? 412 HOH B O   1 
HETATM 1701 O O   . HOH F 5 .   ? 7.938   -1.551  15.150  1.00 28.88 ? 413 HOH B O   1 
HETATM 1702 O O   . HOH F 5 .   ? -2.227  -5.136  17.158  1.00 24.63 ? 414 HOH B O   1 
HETATM 1703 O O   . HOH F 5 .   ? 18.712  -5.305  1.502   1.00 23.34 ? 415 HOH B O   1 
HETATM 1704 O O   . HOH F 5 .   ? 7.818   -12.254 6.633   1.00 32.63 ? 416 HOH B O   1 
HETATM 1705 O O   . HOH F 5 .   ? -2.445  -2.973  -10.865 1.00 29.79 ? 417 HOH B O   1 
HETATM 1706 O O   . HOH F 5 .   ? 2.350   -8.880  13.604  1.00 23.53 ? 418 HOH B O   1 
HETATM 1707 O O   . HOH F 5 .   ? 1.096   20.436  6.763   1.00 39.81 ? 419 HOH B O   1 
HETATM 1708 O O   . HOH F 5 .   ? -0.133  -0.267  -13.328 1.00 15.50 ? 420 HOH B O   1 
HETATM 1709 O O   . HOH F 5 .   ? 9.668   -20.679 -3.940  1.00 36.38 ? 421 HOH B O   1 
HETATM 1710 O O   . HOH F 5 .   ? 11.646  -0.872  -18.019 1.00 19.15 ? 422 HOH B O   1 
HETATM 1711 O O   . HOH F 5 .   ? 2.462   12.607  -10.640 1.00 24.64 ? 423 HOH B O   1 
HETATM 1712 O O   . HOH F 5 .   ? 1.592   -14.794 -8.378  1.00 19.37 ? 424 HOH B O   1 
HETATM 1713 O O   . HOH F 5 .   ? -7.581  -12.551 -20.104 1.00 38.32 ? 425 HOH B O   1 
HETATM 1714 O O   . HOH F 5 .   ? 6.211   10.117  -12.233 1.00 44.33 ? 426 HOH B O   1 
HETATM 1715 O O   . HOH F 5 .   ? 14.858  1.127   5.682   1.00 33.09 ? 427 HOH B O   1 
HETATM 1716 O O   . HOH F 5 .   ? 12.564  5.359   -15.339 1.00 30.47 ? 428 HOH B O   1 
HETATM 1717 O O   . HOH F 5 .   ? 0.660   14.350  -11.172 1.00 39.85 ? 429 HOH B O   1 
HETATM 1718 O O   . HOH F 5 .   ? -6.232  -19.231 4.770   1.00 30.84 ? 430 HOH B O   1 
HETATM 1719 O O   . HOH F 5 .   ? 5.794   14.688  7.447   1.00 24.27 ? 431 HOH B O   1 
HETATM 1720 O O   . HOH F 5 .   ? -12.834 -10.619 1.445   1.00 32.11 ? 432 HOH B O   1 
HETATM 1721 O O   . HOH F 5 .   ? 7.341   -15.445 -17.266 0.50 20.89 ? 433 HOH B O   1 
HETATM 1722 O O   . HOH F 5 .   ? -7.501  -0.748  23.068  1.00 22.59 ? 434 HOH B O   1 
HETATM 1723 O O   . HOH F 5 .   ? 2.640   10.912  -12.685 1.00 26.87 ? 435 HOH B O   1 
HETATM 1724 O O   . HOH F 5 .   ? -16.388 2.856   4.863   1.00 31.77 ? 436 HOH B O   1 
HETATM 1725 O O   . HOH F 5 .   ? 19.194  -7.517  5.692   1.00 24.76 ? 437 HOH B O   1 
HETATM 1726 O O   . HOH F 5 .   ? 13.683  -3.082  -14.389 1.00 25.12 ? 438 HOH B O   1 
HETATM 1727 O O   . HOH F 5 .   ? 15.303  3.436   1.812   1.00 34.50 ? 439 HOH B O   1 
HETATM 1728 O O   . HOH F 5 .   ? 11.954  -22.149 -4.331  1.00 33.24 ? 440 HOH B O   1 
HETATM 1729 O O   . HOH F 5 .   ? -8.655  12.240  11.366  1.00 25.83 ? 441 HOH B O   1 
HETATM 1730 O O   . HOH F 5 .   ? -6.977  -19.880 -3.368  1.00 30.74 ? 442 HOH B O   1 
HETATM 1731 O O   . HOH F 5 .   ? -16.338 6.558   1.461   1.00 20.93 ? 443 HOH B O   1 
HETATM 1732 O O   . HOH F 5 .   ? -19.142 0.543   6.024   1.00 24.35 ? 444 HOH B O   1 
HETATM 1733 O O   . HOH F 5 .   ? -13.182 9.775   12.802  1.00 31.29 ? 445 HOH B O   1 
HETATM 1734 O O   . HOH F 5 .   ? -4.421  -3.299  -12.789 1.00 27.61 ? 446 HOH B O   1 
# 
